data_7H3U
# 
_entry.id   7H3U 
# 
_audit_conform.dict_name       mmcif_pdbx.dic 
_audit_conform.dict_version    5.397 
_audit_conform.dict_location   http://mmcif.pdb.org/dictionaries/ascii/mmcif_pdbx.dic 
# 
loop_
_database_2.database_id 
_database_2.database_code 
_database_2.pdbx_database_accession 
_database_2.pdbx_DOI 
PDB   7H3U         pdb_00007h3u 10.2210/pdb7h3u/pdb 
WWPDB D_1001406989 ?            ?                   
# 
loop_
_pdbx_audit_revision_history.ordinal 
_pdbx_audit_revision_history.data_content_type 
_pdbx_audit_revision_history.major_revision 
_pdbx_audit_revision_history.minor_revision 
_pdbx_audit_revision_history.revision_date 
1 'Structure model' 1 0 2024-04-24 
2 'Structure model' 1 1 2024-10-16 
# 
_pdbx_audit_revision_details.ordinal             1 
_pdbx_audit_revision_details.revision_ordinal    1 
_pdbx_audit_revision_details.data_content_type   'Structure model' 
_pdbx_audit_revision_details.provider            repository 
_pdbx_audit_revision_details.type                'Initial release' 
_pdbx_audit_revision_details.description         ? 
_pdbx_audit_revision_details.details             ? 
# 
loop_
_pdbx_audit_revision_group.ordinal 
_pdbx_audit_revision_group.revision_ordinal 
_pdbx_audit_revision_group.data_content_type 
_pdbx_audit_revision_group.group 
1 2 'Structure model' 'Database references' 
2 2 'Structure model' 'Structure summary'   
# 
loop_
_pdbx_audit_revision_category.ordinal 
_pdbx_audit_revision_category.revision_ordinal 
_pdbx_audit_revision_category.data_content_type 
_pdbx_audit_revision_category.category 
1 2 'Structure model' citation           
2 2 'Structure model' citation_author    
3 2 'Structure model' pdbx_entry_details 
# 
loop_
_pdbx_audit_revision_item.ordinal 
_pdbx_audit_revision_item.revision_ordinal 
_pdbx_audit_revision_item.data_content_type 
_pdbx_audit_revision_item.item 
1 2 'Structure model' '_citation.country'                 
2 2 'Structure model' '_citation.journal_abbrev'          
3 2 'Structure model' '_citation.journal_id_CSD'          
4 2 'Structure model' '_citation.journal_id_ISSN'         
5 2 'Structure model' '_citation.pdbx_database_id_DOI'    
6 2 'Structure model' '_citation.pdbx_database_id_PubMed' 
7 2 'Structure model' '_citation.title'                   
8 2 'Structure model' '_citation.year'                    
# 
_pdbx_database_status.entry_id                        7H3U 
_pdbx_database_status.status_code                     REL 
_pdbx_database_status.status_code_sf                  REL 
_pdbx_database_status.status_code_mr                  ? 
_pdbx_database_status.status_code_cs                  ? 
_pdbx_database_status.recvd_initial_deposition_date   2024-04-04 
_pdbx_database_status.status_code_nmr_data            ? 
_pdbx_database_status.deposit_site                    RCSB 
_pdbx_database_status.process_site                    RCSB 
_pdbx_database_status.SG_entry                        ? 
_pdbx_database_status.pdb_format_compatible           Y 
_pdbx_database_status.methods_development_category    ? 
# 
_pdbx_contact_author.id                 1 
_pdbx_contact_author.email              frank.von-delft@diamond.ac.uk 
_pdbx_contact_author.name_first         Frank 
_pdbx_contact_author.name_last          'von Delft' 
_pdbx_contact_author.role               'principal investigator/group leader' 
_pdbx_contact_author.identifier_ORCID   0000-0003-0378-0017 
_pdbx_contact_author.name_mi            ? 
# 
loop_
_audit_author.name 
_audit_author.pdbx_ordinal 
'Lithgo, R.M.'        1  
'Fairhead, M.'        2  
'Koekemoer, L.'       3  
'Balcomb, B.H.'       4  
'Capkin, E.'          5  
'Chandran, A.V.'      6  
'Golding, M.'         7  
'Godoy, A.S.'         8  
'Aschenbrenner, J.C.' 9  
'Marples, P.G.'       10 
'Ni, X.'              11 
'Thompson, W.'        12 
'Tomlinson, C.W.E.'   13 
'Wild, C.'            14 
'Winokan, M.'         15 
'Xavier, M.-A.E.'     16 
'Fearon, D.'          17 
'von Delft, F.'       18 
# 
_citation.id                        primary 
_citation.title                     
;Crystallographic Fragment Screen of Coxsackievirus A16 2A Protease identifies new opportunities for the development of broad-spectrum anti-enterovirals.
;
_citation.journal_abbrev            Biorxiv 
_citation.journal_volume            ? 
_citation.page_first                ? 
_citation.page_last                 ? 
_citation.year                      2024 
_citation.journal_id_ASTM           ? 
_citation.country                   US 
_citation.journal_id_ISSN           2692-8205 
_citation.journal_id_CSD            ? 
_citation.book_publisher            ? 
_citation.pdbx_database_id_PubMed   38746446 
_citation.pdbx_database_id_DOI      10.1101/2024.04.29.591684 
# 
loop_
_citation_author.citation_id 
_citation_author.name 
_citation_author.identifier_ORCID 
_citation_author.ordinal 
primary 'Lithgo, R.M.'        0000-0002-4706-9916 1  
primary 'Tomlinson, C.W.E.'   0000-0002-1845-6028 2  
primary 'Fairhead, M.'        0000-0001-5361-3933 3  
primary 'Winokan, M.'         ?                   4  
primary 'Thompson, W.'        0000-0003-1474-7810 5  
primary 'Wild, C.'            0000-0003-0654-8141 6  
primary 'Aschenbrenner, J.C.' 0000-0002-4318-0481 7  
primary 'Balcomb, B.H.'       0000-0001-7599-8467 8  
primary 'Marples, P.G.'       0000-0002-8787-7969 9  
primary 'Chandran, A.V.'      0000-0001-9942-2614 10 
primary 'Golding, M.'         0009-0004-7472-8333 11 
primary 'Koekemoer, L.'       0000-0001-9226-9127 12 
primary 'Williams, E.P.'      0000-0002-1331-9518 13 
primary 'Wang, S.'            ?                   14 
primary 'Ni, X.'              0000-0002-7769-8297 15 
primary 'MacLean, E.'         0000-0003-1680-4292 16 
primary 'Giroud, C.'          0000-0002-1629-1581 17 
primary 'Godoy, A.S.'         0000-0002-0613-9164 18 
primary 'Xavier, M.A.'        0000-0002-1709-9479 19 
primary 'Walsh, M.'           0000-0001-5683-1151 20 
primary 'Fearon, D.'          0000-0003-3529-7863 21 
primary 'von Delft, F.'       0000-0003-0378-0017 22 
# 
loop_
_entity.id 
_entity.type 
_entity.src_method 
_entity.pdbx_description 
_entity.formula_weight 
_entity.pdbx_number_of_molecules 
_entity.pdbx_ec 
_entity.pdbx_mutation 
_entity.pdbx_fragment 
_entity.details 
1 polymer     man 'Protease 2A'              16493.311 1   3.4.22.29 ? ? ? 
2 non-polymer man 1H-indazole-3-carbonitrile 143.145   1   ?         ? ? ? 
3 non-polymer syn 'ZINC ION'                 65.409    1   ?         ? ? ? 
4 non-polymer syn 'DIMETHYL SULFOXIDE'       78.133    3   ?         ? ? ? 
5 non-polymer syn 'SULFATE ION'              96.063    1   ?         ? ? ? 
6 water       nat water                      18.015    107 ?         ? ? ? 
# 
_entity_name_com.entity_id   1 
_entity_name_com.name        'P2A,Picornain 2A,Protein 2A' 
# 
_entity_poly.entity_id                      1 
_entity_poly.type                           'polypeptide(L)' 
_entity_poly.nstd_linkage                   no 
_entity_poly.nstd_monomer                   no 
_entity_poly.pdbx_seq_one_letter_code       
;QEQTGGSGAIYVGNYRVVNRHLATHNDWANLVWEDSSRDLLVSSTTAQGCDTIARCDCQTGVYYCSSRRKHYPVSFSKPS
LIFVEASEYYPARYQSHLMLAVGHSEPGDCGGILRCQHGVVGIVSTGGNGLVGFADVRDLLWLDEEAMEQ
;
_entity_poly.pdbx_seq_one_letter_code_can   
;QEQTGGSGAIYVGNYRVVNRHLATHNDWANLVWEDSSRDLLVSSTTAQGCDTIARCDCQTGVYYCSSRRKHYPVSFSKPS
LIFVEASEYYPARYQSHLMLAVGHSEPGDCGGILRCQHGVVGIVSTGGNGLVGFADVRDLLWLDEEAMEQ
;
_entity_poly.pdbx_strand_id                 A 
_entity_poly.pdbx_target_identifier         ? 
# 
loop_
_pdbx_entity_nonpoly.entity_id 
_pdbx_entity_nonpoly.name 
_pdbx_entity_nonpoly.comp_id 
2 1H-indazole-3-carbonitrile K4R 
3 'ZINC ION'                 ZN  
4 'DIMETHYL SULFOXIDE'       DMS 
5 'SULFATE ION'              SO4 
6 water                      HOH 
# 
loop_
_entity_poly_seq.entity_id 
_entity_poly_seq.num 
_entity_poly_seq.mon_id 
_entity_poly_seq.hetero 
1 1   GLN n 
1 2   GLU n 
1 3   GLN n 
1 4   THR n 
1 5   GLY n 
1 6   GLY n 
1 7   SER n 
1 8   GLY n 
1 9   ALA n 
1 10  ILE n 
1 11  TYR n 
1 12  VAL n 
1 13  GLY n 
1 14  ASN n 
1 15  TYR n 
1 16  ARG n 
1 17  VAL n 
1 18  VAL n 
1 19  ASN n 
1 20  ARG n 
1 21  HIS n 
1 22  LEU n 
1 23  ALA n 
1 24  THR n 
1 25  HIS n 
1 26  ASN n 
1 27  ASP n 
1 28  TRP n 
1 29  ALA n 
1 30  ASN n 
1 31  LEU n 
1 32  VAL n 
1 33  TRP n 
1 34  GLU n 
1 35  ASP n 
1 36  SER n 
1 37  SER n 
1 38  ARG n 
1 39  ASP n 
1 40  LEU n 
1 41  LEU n 
1 42  VAL n 
1 43  SER n 
1 44  SER n 
1 45  THR n 
1 46  THR n 
1 47  ALA n 
1 48  GLN n 
1 49  GLY n 
1 50  CYS n 
1 51  ASP n 
1 52  THR n 
1 53  ILE n 
1 54  ALA n 
1 55  ARG n 
1 56  CYS n 
1 57  ASP n 
1 58  CYS n 
1 59  GLN n 
1 60  THR n 
1 61  GLY n 
1 62  VAL n 
1 63  TYR n 
1 64  TYR n 
1 65  CYS n 
1 66  SER n 
1 67  SER n 
1 68  ARG n 
1 69  ARG n 
1 70  LYS n 
1 71  HIS n 
1 72  TYR n 
1 73  PRO n 
1 74  VAL n 
1 75  SER n 
1 76  PHE n 
1 77  SER n 
1 78  LYS n 
1 79  PRO n 
1 80  SER n 
1 81  LEU n 
1 82  ILE n 
1 83  PHE n 
1 84  VAL n 
1 85  GLU n 
1 86  ALA n 
1 87  SER n 
1 88  GLU n 
1 89  TYR n 
1 90  TYR n 
1 91  PRO n 
1 92  ALA n 
1 93  ARG n 
1 94  TYR n 
1 95  GLN n 
1 96  SER n 
1 97  HIS n 
1 98  LEU n 
1 99  MET n 
1 100 LEU n 
1 101 ALA n 
1 102 VAL n 
1 103 GLY n 
1 104 HIS n 
1 105 SER n 
1 106 GLU n 
1 107 PRO n 
1 108 GLY n 
1 109 ASP n 
1 110 CYS n 
1 111 GLY n 
1 112 GLY n 
1 113 ILE n 
1 114 LEU n 
1 115 ARG n 
1 116 CYS n 
1 117 GLN n 
1 118 HIS n 
1 119 GLY n 
1 120 VAL n 
1 121 VAL n 
1 122 GLY n 
1 123 ILE n 
1 124 VAL n 
1 125 SER n 
1 126 THR n 
1 127 GLY n 
1 128 GLY n 
1 129 ASN n 
1 130 GLY n 
1 131 LEU n 
1 132 VAL n 
1 133 GLY n 
1 134 PHE n 
1 135 ALA n 
1 136 ASP n 
1 137 VAL n 
1 138 ARG n 
1 139 ASP n 
1 140 LEU n 
1 141 LEU n 
1 142 TRP n 
1 143 LEU n 
1 144 ASP n 
1 145 GLU n 
1 146 GLU n 
1 147 ALA n 
1 148 MET n 
1 149 GLU n 
1 150 GLN n 
# 
loop_
_entity_src_gen.entity_id 
_entity_src_gen.pdbx_src_id 
_entity_src_gen.pdbx_alt_source_flag 
_entity_src_gen.pdbx_seq_type 
_entity_src_gen.pdbx_beg_seq_num 
_entity_src_gen.pdbx_end_seq_num 
_entity_src_gen.gene_src_common_name 
_entity_src_gen.gene_src_genus 
_entity_src_gen.pdbx_gene_src_gene 
_entity_src_gen.gene_src_species 
_entity_src_gen.gene_src_strain 
_entity_src_gen.gene_src_tissue 
_entity_src_gen.gene_src_tissue_fraction 
_entity_src_gen.gene_src_details 
_entity_src_gen.pdbx_gene_src_fragment 
_entity_src_gen.pdbx_gene_src_scientific_name 
_entity_src_gen.pdbx_gene_src_ncbi_taxonomy_id 
_entity_src_gen.pdbx_gene_src_variant 
_entity_src_gen.pdbx_gene_src_cell_line 
_entity_src_gen.pdbx_gene_src_atcc 
_entity_src_gen.pdbx_gene_src_organ 
_entity_src_gen.pdbx_gene_src_organelle 
_entity_src_gen.pdbx_gene_src_cell 
_entity_src_gen.pdbx_gene_src_cellular_location 
_entity_src_gen.host_org_common_name 
_entity_src_gen.pdbx_host_org_scientific_name 
_entity_src_gen.pdbx_host_org_ncbi_taxonomy_id 
_entity_src_gen.host_org_genus 
_entity_src_gen.pdbx_host_org_gene 
_entity_src_gen.pdbx_host_org_organ 
_entity_src_gen.host_org_species 
_entity_src_gen.pdbx_host_org_tissue 
_entity_src_gen.pdbx_host_org_tissue_fraction 
_entity_src_gen.pdbx_host_org_strain 
_entity_src_gen.pdbx_host_org_variant 
_entity_src_gen.pdbx_host_org_cell_line 
_entity_src_gen.pdbx_host_org_atcc 
_entity_src_gen.pdbx_host_org_culture_collection 
_entity_src_gen.pdbx_host_org_cell 
_entity_src_gen.pdbx_host_org_organelle 
_entity_src_gen.pdbx_host_org_cellular_location 
_entity_src_gen.pdbx_host_org_vector_type 
_entity_src_gen.pdbx_host_org_vector 
_entity_src_gen.host_org_details 
_entity_src_gen.expression_system_id 
_entity_src_gen.plasmid_name 
_entity_src_gen.plasmid_details 
_entity_src_gen.pdbx_description 
1 1 sample 'Biological sequence' 1 150 ? ? ? ? ? ? ? ? ? 'Coxsackievirus A16' 31704 ? ? ? ? ? ? ? ? 'Escherichia coli' 562 ? ? ? ? 
? ? ? ? ? ? ? ? ? ? ? ? ? ? ? ? ? 
2 1 sample ?                     ? ?   ? ? ? ? ? ? ? ? ? 'Coxsackievirus A16' 31704 ? ? ? ? ? ? ? ? 'Escherichia coli' 562 ? ? ? ? 
? ? ? ? ? ? ? ? ? ? ? ? ? ? ? ? ? 
# 
loop_
_chem_comp.id 
_chem_comp.type 
_chem_comp.mon_nstd_flag 
_chem_comp.name 
_chem_comp.pdbx_synonyms 
_chem_comp.formula 
_chem_comp.formula_weight 
ALA 'L-peptide linking' y ALANINE                    ? 'C3 H7 N O2'     89.093  
ARG 'L-peptide linking' y ARGININE                   ? 'C6 H15 N4 O2 1' 175.209 
ASN 'L-peptide linking' y ASPARAGINE                 ? 'C4 H8 N2 O3'    132.118 
ASP 'L-peptide linking' y 'ASPARTIC ACID'            ? 'C4 H7 N O4'     133.103 
CYS 'L-peptide linking' y CYSTEINE                   ? 'C3 H7 N O2 S'   121.158 
DMS non-polymer         . 'DIMETHYL SULFOXIDE'       ? 'C2 H6 O S'      78.133  
GLN 'L-peptide linking' y GLUTAMINE                  ? 'C5 H10 N2 O3'   146.144 
GLU 'L-peptide linking' y 'GLUTAMIC ACID'            ? 'C5 H9 N O4'     147.129 
GLY 'peptide linking'   y GLYCINE                    ? 'C2 H5 N O2'     75.067  
HIS 'L-peptide linking' y HISTIDINE                  ? 'C6 H10 N3 O2 1' 156.162 
HOH non-polymer         . WATER                      ? 'H2 O'           18.015  
ILE 'L-peptide linking' y ISOLEUCINE                 ? 'C6 H13 N O2'    131.173 
K4R non-polymer         . 1H-indazole-3-carbonitrile ? 'C8 H5 N3'       143.145 
LEU 'L-peptide linking' y LEUCINE                    ? 'C6 H13 N O2'    131.173 
LYS 'L-peptide linking' y LYSINE                     ? 'C6 H15 N2 O2 1' 147.195 
MET 'L-peptide linking' y METHIONINE                 ? 'C5 H11 N O2 S'  149.211 
PHE 'L-peptide linking' y PHENYLALANINE              ? 'C9 H11 N O2'    165.189 
PRO 'L-peptide linking' y PROLINE                    ? 'C5 H9 N O2'     115.130 
SER 'L-peptide linking' y SERINE                     ? 'C3 H7 N O3'     105.093 
SO4 non-polymer         . 'SULFATE ION'              ? 'O4 S -2'        96.063  
THR 'L-peptide linking' y THREONINE                  ? 'C4 H9 N O3'     119.119 
TRP 'L-peptide linking' y TRYPTOPHAN                 ? 'C11 H12 N2 O2'  204.225 
TYR 'L-peptide linking' y TYROSINE                   ? 'C9 H11 N O3'    181.189 
VAL 'L-peptide linking' y VALINE                     ? 'C5 H11 N O2'    117.146 
ZN  non-polymer         . 'ZINC ION'                 ? 'Zn 2'           65.409  
# 
loop_
_pdbx_poly_seq_scheme.asym_id 
_pdbx_poly_seq_scheme.entity_id 
_pdbx_poly_seq_scheme.seq_id 
_pdbx_poly_seq_scheme.mon_id 
_pdbx_poly_seq_scheme.ndb_seq_num 
_pdbx_poly_seq_scheme.pdb_seq_num 
_pdbx_poly_seq_scheme.auth_seq_num 
_pdbx_poly_seq_scheme.pdb_mon_id 
_pdbx_poly_seq_scheme.auth_mon_id 
_pdbx_poly_seq_scheme.pdb_strand_id 
_pdbx_poly_seq_scheme.pdb_ins_code 
_pdbx_poly_seq_scheme.hetero 
A 1 1   GLN 1   1   ?   ?   ?   A . n 
A 1 2   GLU 2   2   ?   ?   ?   A . n 
A 1 3   GLN 3   3   ?   ?   ?   A . n 
A 1 4   THR 4   4   ?   ?   ?   A . n 
A 1 5   GLY 5   5   ?   ?   ?   A . n 
A 1 6   GLY 6   6   ?   ?   ?   A . n 
A 1 7   SER 7   7   7   SER SER A . n 
A 1 8   GLY 8   8   8   GLY GLY A . n 
A 1 9   ALA 9   9   9   ALA ALA A . n 
A 1 10  ILE 10  10  10  ILE ILE A . n 
A 1 11  TYR 11  11  11  TYR TYR A . n 
A 1 12  VAL 12  12  12  VAL VAL A . n 
A 1 13  GLY 13  13  13  GLY GLY A . n 
A 1 14  ASN 14  14  14  ASN ASN A . n 
A 1 15  TYR 15  15  15  TYR TYR A . n 
A 1 16  ARG 16  16  16  ARG ARG A . n 
A 1 17  VAL 17  17  17  VAL VAL A . n 
A 1 18  VAL 18  18  18  VAL VAL A . n 
A 1 19  ASN 19  19  19  ASN ASN A . n 
A 1 20  ARG 20  20  20  ARG ARG A . n 
A 1 21  HIS 21  21  21  HIS HIS A . n 
A 1 22  LEU 22  22  22  LEU LEU A . n 
A 1 23  ALA 23  23  23  ALA ALA A . n 
A 1 24  THR 24  24  24  THR THR A . n 
A 1 25  HIS 25  25  25  HIS HIS A . n 
A 1 26  ASN 26  26  26  ASN ASN A . n 
A 1 27  ASP 27  27  27  ASP ASP A . n 
A 1 28  TRP 28  28  28  TRP TRP A . n 
A 1 29  ALA 29  29  29  ALA ALA A . n 
A 1 30  ASN 30  30  30  ASN ASN A . n 
A 1 31  LEU 31  31  31  LEU LEU A . n 
A 1 32  VAL 32  32  32  VAL VAL A . n 
A 1 33  TRP 33  33  33  TRP TRP A . n 
A 1 34  GLU 34  34  34  GLU GLU A . n 
A 1 35  ASP 35  35  35  ASP ASP A . n 
A 1 36  SER 36  36  36  SER SER A . n 
A 1 37  SER 37  37  37  SER SER A . n 
A 1 38  ARG 38  38  38  ARG ARG A . n 
A 1 39  ASP 39  39  39  ASP ASP A . n 
A 1 40  LEU 40  40  40  LEU LEU A . n 
A 1 41  LEU 41  41  41  LEU LEU A . n 
A 1 42  VAL 42  42  42  VAL VAL A . n 
A 1 43  SER 43  43  43  SER SER A . n 
A 1 44  SER 44  44  44  SER SER A . n 
A 1 45  THR 45  45  45  THR THR A . n 
A 1 46  THR 46  46  46  THR THR A . n 
A 1 47  ALA 47  47  47  ALA ALA A . n 
A 1 48  GLN 48  48  48  GLN GLN A . n 
A 1 49  GLY 49  49  49  GLY GLY A . n 
A 1 50  CYS 50  50  50  CYS CYS A . n 
A 1 51  ASP 51  51  51  ASP ASP A . n 
A 1 52  THR 52  52  52  THR THR A . n 
A 1 53  ILE 53  53  53  ILE ILE A . n 
A 1 54  ALA 54  54  54  ALA ALA A . n 
A 1 55  ARG 55  55  55  ARG ARG A . n 
A 1 56  CYS 56  56  56  CYS CYS A . n 
A 1 57  ASP 57  57  57  ASP ASP A . n 
A 1 58  CYS 58  58  58  CYS CYS A . n 
A 1 59  GLN 59  59  59  GLN GLN A . n 
A 1 60  THR 60  60  60  THR THR A . n 
A 1 61  GLY 61  61  61  GLY GLY A . n 
A 1 62  VAL 62  62  62  VAL VAL A . n 
A 1 63  TYR 63  63  63  TYR TYR A . n 
A 1 64  TYR 64  64  64  TYR TYR A . n 
A 1 65  CYS 65  65  65  CYS CYS A . n 
A 1 66  SER 66  66  66  SER SER A . n 
A 1 67  SER 67  67  67  SER SER A . n 
A 1 68  ARG 68  68  68  ARG ARG A . n 
A 1 69  ARG 69  69  69  ARG ARG A . n 
A 1 70  LYS 70  70  70  LYS LYS A . n 
A 1 71  HIS 71  71  71  HIS HIS A . n 
A 1 72  TYR 72  72  72  TYR TYR A . n 
A 1 73  PRO 73  73  73  PRO PRO A . n 
A 1 74  VAL 74  74  74  VAL VAL A . n 
A 1 75  SER 75  75  75  SER SER A . n 
A 1 76  PHE 76  76  76  PHE PHE A . n 
A 1 77  SER 77  77  77  SER SER A . n 
A 1 78  LYS 78  78  78  LYS LYS A . n 
A 1 79  PRO 79  79  79  PRO PRO A . n 
A 1 80  SER 80  80  80  SER SER A . n 
A 1 81  LEU 81  81  81  LEU LEU A . n 
A 1 82  ILE 82  82  82  ILE ILE A . n 
A 1 83  PHE 83  83  83  PHE PHE A . n 
A 1 84  VAL 84  84  84  VAL VAL A . n 
A 1 85  GLU 85  85  85  GLU GLU A . n 
A 1 86  ALA 86  86  86  ALA ALA A . n 
A 1 87  SER 87  87  87  SER SER A . n 
A 1 88  GLU 88  88  88  GLU GLU A . n 
A 1 89  TYR 89  89  89  TYR TYR A . n 
A 1 90  TYR 90  90  90  TYR TYR A . n 
A 1 91  PRO 91  91  91  PRO PRO A . n 
A 1 92  ALA 92  92  92  ALA ALA A . n 
A 1 93  ARG 93  93  93  ARG ARG A . n 
A 1 94  TYR 94  94  94  TYR TYR A . n 
A 1 95  GLN 95  95  95  GLN GLN A . n 
A 1 96  SER 96  96  96  SER SER A . n 
A 1 97  HIS 97  97  97  HIS HIS A . n 
A 1 98  LEU 98  98  98  LEU LEU A . n 
A 1 99  MET 99  99  99  MET MET A . n 
A 1 100 LEU 100 100 100 LEU LEU A . n 
A 1 101 ALA 101 101 101 ALA ALA A . n 
A 1 102 VAL 102 102 102 VAL VAL A . n 
A 1 103 GLY 103 103 103 GLY GLY A . n 
A 1 104 HIS 104 104 104 HIS HIS A . n 
A 1 105 SER 105 105 105 SER SER A . n 
A 1 106 GLU 106 106 106 GLU GLU A . n 
A 1 107 PRO 107 107 107 PRO PRO A . n 
A 1 108 GLY 108 108 108 GLY GLY A . n 
A 1 109 ASP 109 109 109 ASP ASP A . n 
A 1 110 CYS 110 110 110 CYS CYS A . n 
A 1 111 GLY 111 111 111 GLY GLY A . n 
A 1 112 GLY 112 112 112 GLY GLY A . n 
A 1 113 ILE 113 113 113 ILE ILE A . n 
A 1 114 LEU 114 114 114 LEU LEU A . n 
A 1 115 ARG 115 115 115 ARG ARG A . n 
A 1 116 CYS 116 116 116 CYS CYS A . n 
A 1 117 GLN 117 117 117 GLN GLN A . n 
A 1 118 HIS 118 118 118 HIS HIS A . n 
A 1 119 GLY 119 119 119 GLY GLY A . n 
A 1 120 VAL 120 120 120 VAL VAL A . n 
A 1 121 VAL 121 121 121 VAL VAL A . n 
A 1 122 GLY 122 122 122 GLY GLY A . n 
A 1 123 ILE 123 123 123 ILE ILE A . n 
A 1 124 VAL 124 124 124 VAL VAL A . n 
A 1 125 SER 125 125 125 SER SER A . n 
A 1 126 THR 126 126 126 THR THR A . n 
A 1 127 GLY 127 127 127 GLY GLY A . n 
A 1 128 GLY 128 128 128 GLY GLY A . n 
A 1 129 ASN 129 129 129 ASN ASN A . n 
A 1 130 GLY 130 130 130 GLY GLY A . n 
A 1 131 LEU 131 131 131 LEU LEU A . n 
A 1 132 VAL 132 132 132 VAL VAL A . n 
A 1 133 GLY 133 133 133 GLY GLY A . n 
A 1 134 PHE 134 134 134 PHE PHE A . n 
A 1 135 ALA 135 135 135 ALA ALA A . n 
A 1 136 ASP 136 136 136 ASP ASP A . n 
A 1 137 VAL 137 137 137 VAL VAL A . n 
A 1 138 ARG 138 138 138 ARG ARG A . n 
A 1 139 ASP 139 139 139 ASP ASP A . n 
A 1 140 LEU 140 140 140 LEU LEU A . n 
A 1 141 LEU 141 141 141 LEU LEU A . n 
A 1 142 TRP 142 142 142 TRP TRP A . n 
A 1 143 LEU 143 143 143 LEU LEU A . n 
A 1 144 ASP 144 144 144 ASP ASP A . n 
A 1 145 GLU 145 145 145 GLU GLU A . n 
A 1 146 GLU 146 146 146 GLU GLU A . n 
A 1 147 ALA 147 147 ?   ?   ?   A . n 
A 1 148 MET 148 148 ?   ?   ?   A . n 
A 1 149 GLU 149 149 ?   ?   ?   A . n 
A 1 150 GLN 150 150 ?   ?   ?   A . n 
# 
loop_
_pdbx_nonpoly_scheme.asym_id 
_pdbx_nonpoly_scheme.entity_id 
_pdbx_nonpoly_scheme.mon_id 
_pdbx_nonpoly_scheme.ndb_seq_num 
_pdbx_nonpoly_scheme.pdb_seq_num 
_pdbx_nonpoly_scheme.auth_seq_num 
_pdbx_nonpoly_scheme.pdb_mon_id 
_pdbx_nonpoly_scheme.auth_mon_id 
_pdbx_nonpoly_scheme.pdb_strand_id 
_pdbx_nonpoly_scheme.pdb_ins_code 
B 2 K4R 1   201 147 K4R LIG A . 
C 3 ZN  1   202 1   ZN  ZN  A . 
D 4 DMS 1   203 0   DMS DMS A . 
E 4 DMS 1   204 3   DMS DMS A . 
F 4 DMS 1   205 4   DMS DMS A . 
G 5 SO4 1   206 1   SO4 SO4 A . 
H 6 HOH 1   301 60  HOH HOH A . 
H 6 HOH 2   302 15  HOH HOH A . 
H 6 HOH 3   303 102 HOH HOH A . 
H 6 HOH 4   304 20  HOH HOH A . 
H 6 HOH 5   305 5   HOH HOH A . 
H 6 HOH 6   306 55  HOH HOH A . 
H 6 HOH 7   307 45  HOH HOH A . 
H 6 HOH 8   308 7   HOH HOH A . 
H 6 HOH 9   309 99  HOH HOH A . 
H 6 HOH 10  310 93  HOH HOH A . 
H 6 HOH 11  311 77  HOH HOH A . 
H 6 HOH 12  312 85  HOH HOH A . 
H 6 HOH 13  313 78  HOH HOH A . 
H 6 HOH 14  314 56  HOH HOH A . 
H 6 HOH 15  315 1   HOH HOH A . 
H 6 HOH 16  316 80  HOH HOH A . 
H 6 HOH 17  317 33  HOH HOH A . 
H 6 HOH 18  318 89  HOH HOH A . 
H 6 HOH 19  319 81  HOH HOH A . 
H 6 HOH 20  320 29  HOH HOH A . 
H 6 HOH 21  321 4   HOH HOH A . 
H 6 HOH 22  322 88  HOH HOH A . 
H 6 HOH 23  323 65  HOH HOH A . 
H 6 HOH 24  324 73  HOH HOH A . 
H 6 HOH 25  325 34  HOH HOH A . 
H 6 HOH 26  326 100 HOH HOH A . 
H 6 HOH 27  327 32  HOH HOH A . 
H 6 HOH 28  328 51  HOH HOH A . 
H 6 HOH 29  329 24  HOH HOH A . 
H 6 HOH 30  330 91  HOH HOH A . 
H 6 HOH 31  331 76  HOH HOH A . 
H 6 HOH 32  332 31  HOH HOH A . 
H 6 HOH 33  333 97  HOH HOH A . 
H 6 HOH 34  334 70  HOH HOH A . 
H 6 HOH 35  335 108 HOH HOH A . 
H 6 HOH 36  336 30  HOH HOH A . 
H 6 HOH 37  337 41  HOH HOH A . 
H 6 HOH 38  338 11  HOH HOH A . 
H 6 HOH 39  339 19  HOH HOH A . 
H 6 HOH 40  340 25  HOH HOH A . 
H 6 HOH 41  341 9   HOH HOH A . 
H 6 HOH 42  342 16  HOH HOH A . 
H 6 HOH 43  343 72  HOH HOH A . 
H 6 HOH 44  344 8   HOH HOH A . 
H 6 HOH 45  345 18  HOH HOH A . 
H 6 HOH 46  346 63  HOH HOH A . 
H 6 HOH 47  347 6   HOH HOH A . 
H 6 HOH 48  348 67  HOH HOH A . 
H 6 HOH 49  349 69  HOH HOH A . 
H 6 HOH 50  350 103 HOH HOH A . 
H 6 HOH 51  351 28  HOH HOH A . 
H 6 HOH 52  352 71  HOH HOH A . 
H 6 HOH 53  353 83  HOH HOH A . 
H 6 HOH 54  354 62  HOH HOH A . 
H 6 HOH 55  355 40  HOH HOH A . 
H 6 HOH 56  356 46  HOH HOH A . 
H 6 HOH 57  357 86  HOH HOH A . 
H 6 HOH 58  358 2   HOH HOH A . 
H 6 HOH 59  359 27  HOH HOH A . 
H 6 HOH 60  360 106 HOH HOH A . 
H 6 HOH 61  361 35  HOH HOH A . 
H 6 HOH 62  362 95  HOH HOH A . 
H 6 HOH 63  363 107 HOH HOH A . 
H 6 HOH 64  364 12  HOH HOH A . 
H 6 HOH 65  365 17  HOH HOH A . 
H 6 HOH 66  366 36  HOH HOH A . 
H 6 HOH 67  367 10  HOH HOH A . 
H 6 HOH 68  368 90  HOH HOH A . 
H 6 HOH 69  369 94  HOH HOH A . 
H 6 HOH 70  370 49  HOH HOH A . 
H 6 HOH 71  371 96  HOH HOH A . 
H 6 HOH 72  372 92  HOH HOH A . 
H 6 HOH 73  373 59  HOH HOH A . 
H 6 HOH 74  374 14  HOH HOH A . 
H 6 HOH 75  375 3   HOH HOH A . 
H 6 HOH 76  376 22  HOH HOH A . 
H 6 HOH 77  377 26  HOH HOH A . 
H 6 HOH 78  378 68  HOH HOH A . 
H 6 HOH 79  379 104 HOH HOH A . 
H 6 HOH 80  380 98  HOH HOH A . 
H 6 HOH 81  381 42  HOH HOH A . 
H 6 HOH 82  382 74  HOH HOH A . 
H 6 HOH 83  383 101 HOH HOH A . 
H 6 HOH 84  384 21  HOH HOH A . 
H 6 HOH 85  385 52  HOH HOH A . 
H 6 HOH 86  386 39  HOH HOH A . 
H 6 HOH 87  387 57  HOH HOH A . 
H 6 HOH 88  388 54  HOH HOH A . 
H 6 HOH 89  389 23  HOH HOH A . 
H 6 HOH 90  390 87  HOH HOH A . 
H 6 HOH 91  391 38  HOH HOH A . 
H 6 HOH 92  392 50  HOH HOH A . 
H 6 HOH 93  393 79  HOH HOH A . 
H 6 HOH 94  394 53  HOH HOH A . 
H 6 HOH 95  395 66  HOH HOH A . 
H 6 HOH 96  396 110 HOH HOH A . 
H 6 HOH 97  397 64  HOH HOH A . 
H 6 HOH 98  398 43  HOH HOH A . 
H 6 HOH 99  399 13  HOH HOH A . 
H 6 HOH 100 400 105 HOH HOH A . 
H 6 HOH 101 401 47  HOH HOH A . 
H 6 HOH 102 402 82  HOH HOH A . 
H 6 HOH 103 403 75  HOH HOH A . 
H 6 HOH 104 404 84  HOH HOH A . 
H 6 HOH 105 405 61  HOH HOH A . 
H 6 HOH 106 406 109 HOH HOH A . 
H 6 HOH 107 407 58  HOH HOH A . 
# 
loop_
_software.classification 
_software.name 
_software.version 
_software.citation_id 
_software.pdbx_ordinal 
refinement       REFMAC  5.8.0267 ? 1 
refinement       REFMAC5 .        ? 2 
'data scaling'   Aimless .        ? 3 
phasing          PHASER  .        ? 4 
'data reduction' XDS     .        ? 5 
# 
_cell.entry_id           7H3U 
_cell.length_a           72.583 
_cell.length_b           60.851 
_cell.length_c           32.330 
_cell.angle_alpha        90.00 
_cell.angle_beta         92.93 
_cell.angle_gamma        90.00 
_cell.Z_PDB              4 
_cell.pdbx_unique_axis   ? 
# 
_symmetry.entry_id                         7H3U 
_symmetry.space_group_name_H-M             'C 1 2 1' 
_symmetry.pdbx_full_space_group_name_H-M   ? 
_symmetry.cell_setting                     ? 
_symmetry.Int_Tables_number                5 
# 
_exptl.entry_id          7H3U 
_exptl.method            'X-RAY DIFFRACTION' 
_exptl.crystals_number   1 
# 
_exptl_crystal.id                    1 
_exptl_crystal.density_meas          ? 
_exptl_crystal.density_Matthews      2.16 
_exptl_crystal.density_percent_sol   43.10 
_exptl_crystal.description           ? 
# 
_exptl_crystal_grow.crystal_id      1 
_exptl_crystal_grow.method          'VAPOR DIFFUSION, SITTING DROP' 
_exptl_crystal_grow.pH              6.05 
_exptl_crystal_grow.temp            293.15 
_exptl_crystal_grow.pdbx_details    '0.1 M MES, pH 6.05, 16 % PEG 20,000' 
_exptl_crystal_grow.temp_details    ? 
_exptl_crystal_grow.pdbx_pH_range   ? 
# 
_diffrn.id                     1 
_diffrn.ambient_temp           100 
_diffrn.crystal_id             1 
_diffrn.ambient_temp_details   ? 
# 
_diffrn_detector.detector               PIXEL 
_diffrn_detector.type                   'DECTRIS EIGER2 XE 16M' 
_diffrn_detector.pdbx_collection_date   2023-10-11 
_diffrn_detector.diffrn_id              1 
_diffrn_detector.details                ? 
# 
_diffrn_radiation.diffrn_id                        1 
_diffrn_radiation.wavelength_id                    1 
_diffrn_radiation.pdbx_diffrn_protocol             'SINGLE WAVELENGTH' 
_diffrn_radiation.pdbx_monochromatic_or_laue_m_l   ? 
_diffrn_radiation.monochromator                    ? 
_diffrn_radiation.pdbx_scattering_type             x-ray 
# 
_diffrn_radiation_wavelength.id           1 
_diffrn_radiation_wavelength.wavelength   0.94055 
_diffrn_radiation_wavelength.wt           1.0 
# 
_diffrn_source.diffrn_id                   1 
_diffrn_source.source                      SYNCHROTRON 
_diffrn_source.type                        'DIAMOND BEAMLINE I03' 
_diffrn_source.pdbx_wavelength_list        0.94055 
_diffrn_source.pdbx_synchrotron_site       Diamond 
_diffrn_source.pdbx_synchrotron_beamline   I03 
_diffrn_source.pdbx_wavelength             ? 
# 
_reflns.entry_id                     7H3U 
_reflns.pdbx_diffrn_id               1 
_reflns.pdbx_ordinal                 1 
_reflns.d_resolution_low             46.59 
_reflns.d_resolution_high            1.31 
_reflns.number_obs                   32636 
_reflns.percent_possible_obs         96.9 
_reflns.pdbx_Rmerge_I_obs            0.086 
_reflns.pdbx_netI_over_sigmaI        12.9 
_reflns.pdbx_redundancy              7.1 
_reflns.pdbx_Rrim_I_all              0.092 
_reflns.pdbx_Rpim_I_all              0.034 
_reflns.pdbx_CC_half                 0.999 
_reflns.pdbx_number_measured_all     230945 
_reflns.pdbx_chi_squared             0.79 
_reflns.observed_criterion_sigma_I   ? 
_reflns.observed_criterion_sigma_F   ? 
_reflns.number_all                   ? 
_reflns.pdbx_Rsym_value              ? 
_reflns.B_iso_Wilson_estimate        ? 
# 
_reflns_shell.pdbx_diffrn_id              1 
_reflns_shell.pdbx_ordinal                1 
_reflns_shell.d_res_high                  1.31 
_reflns_shell.d_res_low                   1.33 
_reflns_shell.number_measured_all         11124 
_reflns_shell.number_unique_obs           1586 
_reflns_shell.Rmerge_I_obs                2.548 
_reflns_shell.pdbx_chi_squared            0.35 
_reflns_shell.pdbx_redundancy             7.0 
_reflns_shell.percent_possible_obs        95.0 
_reflns_shell.pdbx_netI_over_sigmaI_obs   0.5 
_reflns_shell.pdbx_Rrim_I_all             2.752 
_reflns_shell.pdbx_Rpim_I_all             1.030 
_reflns_shell.pdbx_CC_half                0.244 
_reflns_shell.percent_possible_all        ? 
_reflns_shell.pdbx_Rsym_value             ? 
_reflns_shell.meanI_over_sigI_obs         ? 
# 
_refine.pdbx_refine_id                           'X-RAY DIFFRACTION' 
_refine.entry_id                                 7H3U 
_refine.pdbx_diffrn_id                           1 
_refine.pdbx_TLS_residual_ADP_flag               ? 
_refine.ls_number_reflns_obs                     31046 
_refine.ls_number_reflns_all                     ? 
_refine.pdbx_ls_sigma_I                          ? 
_refine.pdbx_ls_sigma_F                          ? 
_refine.pdbx_data_cutoff_high_absF               ? 
_refine.pdbx_data_cutoff_low_absF                ? 
_refine.pdbx_data_cutoff_high_rms_absF           ? 
_refine.ls_d_res_low                             46.61 
_refine.ls_d_res_high                            1.31 
_refine.ls_percent_reflns_obs                    96.51 
_refine.ls_R_factor_obs                          0.21419 
_refine.ls_R_factor_all                          ? 
_refine.ls_R_factor_R_work                       0.21298 
_refine.ls_R_factor_R_free                       0.24125 
_refine.ls_R_factor_R_free_error                 ? 
_refine.ls_R_factor_R_free_error_details         ? 
_refine.ls_percent_reflns_R_free                 4.8 
_refine.ls_number_reflns_R_free                  1551 
_refine.ls_number_parameters                     ? 
_refine.ls_number_restraints                     ? 
_refine.occupancy_min                            ? 
_refine.occupancy_max                            ? 
_refine.correlation_coeff_Fo_to_Fc               0.964 
_refine.correlation_coeff_Fo_to_Fc_free          0.952 
_refine.B_iso_mean                               28.982 
_refine.aniso_B[1][1]                            0.15 
_refine.aniso_B[2][2]                            0.20 
_refine.aniso_B[3][3]                            -0.30 
_refine.aniso_B[1][2]                            0.00 
_refine.aniso_B[1][3]                            -0.44 
_refine.aniso_B[2][3]                            -0.00 
_refine.solvent_model_details                    MASK 
_refine.solvent_model_param_ksol                 ? 
_refine.solvent_model_param_bsol                 ? 
_refine.pdbx_solvent_vdw_probe_radii             1.20 
_refine.pdbx_solvent_ion_probe_radii             0.80 
_refine.pdbx_solvent_shrinkage_radii             0.80 
_refine.pdbx_ls_cross_valid_method               THROUGHOUT 
_refine.details                                  'HYDROGENS HAVE BEEN ADDED IN THE RIDING POSITIONS' 
_refine.pdbx_starting_model                      ? 
_refine.pdbx_method_to_determine_struct          'MOLECULAR REPLACEMENT' 
_refine.pdbx_isotropic_thermal_model             ? 
_refine.pdbx_stereochemistry_target_values       'MAXIMUM LIKELIHOOD' 
_refine.pdbx_stereochem_target_val_spec_case     ? 
_refine.pdbx_R_Free_selection_details            RANDOM 
_refine.pdbx_overall_ESU_R                       0.075 
_refine.pdbx_overall_ESU_R_Free                  0.076 
_refine.overall_SU_ML                            0.081 
_refine.pdbx_overall_phase_error                 ? 
_refine.overall_SU_B                             2.146 
_refine.overall_SU_R_Cruickshank_DPI             ? 
_refine.pdbx_overall_SU_R_free_Cruickshank_DPI   ? 
_refine.pdbx_overall_SU_R_Blow_DPI               ? 
_refine.pdbx_overall_SU_R_free_Blow_DPI          ? 
# 
_refine_hist.pdbx_refine_id                   'X-RAY DIFFRACTION' 
_refine_hist.cycle_id                         1 
_refine_hist.pdbx_number_atoms_protein        1083 
_refine_hist.pdbx_number_atoms_nucleic_acid   0 
_refine_hist.pdbx_number_atoms_ligand         29 
_refine_hist.number_atoms_solvent             107 
_refine_hist.number_atoms_total               1219 
_refine_hist.d_res_high                       1.31 
_refine_hist.d_res_low                        46.61 
# 
loop_
_refine_ls_restr.type 
_refine_ls_restr.dev_ideal 
_refine_ls_restr.dev_ideal_target 
_refine_ls_restr.weight 
_refine_ls_restr.number 
_refine_ls_restr.pdbx_refine_id 
_refine_ls_restr.pdbx_restraint_function 
r_bond_refined_d             0.010  0.014  ? 1876 'X-RAY DIFFRACTION' ? 
r_bond_other_d               0.001  0.014  ? 1341 'X-RAY DIFFRACTION' ? 
r_angle_refined_deg          1.523  1.632  ? 2119 'X-RAY DIFFRACTION' ? 
r_angle_other_deg            1.375  1.582  ? 3074 'X-RAY DIFFRACTION' ? 
r_dihedral_angle_1_deg       7.225  5.000  ? 193  'X-RAY DIFFRACTION' ? 
r_dihedral_angle_2_deg       26.863 20.000 ? 92   'X-RAY DIFFRACTION' ? 
r_dihedral_angle_3_deg       15.190 15.000 ? 217  'X-RAY DIFFRACTION' ? 
r_dihedral_angle_4_deg       15.855 15.000 ? 15   'X-RAY DIFFRACTION' ? 
r_chiral_restr               0.072  0.200  ? 179  'X-RAY DIFFRACTION' ? 
r_gen_planes_refined         0.009  0.020  ? 1962 'X-RAY DIFFRACTION' ? 
r_gen_planes_other           0.003  0.020  ? 408  'X-RAY DIFFRACTION' ? 
r_nbd_refined                ?      ?      ? ?    'X-RAY DIFFRACTION' ? 
r_nbd_other                  ?      ?      ? ?    'X-RAY DIFFRACTION' ? 
r_nbtor_refined              ?      ?      ? ?    'X-RAY DIFFRACTION' ? 
r_nbtor_other                ?      ?      ? ?    'X-RAY DIFFRACTION' ? 
r_xyhbond_nbd_refined        ?      ?      ? ?    'X-RAY DIFFRACTION' ? 
r_xyhbond_nbd_other          ?      ?      ? ?    'X-RAY DIFFRACTION' ? 
r_metal_ion_refined          ?      ?      ? ?    'X-RAY DIFFRACTION' ? 
r_metal_ion_other            ?      ?      ? ?    'X-RAY DIFFRACTION' ? 
r_symmetry_vdw_refined       ?      ?      ? ?    'X-RAY DIFFRACTION' ? 
r_symmetry_vdw_other         ?      ?      ? ?    'X-RAY DIFFRACTION' ? 
r_symmetry_hbond_refined     ?      ?      ? ?    'X-RAY DIFFRACTION' ? 
r_symmetry_hbond_other       ?      ?      ? ?    'X-RAY DIFFRACTION' ? 
r_symmetry_metal_ion_refined ?      ?      ? ?    'X-RAY DIFFRACTION' ? 
r_symmetry_metal_ion_other   ?      ?      ? ?    'X-RAY DIFFRACTION' ? 
r_mcbond_it                  2.070  3.081  ? 922  'X-RAY DIFFRACTION' ? 
r_mcbond_other               2.102  3.038  ? 850  'X-RAY DIFFRACTION' ? 
r_mcangle_it                 3.775  4.177  ? 943  'X-RAY DIFFRACTION' ? 
r_mcangle_other              3.778  4.187  ? 944  'X-RAY DIFFRACTION' ? 
r_scbond_it                  2.080  3.595  ? 953  'X-RAY DIFFRACTION' ? 
r_scbond_other               2.065  3.566  ? 951  'X-RAY DIFFRACTION' ? 
r_scangle_it                 ?      ?      ? ?    'X-RAY DIFFRACTION' ? 
r_scangle_other              3.306  4.873  ? 1171 'X-RAY DIFFRACTION' ? 
r_long_range_B_refined       8.979  25.989 ? 1566 'X-RAY DIFFRACTION' ? 
r_long_range_B_other         8.995  25.733 ? 1539 'X-RAY DIFFRACTION' ? 
r_rigid_bond_restr           ?      ?      ? ?    'X-RAY DIFFRACTION' ? 
r_sphericity_free            ?      ?      ? ?    'X-RAY DIFFRACTION' ? 
r_sphericity_bonded          ?      ?      ? ?    'X-RAY DIFFRACTION' ? 
# 
_refine_ls_shell.pdbx_refine_id                   'X-RAY DIFFRACTION' 
_refine_ls_shell.pdbx_total_number_of_bins_used   20 
_refine_ls_shell.d_res_high                       1.310 
_refine_ls_shell.d_res_low                        1.344 
_refine_ls_shell.number_reflns_R_work             2245 
_refine_ls_shell.R_factor_R_work                  0.368 
_refine_ls_shell.percent_reflns_obs               94.36 
_refine_ls_shell.R_factor_R_free                  0.331 
_refine_ls_shell.R_factor_R_free_error            ? 
_refine_ls_shell.percent_reflns_R_free            ? 
_refine_ls_shell.number_reflns_R_free             116 
_refine_ls_shell.number_reflns_all                ? 
_refine_ls_shell.R_factor_all                     ? 
# 
_struct.entry_id                  7H3U 
_struct.title                     
;Group deposition for crystallographic fragment screening of Coxsackievirus A16 (G-10) 2A protease -- Crystal structure of Coxsackievirus A16 (G-10) 2A protease in complex with Z1198158918 (A71EV2A-x0497)
;
_struct.pdbx_model_details        ? 
_struct.pdbx_CASP_flag            ? 
_struct.pdbx_model_type_details   ? 
# 
_struct_keywords.entry_id        7H3U 
_struct_keywords.pdbx_keywords   HYDROLASE 
_struct_keywords.text            
;Diamond Light Source, I03, ASAP, Coxsackievirus A16, crystallographic fragment screening, PanDDA, Pandda2, XChemExplorer, viral protein, HYDROLASE
;
# 
loop_
_struct_asym.id 
_struct_asym.pdbx_blank_PDB_chainid_flag 
_struct_asym.pdbx_modified 
_struct_asym.entity_id 
_struct_asym.details 
A N N 1 ? 
B N N 2 ? 
C N N 3 ? 
D N N 4 ? 
E N N 4 ? 
F N N 4 ? 
G N N 5 ? 
H N N 6 ? 
# 
_struct_ref.id                         1 
_struct_ref.db_name                    UNP 
_struct_ref.db_code                    POLG_CX16G 
_struct_ref.pdbx_db_accession          Q65900 
_struct_ref.pdbx_db_isoform            ? 
_struct_ref.entity_id                  1 
_struct_ref.pdbx_seq_one_letter_code   
;SGAIYVGNYRVVNRHLATHNDWANLVWEDSSRDLLVSSTTAQGCDTIARCDCQTGVYYCSSRRKHYPVSFSKPSLIFVEA
SEYYPARYQSHLMLAVGHSEPGDCGGILRCQHGVVGIVSTGGNGLVGFADVRDLLWLDEEAMEQ
;
_struct_ref.pdbx_align_begin           869 
# 
_struct_ref_seq.align_id                      1 
_struct_ref_seq.ref_id                        1 
_struct_ref_seq.pdbx_PDB_id_code              7H3U 
_struct_ref_seq.pdbx_strand_id                A 
_struct_ref_seq.seq_align_beg                 7 
_struct_ref_seq.pdbx_seq_align_beg_ins_code   ? 
_struct_ref_seq.seq_align_end                 150 
_struct_ref_seq.pdbx_seq_align_end_ins_code   ? 
_struct_ref_seq.pdbx_db_accession             Q65900 
_struct_ref_seq.db_align_beg                  869 
_struct_ref_seq.pdbx_db_align_beg_ins_code    ? 
_struct_ref_seq.db_align_end                  1012 
_struct_ref_seq.pdbx_db_align_end_ins_code    ? 
_struct_ref_seq.pdbx_auth_seq_align_beg       7 
_struct_ref_seq.pdbx_auth_seq_align_end       150 
# 
loop_
_struct_ref_seq_dif.align_id 
_struct_ref_seq_dif.pdbx_pdb_id_code 
_struct_ref_seq_dif.mon_id 
_struct_ref_seq_dif.pdbx_pdb_strand_id 
_struct_ref_seq_dif.seq_num 
_struct_ref_seq_dif.pdbx_pdb_ins_code 
_struct_ref_seq_dif.pdbx_seq_db_name 
_struct_ref_seq_dif.pdbx_seq_db_accession_code 
_struct_ref_seq_dif.db_mon_id 
_struct_ref_seq_dif.pdbx_seq_db_seq_num 
_struct_ref_seq_dif.details 
_struct_ref_seq_dif.pdbx_auth_seq_num 
_struct_ref_seq_dif.pdbx_ordinal 
1 7H3U GLN A 1 ? UNP Q65900 ? ? 'expression tag' 1 1 
1 7H3U GLU A 2 ? UNP Q65900 ? ? 'expression tag' 2 2 
1 7H3U GLN A 3 ? UNP Q65900 ? ? 'expression tag' 3 3 
1 7H3U THR A 4 ? UNP Q65900 ? ? 'expression tag' 4 4 
1 7H3U GLY A 5 ? UNP Q65900 ? ? 'expression tag' 5 5 
1 7H3U GLY A 6 ? UNP Q65900 ? ? 'expression tag' 6 6 
# 
_pdbx_struct_assembly.id                   1 
_pdbx_struct_assembly.details              author_and_software_defined_assembly 
_pdbx_struct_assembly.method_details       PISA 
_pdbx_struct_assembly.oligomeric_details   monomeric 
_pdbx_struct_assembly.oligomeric_count     1 
# 
loop_
_pdbx_struct_assembly_prop.biol_id 
_pdbx_struct_assembly_prop.type 
_pdbx_struct_assembly_prop.value 
_pdbx_struct_assembly_prop.details 
1 'ABSA (A^2)' 560  ? 
1 MORE         -6   ? 
1 'SSA (A^2)'  7350 ? 
# 
_pdbx_struct_assembly_gen.assembly_id       1 
_pdbx_struct_assembly_gen.oper_expression   1 
_pdbx_struct_assembly_gen.asym_id_list      A,B,C,D,E,F,G,H 
# 
_pdbx_struct_oper_list.id                   1 
_pdbx_struct_oper_list.type                 'identity operation' 
_pdbx_struct_oper_list.name                 1_555 
_pdbx_struct_oper_list.symmetry_operation   x,y,z 
_pdbx_struct_oper_list.matrix[1][1]         1.0000000000 
_pdbx_struct_oper_list.matrix[1][2]         0.0000000000 
_pdbx_struct_oper_list.matrix[1][3]         0.0000000000 
_pdbx_struct_oper_list.vector[1]            0.0000000000 
_pdbx_struct_oper_list.matrix[2][1]         0.0000000000 
_pdbx_struct_oper_list.matrix[2][2]         1.0000000000 
_pdbx_struct_oper_list.matrix[2][3]         0.0000000000 
_pdbx_struct_oper_list.vector[2]            0.0000000000 
_pdbx_struct_oper_list.matrix[3][1]         0.0000000000 
_pdbx_struct_oper_list.matrix[3][2]         0.0000000000 
_pdbx_struct_oper_list.matrix[3][3]         1.0000000000 
_pdbx_struct_oper_list.vector[3]            0.0000000000 
# 
loop_
_struct_conf.conf_type_id 
_struct_conf.id 
_struct_conf.pdbx_PDB_helix_id 
_struct_conf.beg_label_comp_id 
_struct_conf.beg_label_asym_id 
_struct_conf.beg_label_seq_id 
_struct_conf.pdbx_beg_PDB_ins_code 
_struct_conf.end_label_comp_id 
_struct_conf.end_label_asym_id 
_struct_conf.end_label_seq_id 
_struct_conf.pdbx_end_PDB_ins_code 
_struct_conf.beg_auth_comp_id 
_struct_conf.beg_auth_asym_id 
_struct_conf.beg_auth_seq_id 
_struct_conf.end_auth_comp_id 
_struct_conf.end_auth_asym_id 
_struct_conf.end_auth_seq_id 
_struct_conf.pdbx_PDB_helix_class 
_struct_conf.details 
_struct_conf.pdbx_PDB_helix_length 
HELX_P HELX_P1 AA1 HIS A 21  ? ALA A 23  ? HIS A 21  ALA A 23  5 ? 3 
HELX_P HELX_P2 AA2 THR A 24  ? ASN A 30  ? THR A 24  ASN A 30  1 ? 7 
HELX_P HELX_P3 AA3 SER A 66  ? ARG A 69  ? SER A 66  ARG A 69  5 ? 4 
HELX_P HELX_P4 AA4 GLU A 106 ? CYS A 110 ? GLU A 106 CYS A 110 5 ? 5 
HELX_P HELX_P5 AA5 LEU A 140 ? GLU A 145 ? LEU A 140 GLU A 145 5 ? 6 
# 
_struct_conf_type.id          HELX_P 
_struct_conf_type.criteria    ? 
_struct_conf_type.reference   ? 
# 
loop_
_struct_conn.id 
_struct_conn.conn_type_id 
_struct_conn.pdbx_leaving_atom_flag 
_struct_conn.pdbx_PDB_id 
_struct_conn.ptnr1_label_asym_id 
_struct_conn.ptnr1_label_comp_id 
_struct_conn.ptnr1_label_seq_id 
_struct_conn.ptnr1_label_atom_id 
_struct_conn.pdbx_ptnr1_label_alt_id 
_struct_conn.pdbx_ptnr1_PDB_ins_code 
_struct_conn.pdbx_ptnr1_standard_comp_id 
_struct_conn.ptnr1_symmetry 
_struct_conn.ptnr2_label_asym_id 
_struct_conn.ptnr2_label_comp_id 
_struct_conn.ptnr2_label_seq_id 
_struct_conn.ptnr2_label_atom_id 
_struct_conn.pdbx_ptnr2_label_alt_id 
_struct_conn.pdbx_ptnr2_PDB_ins_code 
_struct_conn.ptnr1_auth_asym_id 
_struct_conn.ptnr1_auth_comp_id 
_struct_conn.ptnr1_auth_seq_id 
_struct_conn.ptnr2_auth_asym_id 
_struct_conn.ptnr2_auth_comp_id 
_struct_conn.ptnr2_auth_seq_id 
_struct_conn.ptnr2_symmetry 
_struct_conn.pdbx_ptnr3_label_atom_id 
_struct_conn.pdbx_ptnr3_label_seq_id 
_struct_conn.pdbx_ptnr3_label_comp_id 
_struct_conn.pdbx_ptnr3_label_asym_id 
_struct_conn.pdbx_ptnr3_label_alt_id 
_struct_conn.pdbx_ptnr3_PDB_ins_code 
_struct_conn.details 
_struct_conn.pdbx_dist_value 
_struct_conn.pdbx_value_order 
_struct_conn.pdbx_role 
metalc1 metalc ? ? A CYS 56  SG  ? ? ? 1_555 C ZN . ZN ? ? A CYS 56  A ZN 202 1_555 ? ? ? ? ? ? ? 2.348 ? ? 
metalc2 metalc ? ? A CYS 58  SG  ? ? ? 1_555 C ZN . ZN ? ? A CYS 58  A ZN 202 1_555 ? ? ? ? ? ? ? 2.306 ? ? 
metalc3 metalc ? ? A CYS 116 SG  ? ? ? 1_555 C ZN . ZN ? ? A CYS 116 A ZN 202 1_555 ? ? ? ? ? ? ? 2.297 ? ? 
metalc4 metalc ? ? A HIS 118 ND1 ? ? ? 1_555 C ZN . ZN ? ? A HIS 118 A ZN 202 1_555 ? ? ? ? ? ? ? 2.002 ? ? 
# 
_struct_conn_type.id          metalc 
_struct_conn_type.criteria    ? 
_struct_conn_type.reference   ? 
# 
loop_
_pdbx_struct_conn_angle.id 
_pdbx_struct_conn_angle.ptnr1_label_atom_id 
_pdbx_struct_conn_angle.ptnr1_label_alt_id 
_pdbx_struct_conn_angle.ptnr1_label_asym_id 
_pdbx_struct_conn_angle.ptnr1_label_comp_id 
_pdbx_struct_conn_angle.ptnr1_label_seq_id 
_pdbx_struct_conn_angle.ptnr1_auth_atom_id 
_pdbx_struct_conn_angle.ptnr1_auth_asym_id 
_pdbx_struct_conn_angle.ptnr1_auth_comp_id 
_pdbx_struct_conn_angle.ptnr1_auth_seq_id 
_pdbx_struct_conn_angle.ptnr1_PDB_ins_code 
_pdbx_struct_conn_angle.ptnr1_symmetry 
_pdbx_struct_conn_angle.ptnr2_label_atom_id 
_pdbx_struct_conn_angle.ptnr2_label_alt_id 
_pdbx_struct_conn_angle.ptnr2_label_asym_id 
_pdbx_struct_conn_angle.ptnr2_label_comp_id 
_pdbx_struct_conn_angle.ptnr2_label_seq_id 
_pdbx_struct_conn_angle.ptnr2_auth_atom_id 
_pdbx_struct_conn_angle.ptnr2_auth_asym_id 
_pdbx_struct_conn_angle.ptnr2_auth_comp_id 
_pdbx_struct_conn_angle.ptnr2_auth_seq_id 
_pdbx_struct_conn_angle.ptnr2_PDB_ins_code 
_pdbx_struct_conn_angle.ptnr2_symmetry 
_pdbx_struct_conn_angle.ptnr3_label_atom_id 
_pdbx_struct_conn_angle.ptnr3_label_alt_id 
_pdbx_struct_conn_angle.ptnr3_label_asym_id 
_pdbx_struct_conn_angle.ptnr3_label_comp_id 
_pdbx_struct_conn_angle.ptnr3_label_seq_id 
_pdbx_struct_conn_angle.ptnr3_auth_atom_id 
_pdbx_struct_conn_angle.ptnr3_auth_asym_id 
_pdbx_struct_conn_angle.ptnr3_auth_comp_id 
_pdbx_struct_conn_angle.ptnr3_auth_seq_id 
_pdbx_struct_conn_angle.ptnr3_PDB_ins_code 
_pdbx_struct_conn_angle.ptnr3_symmetry 
_pdbx_struct_conn_angle.value 
_pdbx_struct_conn_angle.value_esd 
1 SG ? A CYS 56  ? A CYS 56  ? 1_555 ZN ? C ZN . ? A ZN 202 ? 1_555 SG  ? A CYS 58  ? A CYS 58  ? 1_555 108.2 ? 
2 SG ? A CYS 56  ? A CYS 56  ? 1_555 ZN ? C ZN . ? A ZN 202 ? 1_555 SG  ? A CYS 116 ? A CYS 116 ? 1_555 107.2 ? 
3 SG ? A CYS 58  ? A CYS 58  ? 1_555 ZN ? C ZN . ? A ZN 202 ? 1_555 SG  ? A CYS 116 ? A CYS 116 ? 1_555 118.3 ? 
4 SG ? A CYS 56  ? A CYS 56  ? 1_555 ZN ? C ZN . ? A ZN 202 ? 1_555 ND1 ? A HIS 118 ? A HIS 118 ? 1_555 104.1 ? 
5 SG ? A CYS 58  ? A CYS 58  ? 1_555 ZN ? C ZN . ? A ZN 202 ? 1_555 ND1 ? A HIS 118 ? A HIS 118 ? 1_555 101.0 ? 
6 SG ? A CYS 116 ? A CYS 116 ? 1_555 ZN ? C ZN . ? A ZN 202 ? 1_555 ND1 ? A HIS 118 ? A HIS 118 ? 1_555 117.0 ? 
# 
loop_
_struct_sheet.id 
_struct_sheet.type 
_struct_sheet.number_strands 
_struct_sheet.details 
AA1 ? 3 ? 
AA2 ? 7 ? 
# 
loop_
_struct_sheet_order.sheet_id 
_struct_sheet_order.range_id_1 
_struct_sheet_order.range_id_2 
_struct_sheet_order.offset 
_struct_sheet_order.sense 
AA1 1 2 ? anti-parallel 
AA1 2 3 ? anti-parallel 
AA2 1 2 ? anti-parallel 
AA2 2 3 ? anti-parallel 
AA2 3 4 ? anti-parallel 
AA2 4 5 ? anti-parallel 
AA2 5 6 ? anti-parallel 
AA2 6 7 ? anti-parallel 
# 
loop_
_struct_sheet_range.sheet_id 
_struct_sheet_range.id 
_struct_sheet_range.beg_label_comp_id 
_struct_sheet_range.beg_label_asym_id 
_struct_sheet_range.beg_label_seq_id 
_struct_sheet_range.pdbx_beg_PDB_ins_code 
_struct_sheet_range.end_label_comp_id 
_struct_sheet_range.end_label_asym_id 
_struct_sheet_range.end_label_seq_id 
_struct_sheet_range.pdbx_end_PDB_ins_code 
_struct_sheet_range.beg_auth_comp_id 
_struct_sheet_range.beg_auth_asym_id 
_struct_sheet_range.beg_auth_seq_id 
_struct_sheet_range.end_auth_comp_id 
_struct_sheet_range.end_auth_asym_id 
_struct_sheet_range.end_auth_seq_id 
AA1 1 LEU A 31  ? ASP A 35  ? LEU A 31  ASP A 35  
AA1 2 LEU A 40  ? CYS A 50  ? LEU A 40  CYS A 50  
AA1 3 ILE A 10  ? ASN A 19  ? ILE A 10  ASN A 19  
AA2 1 LYS A 70  ? SER A 75  ? LYS A 70  SER A 75  
AA2 2 THR A 60  ? CYS A 65  ? THR A 60  CYS A 65  
AA2 3 ILE A 113 ? CYS A 116 ? ILE A 113 CYS A 116 
AA2 4 GLY A 119 ? THR A 126 ? GLY A 119 THR A 126 
AA2 5 LEU A 131 ? ASP A 136 ? LEU A 131 ASP A 136 
AA2 6 ARG A 93  ? VAL A 102 ? ARG A 93  VAL A 102 
AA2 7 SER A 80  ? VAL A 84  ? SER A 80  VAL A 84  
# 
loop_
_pdbx_struct_sheet_hbond.sheet_id 
_pdbx_struct_sheet_hbond.range_id_1 
_pdbx_struct_sheet_hbond.range_id_2 
_pdbx_struct_sheet_hbond.range_1_label_atom_id 
_pdbx_struct_sheet_hbond.range_1_label_comp_id 
_pdbx_struct_sheet_hbond.range_1_label_asym_id 
_pdbx_struct_sheet_hbond.range_1_label_seq_id 
_pdbx_struct_sheet_hbond.range_1_PDB_ins_code 
_pdbx_struct_sheet_hbond.range_1_auth_atom_id 
_pdbx_struct_sheet_hbond.range_1_auth_comp_id 
_pdbx_struct_sheet_hbond.range_1_auth_asym_id 
_pdbx_struct_sheet_hbond.range_1_auth_seq_id 
_pdbx_struct_sheet_hbond.range_2_label_atom_id 
_pdbx_struct_sheet_hbond.range_2_label_comp_id 
_pdbx_struct_sheet_hbond.range_2_label_asym_id 
_pdbx_struct_sheet_hbond.range_2_label_seq_id 
_pdbx_struct_sheet_hbond.range_2_PDB_ins_code 
_pdbx_struct_sheet_hbond.range_2_auth_atom_id 
_pdbx_struct_sheet_hbond.range_2_auth_comp_id 
_pdbx_struct_sheet_hbond.range_2_auth_asym_id 
_pdbx_struct_sheet_hbond.range_2_auth_seq_id 
AA1 1 2 N TRP A 33  ? N TRP A 33  O VAL A 42  ? O VAL A 42  
AA1 2 3 N GLY A 49  ? N GLY A 49  O GLY A 13  ? O GLY A 13  
AA2 1 2 O LYS A 70  ? O LYS A 70  N CYS A 65  ? N CYS A 65  
AA2 2 3 N VAL A 62  ? N VAL A 62  O ARG A 115 ? O ARG A 115 
AA2 3 4 N LEU A 114 ? N LEU A 114 O VAL A 121 ? O VAL A 121 
AA2 4 5 N SER A 125 ? N SER A 125 O GLY A 133 ? O GLY A 133 
AA2 5 6 O PHE A 134 ? O PHE A 134 N MET A 99  ? N MET A 99  
AA2 6 7 O GLN A 95  ? O GLN A 95  N ILE A 82  ? N ILE A 82  
# 
_pdbx_entry_details.entry_id                   7H3U 
_pdbx_entry_details.compound_details           ? 
_pdbx_entry_details.source_details             ? 
_pdbx_entry_details.nonpolymer_details         ? 
_pdbx_entry_details.sequence_details           ? 
_pdbx_entry_details.has_ligand_of_interest     ? 
_pdbx_entry_details.has_protein_modification   N 
# 
loop_
_pdbx_validate_close_contact.id 
_pdbx_validate_close_contact.PDB_model_num 
_pdbx_validate_close_contact.auth_atom_id_1 
_pdbx_validate_close_contact.auth_asym_id_1 
_pdbx_validate_close_contact.auth_comp_id_1 
_pdbx_validate_close_contact.auth_seq_id_1 
_pdbx_validate_close_contact.PDB_ins_code_1 
_pdbx_validate_close_contact.label_alt_id_1 
_pdbx_validate_close_contact.auth_atom_id_2 
_pdbx_validate_close_contact.auth_asym_id_2 
_pdbx_validate_close_contact.auth_comp_id_2 
_pdbx_validate_close_contact.auth_seq_id_2 
_pdbx_validate_close_contact.PDB_ins_code_2 
_pdbx_validate_close_contact.label_alt_id_2 
_pdbx_validate_close_contact.dist 
1 1 O A HOH 389 ? ? O A HOH 401 ? ? 2.02 
2 1 O A HOH 356 ? ? O A HOH 390 ? ? 2.10 
# 
_pdbx_validate_symm_contact.id                1 
_pdbx_validate_symm_contact.PDB_model_num     1 
_pdbx_validate_symm_contact.auth_atom_id_1    O 
_pdbx_validate_symm_contact.auth_asym_id_1    A 
_pdbx_validate_symm_contact.auth_comp_id_1    HOH 
_pdbx_validate_symm_contact.auth_seq_id_1     353 
_pdbx_validate_symm_contact.PDB_ins_code_1    ? 
_pdbx_validate_symm_contact.label_alt_id_1    ? 
_pdbx_validate_symm_contact.site_symmetry_1   1_555 
_pdbx_validate_symm_contact.auth_atom_id_2    O 
_pdbx_validate_symm_contact.auth_asym_id_2    A 
_pdbx_validate_symm_contact.auth_comp_id_2    HOH 
_pdbx_validate_symm_contact.auth_seq_id_2     402 
_pdbx_validate_symm_contact.PDB_ins_code_2    ? 
_pdbx_validate_symm_contact.label_alt_id_2    ? 
_pdbx_validate_symm_contact.site_symmetry_2   1_554 
_pdbx_validate_symm_contact.dist              2.11 
# 
loop_
_pdbx_validate_torsion.id 
_pdbx_validate_torsion.PDB_model_num 
_pdbx_validate_torsion.auth_comp_id 
_pdbx_validate_torsion.auth_asym_id 
_pdbx_validate_torsion.auth_seq_id 
_pdbx_validate_torsion.PDB_ins_code 
_pdbx_validate_torsion.label_alt_id 
_pdbx_validate_torsion.phi 
_pdbx_validate_torsion.psi 
1 1 ASN A 14 ? ? -99.09 34.99   
2 1 GLU A 85 ? ? -50.61 -173.31 
# 
_pdbx_struct_special_symmetry.id              1 
_pdbx_struct_special_symmetry.PDB_model_num   1 
_pdbx_struct_special_symmetry.auth_asym_id    A 
_pdbx_struct_special_symmetry.auth_comp_id    HOH 
_pdbx_struct_special_symmetry.auth_seq_id     343 
_pdbx_struct_special_symmetry.PDB_ins_code    ? 
_pdbx_struct_special_symmetry.label_asym_id   H 
_pdbx_struct_special_symmetry.label_comp_id   HOH 
_pdbx_struct_special_symmetry.label_seq_id    . 
# 
loop_
_pdbx_unobs_or_zero_occ_residues.id 
_pdbx_unobs_or_zero_occ_residues.PDB_model_num 
_pdbx_unobs_or_zero_occ_residues.polymer_flag 
_pdbx_unobs_or_zero_occ_residues.occupancy_flag 
_pdbx_unobs_or_zero_occ_residues.auth_asym_id 
_pdbx_unobs_or_zero_occ_residues.auth_comp_id 
_pdbx_unobs_or_zero_occ_residues.auth_seq_id 
_pdbx_unobs_or_zero_occ_residues.PDB_ins_code 
_pdbx_unobs_or_zero_occ_residues.label_asym_id 
_pdbx_unobs_or_zero_occ_residues.label_comp_id 
_pdbx_unobs_or_zero_occ_residues.label_seq_id 
1  1 Y 1 A GLN 1   ? A GLN 1   
2  1 Y 1 A GLU 2   ? A GLU 2   
3  1 Y 1 A GLN 3   ? A GLN 3   
4  1 Y 1 A THR 4   ? A THR 4   
5  1 Y 1 A GLY 5   ? A GLY 5   
6  1 Y 1 A GLY 6   ? A GLY 6   
7  1 Y 1 A ALA 147 ? A ALA 147 
8  1 Y 1 A MET 148 ? A MET 148 
9  1 Y 1 A GLU 149 ? A GLU 149 
10 1 Y 1 A GLN 150 ? A GLN 150 
# 
loop_
_chem_comp_atom.comp_id 
_chem_comp_atom.atom_id 
_chem_comp_atom.type_symbol 
_chem_comp_atom.pdbx_aromatic_flag 
_chem_comp_atom.pdbx_stereo_config 
_chem_comp_atom.pdbx_ordinal 
ALA N    N  N N 1   
ALA CA   C  N S 2   
ALA C    C  N N 3   
ALA O    O  N N 4   
ALA CB   C  N N 5   
ALA OXT  O  N N 6   
ALA H    H  N N 7   
ALA H2   H  N N 8   
ALA HA   H  N N 9   
ALA HB1  H  N N 10  
ALA HB2  H  N N 11  
ALA HB3  H  N N 12  
ALA HXT  H  N N 13  
ARG N    N  N N 14  
ARG CA   C  N S 15  
ARG C    C  N N 16  
ARG O    O  N N 17  
ARG CB   C  N N 18  
ARG CG   C  N N 19  
ARG CD   C  N N 20  
ARG NE   N  N N 21  
ARG CZ   C  N N 22  
ARG NH1  N  N N 23  
ARG NH2  N  N N 24  
ARG OXT  O  N N 25  
ARG H    H  N N 26  
ARG H2   H  N N 27  
ARG HA   H  N N 28  
ARG HB2  H  N N 29  
ARG HB3  H  N N 30  
ARG HG2  H  N N 31  
ARG HG3  H  N N 32  
ARG HD2  H  N N 33  
ARG HD3  H  N N 34  
ARG HE   H  N N 35  
ARG HH11 H  N N 36  
ARG HH12 H  N N 37  
ARG HH21 H  N N 38  
ARG HH22 H  N N 39  
ARG HXT  H  N N 40  
ASN N    N  N N 41  
ASN CA   C  N S 42  
ASN C    C  N N 43  
ASN O    O  N N 44  
ASN CB   C  N N 45  
ASN CG   C  N N 46  
ASN OD1  O  N N 47  
ASN ND2  N  N N 48  
ASN OXT  O  N N 49  
ASN H    H  N N 50  
ASN H2   H  N N 51  
ASN HA   H  N N 52  
ASN HB2  H  N N 53  
ASN HB3  H  N N 54  
ASN HD21 H  N N 55  
ASN HD22 H  N N 56  
ASN HXT  H  N N 57  
ASP N    N  N N 58  
ASP CA   C  N S 59  
ASP C    C  N N 60  
ASP O    O  N N 61  
ASP CB   C  N N 62  
ASP CG   C  N N 63  
ASP OD1  O  N N 64  
ASP OD2  O  N N 65  
ASP OXT  O  N N 66  
ASP H    H  N N 67  
ASP H2   H  N N 68  
ASP HA   H  N N 69  
ASP HB2  H  N N 70  
ASP HB3  H  N N 71  
ASP HD2  H  N N 72  
ASP HXT  H  N N 73  
CYS N    N  N N 74  
CYS CA   C  N R 75  
CYS C    C  N N 76  
CYS O    O  N N 77  
CYS CB   C  N N 78  
CYS SG   S  N N 79  
CYS OXT  O  N N 80  
CYS H    H  N N 81  
CYS H2   H  N N 82  
CYS HA   H  N N 83  
CYS HB2  H  N N 84  
CYS HB3  H  N N 85  
CYS HG   H  N N 86  
CYS HXT  H  N N 87  
DMS S    S  N N 88  
DMS O    O  N N 89  
DMS C1   C  N N 90  
DMS C2   C  N N 91  
DMS H11  H  N N 92  
DMS H12  H  N N 93  
DMS H13  H  N N 94  
DMS H21  H  N N 95  
DMS H22  H  N N 96  
DMS H23  H  N N 97  
GLN N    N  N N 98  
GLN CA   C  N S 99  
GLN C    C  N N 100 
GLN O    O  N N 101 
GLN CB   C  N N 102 
GLN CG   C  N N 103 
GLN CD   C  N N 104 
GLN OE1  O  N N 105 
GLN NE2  N  N N 106 
GLN OXT  O  N N 107 
GLN H    H  N N 108 
GLN H2   H  N N 109 
GLN HA   H  N N 110 
GLN HB2  H  N N 111 
GLN HB3  H  N N 112 
GLN HG2  H  N N 113 
GLN HG3  H  N N 114 
GLN HE21 H  N N 115 
GLN HE22 H  N N 116 
GLN HXT  H  N N 117 
GLU N    N  N N 118 
GLU CA   C  N S 119 
GLU C    C  N N 120 
GLU O    O  N N 121 
GLU CB   C  N N 122 
GLU CG   C  N N 123 
GLU CD   C  N N 124 
GLU OE1  O  N N 125 
GLU OE2  O  N N 126 
GLU OXT  O  N N 127 
GLU H    H  N N 128 
GLU H2   H  N N 129 
GLU HA   H  N N 130 
GLU HB2  H  N N 131 
GLU HB3  H  N N 132 
GLU HG2  H  N N 133 
GLU HG3  H  N N 134 
GLU HE2  H  N N 135 
GLU HXT  H  N N 136 
GLY N    N  N N 137 
GLY CA   C  N N 138 
GLY C    C  N N 139 
GLY O    O  N N 140 
GLY OXT  O  N N 141 
GLY H    H  N N 142 
GLY H2   H  N N 143 
GLY HA2  H  N N 144 
GLY HA3  H  N N 145 
GLY HXT  H  N N 146 
HIS N    N  N N 147 
HIS CA   C  N S 148 
HIS C    C  N N 149 
HIS O    O  N N 150 
HIS CB   C  N N 151 
HIS CG   C  Y N 152 
HIS ND1  N  Y N 153 
HIS CD2  C  Y N 154 
HIS CE1  C  Y N 155 
HIS NE2  N  Y N 156 
HIS OXT  O  N N 157 
HIS H    H  N N 158 
HIS H2   H  N N 159 
HIS HA   H  N N 160 
HIS HB2  H  N N 161 
HIS HB3  H  N N 162 
HIS HD1  H  N N 163 
HIS HD2  H  N N 164 
HIS HE1  H  N N 165 
HIS HE2  H  N N 166 
HIS HXT  H  N N 167 
HOH O    O  N N 168 
HOH H1   H  N N 169 
HOH H2   H  N N 170 
ILE N    N  N N 171 
ILE CA   C  N S 172 
ILE C    C  N N 173 
ILE O    O  N N 174 
ILE CB   C  N S 175 
ILE CG1  C  N N 176 
ILE CG2  C  N N 177 
ILE CD1  C  N N 178 
ILE OXT  O  N N 179 
ILE H    H  N N 180 
ILE H2   H  N N 181 
ILE HA   H  N N 182 
ILE HB   H  N N 183 
ILE HG12 H  N N 184 
ILE HG13 H  N N 185 
ILE HG21 H  N N 186 
ILE HG22 H  N N 187 
ILE HG23 H  N N 188 
ILE HD11 H  N N 189 
ILE HD12 H  N N 190 
ILE HD13 H  N N 191 
ILE HXT  H  N N 192 
K4R N1   N  N N 193 
K4R N3   N  Y N 194 
K4R C4   C  Y N 195 
K4R C5   C  Y N 196 
K4R C6   C  Y N 197 
K4R C7   C  Y N 198 
K4R C8   C  Y N 199 
K4R C1   C  N N 200 
K4R C2   C  Y N 201 
K4R C3   C  Y N 202 
K4R N2   N  Y N 203 
K4R H1   H  N N 204 
K4R H2   H  N N 205 
K4R H3   H  N N 206 
K4R H4   H  N N 207 
K4R H5   H  N N 208 
LEU N    N  N N 209 
LEU CA   C  N S 210 
LEU C    C  N N 211 
LEU O    O  N N 212 
LEU CB   C  N N 213 
LEU CG   C  N N 214 
LEU CD1  C  N N 215 
LEU CD2  C  N N 216 
LEU OXT  O  N N 217 
LEU H    H  N N 218 
LEU H2   H  N N 219 
LEU HA   H  N N 220 
LEU HB2  H  N N 221 
LEU HB3  H  N N 222 
LEU HG   H  N N 223 
LEU HD11 H  N N 224 
LEU HD12 H  N N 225 
LEU HD13 H  N N 226 
LEU HD21 H  N N 227 
LEU HD22 H  N N 228 
LEU HD23 H  N N 229 
LEU HXT  H  N N 230 
LYS N    N  N N 231 
LYS CA   C  N S 232 
LYS C    C  N N 233 
LYS O    O  N N 234 
LYS CB   C  N N 235 
LYS CG   C  N N 236 
LYS CD   C  N N 237 
LYS CE   C  N N 238 
LYS NZ   N  N N 239 
LYS OXT  O  N N 240 
LYS H    H  N N 241 
LYS H2   H  N N 242 
LYS HA   H  N N 243 
LYS HB2  H  N N 244 
LYS HB3  H  N N 245 
LYS HG2  H  N N 246 
LYS HG3  H  N N 247 
LYS HD2  H  N N 248 
LYS HD3  H  N N 249 
LYS HE2  H  N N 250 
LYS HE3  H  N N 251 
LYS HZ1  H  N N 252 
LYS HZ2  H  N N 253 
LYS HZ3  H  N N 254 
LYS HXT  H  N N 255 
MET N    N  N N 256 
MET CA   C  N S 257 
MET C    C  N N 258 
MET O    O  N N 259 
MET CB   C  N N 260 
MET CG   C  N N 261 
MET SD   S  N N 262 
MET CE   C  N N 263 
MET OXT  O  N N 264 
MET H    H  N N 265 
MET H2   H  N N 266 
MET HA   H  N N 267 
MET HB2  H  N N 268 
MET HB3  H  N N 269 
MET HG2  H  N N 270 
MET HG3  H  N N 271 
MET HE1  H  N N 272 
MET HE2  H  N N 273 
MET HE3  H  N N 274 
MET HXT  H  N N 275 
PHE N    N  N N 276 
PHE CA   C  N S 277 
PHE C    C  N N 278 
PHE O    O  N N 279 
PHE CB   C  N N 280 
PHE CG   C  Y N 281 
PHE CD1  C  Y N 282 
PHE CD2  C  Y N 283 
PHE CE1  C  Y N 284 
PHE CE2  C  Y N 285 
PHE CZ   C  Y N 286 
PHE OXT  O  N N 287 
PHE H    H  N N 288 
PHE H2   H  N N 289 
PHE HA   H  N N 290 
PHE HB2  H  N N 291 
PHE HB3  H  N N 292 
PHE HD1  H  N N 293 
PHE HD2  H  N N 294 
PHE HE1  H  N N 295 
PHE HE2  H  N N 296 
PHE HZ   H  N N 297 
PHE HXT  H  N N 298 
PRO N    N  N N 299 
PRO CA   C  N S 300 
PRO C    C  N N 301 
PRO O    O  N N 302 
PRO CB   C  N N 303 
PRO CG   C  N N 304 
PRO CD   C  N N 305 
PRO OXT  O  N N 306 
PRO H    H  N N 307 
PRO HA   H  N N 308 
PRO HB2  H  N N 309 
PRO HB3  H  N N 310 
PRO HG2  H  N N 311 
PRO HG3  H  N N 312 
PRO HD2  H  N N 313 
PRO HD3  H  N N 314 
PRO HXT  H  N N 315 
SER N    N  N N 316 
SER CA   C  N S 317 
SER C    C  N N 318 
SER O    O  N N 319 
SER CB   C  N N 320 
SER OG   O  N N 321 
SER OXT  O  N N 322 
SER H    H  N N 323 
SER H2   H  N N 324 
SER HA   H  N N 325 
SER HB2  H  N N 326 
SER HB3  H  N N 327 
SER HG   H  N N 328 
SER HXT  H  N N 329 
SO4 S    S  N N 330 
SO4 O1   O  N N 331 
SO4 O2   O  N N 332 
SO4 O3   O  N N 333 
SO4 O4   O  N N 334 
THR N    N  N N 335 
THR CA   C  N S 336 
THR C    C  N N 337 
THR O    O  N N 338 
THR CB   C  N R 339 
THR OG1  O  N N 340 
THR CG2  C  N N 341 
THR OXT  O  N N 342 
THR H    H  N N 343 
THR H2   H  N N 344 
THR HA   H  N N 345 
THR HB   H  N N 346 
THR HG1  H  N N 347 
THR HG21 H  N N 348 
THR HG22 H  N N 349 
THR HG23 H  N N 350 
THR HXT  H  N N 351 
TRP N    N  N N 352 
TRP CA   C  N S 353 
TRP C    C  N N 354 
TRP O    O  N N 355 
TRP CB   C  N N 356 
TRP CG   C  Y N 357 
TRP CD1  C  Y N 358 
TRP CD2  C  Y N 359 
TRP NE1  N  Y N 360 
TRP CE2  C  Y N 361 
TRP CE3  C  Y N 362 
TRP CZ2  C  Y N 363 
TRP CZ3  C  Y N 364 
TRP CH2  C  Y N 365 
TRP OXT  O  N N 366 
TRP H    H  N N 367 
TRP H2   H  N N 368 
TRP HA   H  N N 369 
TRP HB2  H  N N 370 
TRP HB3  H  N N 371 
TRP HD1  H  N N 372 
TRP HE1  H  N N 373 
TRP HE3  H  N N 374 
TRP HZ2  H  N N 375 
TRP HZ3  H  N N 376 
TRP HH2  H  N N 377 
TRP HXT  H  N N 378 
TYR N    N  N N 379 
TYR CA   C  N S 380 
TYR C    C  N N 381 
TYR O    O  N N 382 
TYR CB   C  N N 383 
TYR CG   C  Y N 384 
TYR CD1  C  Y N 385 
TYR CD2  C  Y N 386 
TYR CE1  C  Y N 387 
TYR CE2  C  Y N 388 
TYR CZ   C  Y N 389 
TYR OH   O  N N 390 
TYR OXT  O  N N 391 
TYR H    H  N N 392 
TYR H2   H  N N 393 
TYR HA   H  N N 394 
TYR HB2  H  N N 395 
TYR HB3  H  N N 396 
TYR HD1  H  N N 397 
TYR HD2  H  N N 398 
TYR HE1  H  N N 399 
TYR HE2  H  N N 400 
TYR HH   H  N N 401 
TYR HXT  H  N N 402 
VAL N    N  N N 403 
VAL CA   C  N S 404 
VAL C    C  N N 405 
VAL O    O  N N 406 
VAL CB   C  N N 407 
VAL CG1  C  N N 408 
VAL CG2  C  N N 409 
VAL OXT  O  N N 410 
VAL H    H  N N 411 
VAL H2   H  N N 412 
VAL HA   H  N N 413 
VAL HB   H  N N 414 
VAL HG11 H  N N 415 
VAL HG12 H  N N 416 
VAL HG13 H  N N 417 
VAL HG21 H  N N 418 
VAL HG22 H  N N 419 
VAL HG23 H  N N 420 
VAL HXT  H  N N 421 
ZN  ZN   ZN N N 422 
# 
loop_
_chem_comp_bond.comp_id 
_chem_comp_bond.atom_id_1 
_chem_comp_bond.atom_id_2 
_chem_comp_bond.value_order 
_chem_comp_bond.pdbx_aromatic_flag 
_chem_comp_bond.pdbx_stereo_config 
_chem_comp_bond.pdbx_ordinal 
ALA N   CA   sing N N 1   
ALA N   H    sing N N 2   
ALA N   H2   sing N N 3   
ALA CA  C    sing N N 4   
ALA CA  CB   sing N N 5   
ALA CA  HA   sing N N 6   
ALA C   O    doub N N 7   
ALA C   OXT  sing N N 8   
ALA CB  HB1  sing N N 9   
ALA CB  HB2  sing N N 10  
ALA CB  HB3  sing N N 11  
ALA OXT HXT  sing N N 12  
ARG N   CA   sing N N 13  
ARG N   H    sing N N 14  
ARG N   H2   sing N N 15  
ARG CA  C    sing N N 16  
ARG CA  CB   sing N N 17  
ARG CA  HA   sing N N 18  
ARG C   O    doub N N 19  
ARG C   OXT  sing N N 20  
ARG CB  CG   sing N N 21  
ARG CB  HB2  sing N N 22  
ARG CB  HB3  sing N N 23  
ARG CG  CD   sing N N 24  
ARG CG  HG2  sing N N 25  
ARG CG  HG3  sing N N 26  
ARG CD  NE   sing N N 27  
ARG CD  HD2  sing N N 28  
ARG CD  HD3  sing N N 29  
ARG NE  CZ   sing N N 30  
ARG NE  HE   sing N N 31  
ARG CZ  NH1  sing N N 32  
ARG CZ  NH2  doub N N 33  
ARG NH1 HH11 sing N N 34  
ARG NH1 HH12 sing N N 35  
ARG NH2 HH21 sing N N 36  
ARG NH2 HH22 sing N N 37  
ARG OXT HXT  sing N N 38  
ASN N   CA   sing N N 39  
ASN N   H    sing N N 40  
ASN N   H2   sing N N 41  
ASN CA  C    sing N N 42  
ASN CA  CB   sing N N 43  
ASN CA  HA   sing N N 44  
ASN C   O    doub N N 45  
ASN C   OXT  sing N N 46  
ASN CB  CG   sing N N 47  
ASN CB  HB2  sing N N 48  
ASN CB  HB3  sing N N 49  
ASN CG  OD1  doub N N 50  
ASN CG  ND2  sing N N 51  
ASN ND2 HD21 sing N N 52  
ASN ND2 HD22 sing N N 53  
ASN OXT HXT  sing N N 54  
ASP N   CA   sing N N 55  
ASP N   H    sing N N 56  
ASP N   H2   sing N N 57  
ASP CA  C    sing N N 58  
ASP CA  CB   sing N N 59  
ASP CA  HA   sing N N 60  
ASP C   O    doub N N 61  
ASP C   OXT  sing N N 62  
ASP CB  CG   sing N N 63  
ASP CB  HB2  sing N N 64  
ASP CB  HB3  sing N N 65  
ASP CG  OD1  doub N N 66  
ASP CG  OD2  sing N N 67  
ASP OD2 HD2  sing N N 68  
ASP OXT HXT  sing N N 69  
CYS N   CA   sing N N 70  
CYS N   H    sing N N 71  
CYS N   H2   sing N N 72  
CYS CA  C    sing N N 73  
CYS CA  CB   sing N N 74  
CYS CA  HA   sing N N 75  
CYS C   O    doub N N 76  
CYS C   OXT  sing N N 77  
CYS CB  SG   sing N N 78  
CYS CB  HB2  sing N N 79  
CYS CB  HB3  sing N N 80  
CYS SG  HG   sing N N 81  
CYS OXT HXT  sing N N 82  
DMS S   O    doub N N 83  
DMS S   C1   sing N N 84  
DMS S   C2   sing N N 85  
DMS C1  H11  sing N N 86  
DMS C1  H12  sing N N 87  
DMS C1  H13  sing N N 88  
DMS C2  H21  sing N N 89  
DMS C2  H22  sing N N 90  
DMS C2  H23  sing N N 91  
GLN N   CA   sing N N 92  
GLN N   H    sing N N 93  
GLN N   H2   sing N N 94  
GLN CA  C    sing N N 95  
GLN CA  CB   sing N N 96  
GLN CA  HA   sing N N 97  
GLN C   O    doub N N 98  
GLN C   OXT  sing N N 99  
GLN CB  CG   sing N N 100 
GLN CB  HB2  sing N N 101 
GLN CB  HB3  sing N N 102 
GLN CG  CD   sing N N 103 
GLN CG  HG2  sing N N 104 
GLN CG  HG3  sing N N 105 
GLN CD  OE1  doub N N 106 
GLN CD  NE2  sing N N 107 
GLN NE2 HE21 sing N N 108 
GLN NE2 HE22 sing N N 109 
GLN OXT HXT  sing N N 110 
GLU N   CA   sing N N 111 
GLU N   H    sing N N 112 
GLU N   H2   sing N N 113 
GLU CA  C    sing N N 114 
GLU CA  CB   sing N N 115 
GLU CA  HA   sing N N 116 
GLU C   O    doub N N 117 
GLU C   OXT  sing N N 118 
GLU CB  CG   sing N N 119 
GLU CB  HB2  sing N N 120 
GLU CB  HB3  sing N N 121 
GLU CG  CD   sing N N 122 
GLU CG  HG2  sing N N 123 
GLU CG  HG3  sing N N 124 
GLU CD  OE1  doub N N 125 
GLU CD  OE2  sing N N 126 
GLU OE2 HE2  sing N N 127 
GLU OXT HXT  sing N N 128 
GLY N   CA   sing N N 129 
GLY N   H    sing N N 130 
GLY N   H2   sing N N 131 
GLY CA  C    sing N N 132 
GLY CA  HA2  sing N N 133 
GLY CA  HA3  sing N N 134 
GLY C   O    doub N N 135 
GLY C   OXT  sing N N 136 
GLY OXT HXT  sing N N 137 
HIS N   CA   sing N N 138 
HIS N   H    sing N N 139 
HIS N   H2   sing N N 140 
HIS CA  C    sing N N 141 
HIS CA  CB   sing N N 142 
HIS CA  HA   sing N N 143 
HIS C   O    doub N N 144 
HIS C   OXT  sing N N 145 
HIS CB  CG   sing N N 146 
HIS CB  HB2  sing N N 147 
HIS CB  HB3  sing N N 148 
HIS CG  ND1  sing Y N 149 
HIS CG  CD2  doub Y N 150 
HIS ND1 CE1  doub Y N 151 
HIS ND1 HD1  sing N N 152 
HIS CD2 NE2  sing Y N 153 
HIS CD2 HD2  sing N N 154 
HIS CE1 NE2  sing Y N 155 
HIS CE1 HE1  sing N N 156 
HIS NE2 HE2  sing N N 157 
HIS OXT HXT  sing N N 158 
HOH O   H1   sing N N 159 
HOH O   H2   sing N N 160 
ILE N   CA   sing N N 161 
ILE N   H    sing N N 162 
ILE N   H2   sing N N 163 
ILE CA  C    sing N N 164 
ILE CA  CB   sing N N 165 
ILE CA  HA   sing N N 166 
ILE C   O    doub N N 167 
ILE C   OXT  sing N N 168 
ILE CB  CG1  sing N N 169 
ILE CB  CG2  sing N N 170 
ILE CB  HB   sing N N 171 
ILE CG1 CD1  sing N N 172 
ILE CG1 HG12 sing N N 173 
ILE CG1 HG13 sing N N 174 
ILE CG2 HG21 sing N N 175 
ILE CG2 HG22 sing N N 176 
ILE CG2 HG23 sing N N 177 
ILE CD1 HD11 sing N N 178 
ILE CD1 HD12 sing N N 179 
ILE CD1 HD13 sing N N 180 
ILE OXT HXT  sing N N 181 
K4R N1  C1   trip N N 182 
K4R C1  C2   sing N N 183 
K4R C2  N2   doub Y N 184 
K4R N2  N3   sing Y N 185 
K4R N3  C3   sing Y N 186 
K4R C3  C4   doub Y N 187 
K4R C4  C5   sing Y N 188 
K4R C5  C6   doub Y N 189 
K4R C6  C7   sing Y N 190 
K4R C7  C8   doub Y N 191 
K4R C2  C8   sing Y N 192 
K4R C3  C8   sing Y N 193 
K4R N3  H1   sing N N 194 
K4R C4  H2   sing N N 195 
K4R C5  H3   sing N N 196 
K4R C6  H4   sing N N 197 
K4R C7  H5   sing N N 198 
LEU N   CA   sing N N 199 
LEU N   H    sing N N 200 
LEU N   H2   sing N N 201 
LEU CA  C    sing N N 202 
LEU CA  CB   sing N N 203 
LEU CA  HA   sing N N 204 
LEU C   O    doub N N 205 
LEU C   OXT  sing N N 206 
LEU CB  CG   sing N N 207 
LEU CB  HB2  sing N N 208 
LEU CB  HB3  sing N N 209 
LEU CG  CD1  sing N N 210 
LEU CG  CD2  sing N N 211 
LEU CG  HG   sing N N 212 
LEU CD1 HD11 sing N N 213 
LEU CD1 HD12 sing N N 214 
LEU CD1 HD13 sing N N 215 
LEU CD2 HD21 sing N N 216 
LEU CD2 HD22 sing N N 217 
LEU CD2 HD23 sing N N 218 
LEU OXT HXT  sing N N 219 
LYS N   CA   sing N N 220 
LYS N   H    sing N N 221 
LYS N   H2   sing N N 222 
LYS CA  C    sing N N 223 
LYS CA  CB   sing N N 224 
LYS CA  HA   sing N N 225 
LYS C   O    doub N N 226 
LYS C   OXT  sing N N 227 
LYS CB  CG   sing N N 228 
LYS CB  HB2  sing N N 229 
LYS CB  HB3  sing N N 230 
LYS CG  CD   sing N N 231 
LYS CG  HG2  sing N N 232 
LYS CG  HG3  sing N N 233 
LYS CD  CE   sing N N 234 
LYS CD  HD2  sing N N 235 
LYS CD  HD3  sing N N 236 
LYS CE  NZ   sing N N 237 
LYS CE  HE2  sing N N 238 
LYS CE  HE3  sing N N 239 
LYS NZ  HZ1  sing N N 240 
LYS NZ  HZ2  sing N N 241 
LYS NZ  HZ3  sing N N 242 
LYS OXT HXT  sing N N 243 
MET N   CA   sing N N 244 
MET N   H    sing N N 245 
MET N   H2   sing N N 246 
MET CA  C    sing N N 247 
MET CA  CB   sing N N 248 
MET CA  HA   sing N N 249 
MET C   O    doub N N 250 
MET C   OXT  sing N N 251 
MET CB  CG   sing N N 252 
MET CB  HB2  sing N N 253 
MET CB  HB3  sing N N 254 
MET CG  SD   sing N N 255 
MET CG  HG2  sing N N 256 
MET CG  HG3  sing N N 257 
MET SD  CE   sing N N 258 
MET CE  HE1  sing N N 259 
MET CE  HE2  sing N N 260 
MET CE  HE3  sing N N 261 
MET OXT HXT  sing N N 262 
PHE N   CA   sing N N 263 
PHE N   H    sing N N 264 
PHE N   H2   sing N N 265 
PHE CA  C    sing N N 266 
PHE CA  CB   sing N N 267 
PHE CA  HA   sing N N 268 
PHE C   O    doub N N 269 
PHE C   OXT  sing N N 270 
PHE CB  CG   sing N N 271 
PHE CB  HB2  sing N N 272 
PHE CB  HB3  sing N N 273 
PHE CG  CD1  doub Y N 274 
PHE CG  CD2  sing Y N 275 
PHE CD1 CE1  sing Y N 276 
PHE CD1 HD1  sing N N 277 
PHE CD2 CE2  doub Y N 278 
PHE CD2 HD2  sing N N 279 
PHE CE1 CZ   doub Y N 280 
PHE CE1 HE1  sing N N 281 
PHE CE2 CZ   sing Y N 282 
PHE CE2 HE2  sing N N 283 
PHE CZ  HZ   sing N N 284 
PHE OXT HXT  sing N N 285 
PRO N   CA   sing N N 286 
PRO N   CD   sing N N 287 
PRO N   H    sing N N 288 
PRO CA  C    sing N N 289 
PRO CA  CB   sing N N 290 
PRO CA  HA   sing N N 291 
PRO C   O    doub N N 292 
PRO C   OXT  sing N N 293 
PRO CB  CG   sing N N 294 
PRO CB  HB2  sing N N 295 
PRO CB  HB3  sing N N 296 
PRO CG  CD   sing N N 297 
PRO CG  HG2  sing N N 298 
PRO CG  HG3  sing N N 299 
PRO CD  HD2  sing N N 300 
PRO CD  HD3  sing N N 301 
PRO OXT HXT  sing N N 302 
SER N   CA   sing N N 303 
SER N   H    sing N N 304 
SER N   H2   sing N N 305 
SER CA  C    sing N N 306 
SER CA  CB   sing N N 307 
SER CA  HA   sing N N 308 
SER C   O    doub N N 309 
SER C   OXT  sing N N 310 
SER CB  OG   sing N N 311 
SER CB  HB2  sing N N 312 
SER CB  HB3  sing N N 313 
SER OG  HG   sing N N 314 
SER OXT HXT  sing N N 315 
SO4 S   O1   doub N N 316 
SO4 S   O2   doub N N 317 
SO4 S   O3   sing N N 318 
SO4 S   O4   sing N N 319 
THR N   CA   sing N N 320 
THR N   H    sing N N 321 
THR N   H2   sing N N 322 
THR CA  C    sing N N 323 
THR CA  CB   sing N N 324 
THR CA  HA   sing N N 325 
THR C   O    doub N N 326 
THR C   OXT  sing N N 327 
THR CB  OG1  sing N N 328 
THR CB  CG2  sing N N 329 
THR CB  HB   sing N N 330 
THR OG1 HG1  sing N N 331 
THR CG2 HG21 sing N N 332 
THR CG2 HG22 sing N N 333 
THR CG2 HG23 sing N N 334 
THR OXT HXT  sing N N 335 
TRP N   CA   sing N N 336 
TRP N   H    sing N N 337 
TRP N   H2   sing N N 338 
TRP CA  C    sing N N 339 
TRP CA  CB   sing N N 340 
TRP CA  HA   sing N N 341 
TRP C   O    doub N N 342 
TRP C   OXT  sing N N 343 
TRP CB  CG   sing N N 344 
TRP CB  HB2  sing N N 345 
TRP CB  HB3  sing N N 346 
TRP CG  CD1  doub Y N 347 
TRP CG  CD2  sing Y N 348 
TRP CD1 NE1  sing Y N 349 
TRP CD1 HD1  sing N N 350 
TRP CD2 CE2  doub Y N 351 
TRP CD2 CE3  sing Y N 352 
TRP NE1 CE2  sing Y N 353 
TRP NE1 HE1  sing N N 354 
TRP CE2 CZ2  sing Y N 355 
TRP CE3 CZ3  doub Y N 356 
TRP CE3 HE3  sing N N 357 
TRP CZ2 CH2  doub Y N 358 
TRP CZ2 HZ2  sing N N 359 
TRP CZ3 CH2  sing Y N 360 
TRP CZ3 HZ3  sing N N 361 
TRP CH2 HH2  sing N N 362 
TRP OXT HXT  sing N N 363 
TYR N   CA   sing N N 364 
TYR N   H    sing N N 365 
TYR N   H2   sing N N 366 
TYR CA  C    sing N N 367 
TYR CA  CB   sing N N 368 
TYR CA  HA   sing N N 369 
TYR C   O    doub N N 370 
TYR C   OXT  sing N N 371 
TYR CB  CG   sing N N 372 
TYR CB  HB2  sing N N 373 
TYR CB  HB3  sing N N 374 
TYR CG  CD1  doub Y N 375 
TYR CG  CD2  sing Y N 376 
TYR CD1 CE1  sing Y N 377 
TYR CD1 HD1  sing N N 378 
TYR CD2 CE2  doub Y N 379 
TYR CD2 HD2  sing N N 380 
TYR CE1 CZ   doub Y N 381 
TYR CE1 HE1  sing N N 382 
TYR CE2 CZ   sing Y N 383 
TYR CE2 HE2  sing N N 384 
TYR CZ  OH   sing N N 385 
TYR OH  HH   sing N N 386 
TYR OXT HXT  sing N N 387 
VAL N   CA   sing N N 388 
VAL N   H    sing N N 389 
VAL N   H2   sing N N 390 
VAL CA  C    sing N N 391 
VAL CA  CB   sing N N 392 
VAL CA  HA   sing N N 393 
VAL C   O    doub N N 394 
VAL C   OXT  sing N N 395 
VAL CB  CG1  sing N N 396 
VAL CB  CG2  sing N N 397 
VAL CB  HB   sing N N 398 
VAL CG1 HG11 sing N N 399 
VAL CG1 HG12 sing N N 400 
VAL CG1 HG13 sing N N 401 
VAL CG2 HG21 sing N N 402 
VAL CG2 HG22 sing N N 403 
VAL CG2 HG23 sing N N 404 
VAL OXT HXT  sing N N 405 
# 
_pdbx_audit_support.funding_organization   
'National Institutes of Health/National Institute Of Allergy and Infectious Diseases (NIH/NIAID)' 
_pdbx_audit_support.country                'United States' 
_pdbx_audit_support.grant_number           U19AI171399 
_pdbx_audit_support.ordinal                1 
# 
_pdbx_deposit_group.group_id            G_1002288 
_pdbx_deposit_group.group_description   'Crystallographic fragment screening of Coxsackievirus A16 (G-10) 2A protease' 
_pdbx_deposit_group.group_title         
'Group deposition for crystallographic fragment screening of Coxsackievirus A16 (G-10) 2A protease' 
_pdbx_deposit_group.group_type          'changed state' 
# 
_atom_sites.entry_id                    7H3U 
_atom_sites.fract_transf_matrix[1][1]   -0.00151262 
_atom_sites.fract_transf_matrix[1][2]   0.00659020 
_atom_sites.fract_transf_matrix[1][3]   0.01202437 
_atom_sites.fract_transf_matrix[2][1]   -0.01278760 
_atom_sites.fract_transf_matrix[2][2]   -0.00964515 
_atom_sites.fract_transf_matrix[2][3]   0.00367759 
_atom_sites.fract_transf_matrix[3][1]   0.01895642 
_atom_sites.fract_transf_matrix[3][2]   -0.01946275 
_atom_sites.fract_transf_matrix[3][3]   0.01487011 
_atom_sites.fract_transf_vector[1]      0.221578 
_atom_sites.fract_transf_vector[2]      0.136526 
_atom_sites.fract_transf_vector[3]      0.435361 
# 
loop_
_atom_type.symbol 
C  
N  
O  
S  
ZN 
# 
loop_
_atom_site.group_PDB 
_atom_site.id 
_atom_site.type_symbol 
_atom_site.label_atom_id 
_atom_site.label_alt_id 
_atom_site.label_comp_id 
_atom_site.label_asym_id 
_atom_site.label_entity_id 
_atom_site.label_seq_id 
_atom_site.pdbx_PDB_ins_code 
_atom_site.Cartn_x 
_atom_site.Cartn_y 
_atom_site.Cartn_z 
_atom_site.occupancy 
_atom_site.B_iso_or_equiv 
_atom_site.pdbx_formal_charge 
_atom_site.auth_seq_id 
_atom_site.auth_comp_id 
_atom_site.auth_asym_id 
_atom_site.auth_atom_id 
_atom_site.pdbx_PDB_model_num 
ATOM   1    N  N   . SER A 1 7   ? 5.974   -4.176  7.757   1.00 26.93  ? 7   SER A N   1 
ATOM   2    C  CA  . SER A 1 7   ? 5.160   -3.081  8.382   1.00 27.10  ? 7   SER A CA  1 
ATOM   3    C  C   . SER A 1 7   ? 5.432   -1.765  7.657   1.00 24.73  ? 7   SER A C   1 
ATOM   4    O  O   . SER A 1 7   ? 6.418   -1.718  6.837   1.00 22.66  ? 7   SER A O   1 
ATOM   5    C  CB  . SER A 1 7   ? 5.407   -2.939  9.871   1.00 32.90  ? 7   SER A CB  1 
ATOM   6    O  OG  . SER A 1 7   ? 6.776   -2.677  10.126  1.00 34.57  ? 7   SER A OG  1 
ATOM   7    N  N   . GLY A 1 8   ? 4.594   -0.768  7.942   1.00 21.48  ? 8   GLY A N   1 
ATOM   8    C  CA  . GLY A 1 8   ? 4.725   0.597   7.402   1.00 19.45  ? 8   GLY A CA  1 
ATOM   9    C  C   . GLY A 1 8   ? 3.390   1.234   7.085   1.00 17.73  ? 8   GLY A C   1 
ATOM   10   O  O   . GLY A 1 8   ? 2.401   0.542   6.875   1.00 19.97  ? 8   GLY A O   1 
ATOM   11   N  N   . ALA A 1 9   ? 3.368   2.545   7.073   1.00 15.81  ? 9   ALA A N   1 
ATOM   12   C  CA  . ALA A 1 9   ? 2.158   3.343   6.835   1.00 14.87  ? 9   ALA A CA  1 
ATOM   13   C  C   . ALA A 1 9   ? 2.486   4.601   6.072   1.00 16.04  ? 9   ALA A C   1 
ATOM   14   O  O   . ALA A 1 9   ? 3.622   5.045   6.098   1.00 17.60  ? 9   ALA A O   1 
ATOM   15   C  CB  . ALA A 1 9   ? 1.504   3.720   8.134   1.00 17.01  ? 9   ALA A CB  1 
ATOM   16   N  N   . ILE A 1 10  ? 1.470   5.180   5.496   1.00 14.38  ? 10  ILE A N   1 
ATOM   17   C  CA  . ILE A 1 10  ? 1.453   6.532   4.893   1.00 15.28  ? 10  ILE A CA  1 
ATOM   18   C  C   . ILE A 1 10  ? 0.733   7.485   5.829   1.00 16.93  ? 10  ILE A C   1 
ATOM   19   O  O   . ILE A 1 10  ? -0.398  7.186   6.288   1.00 16.76  ? 10  ILE A O   1 
ATOM   20   C  CB  . ILE A 1 10  ? 0.768   6.524   3.514   1.00 16.14  ? 10  ILE A CB  1 
ATOM   21   C  CG1 . ILE A 1 10  ? 1.301   5.420   2.591   1.00 16.25  ? 10  ILE A CG1 1 
ATOM   22   C  CG2 . ILE A 1 10  ? 0.835   7.919   2.892   1.00 17.70  ? 10  ILE A CG2 1 
ATOM   23   C  CD1 . ILE A 1 10  ? 0.442   5.200   1.399   1.00 16.47  ? 10  ILE A CD1 1 
ATOM   24   N  N   . TYR A 1 11  ? 1.328   8.646   6.063   1.00 18.23  ? 11  TYR A N   1 
ATOM   25   C  CA  . TYR A 1 11  ? 0.764   9.699   6.936   1.00 19.52  ? 11  TYR A CA  1 
ATOM   26   C  C   . TYR A 1 11  ? 0.532   10.949  6.099   1.00 22.09  ? 11  TYR A C   1 
ATOM   27   O  O   . TYR A 1 11  ? 1.508   11.638  5.725   1.00 23.95  ? 11  TYR A O   1 
ATOM   28   C  CB  . TYR A 1 11  ? 1.667   9.934   8.142   1.00 20.11  ? 11  TYR A CB  1 
ATOM   29   C  CG  . TYR A 1 11  ? 1.790   8.726   9.025   1.00 20.11  ? 11  TYR A CG  1 
ATOM   30   C  CD1 . TYR A 1 11  ? 0.839   8.430   9.987   1.00 20.77  ? 11  TYR A CD1 1 
ATOM   31   C  CD2 . TYR A 1 11  ? 2.821   7.816   8.861   1.00 19.99  ? 11  TYR A CD2 1 
ATOM   32   C  CE1 . TYR A 1 11  ? 0.951   7.293   10.782  1.00 20.57  ? 11  TYR A CE1 1 
ATOM   33   C  CE2 . TYR A 1 11  ? 2.925   6.665   9.628   1.00 21.25  ? 11  TYR A CE2 1 
ATOM   34   C  CZ  . TYR A 1 11  ? 2.013   6.415   10.632  1.00 20.05  ? 11  TYR A CZ  1 
ATOM   35   O  OH  . TYR A 1 11  ? 2.200   5.243   11.319  1.00 23.02  ? 11  TYR A OH  1 
ATOM   36   N  N   . VAL A 1 12  ? -0.716  11.219  5.760   1.00 20.06  ? 12  VAL A N   1 
ATOM   37   C  CA  . VAL A 1 12  ? -1.098  12.431  4.981   1.00 23.06  ? 12  VAL A CA  1 
ATOM   38   C  C   . VAL A 1 12  ? -2.268  13.126  5.686   1.00 23.19  ? 12  VAL A C   1 
ATOM   39   O  O   . VAL A 1 12  ? -3.291  12.461  6.010   1.00 21.83  ? 12  VAL A O   1 
ATOM   40   C  CB  . VAL A 1 12  ? -1.425  12.080  3.505   1.00 24.46  ? 12  VAL A CB  1 
ATOM   41   C  CG1 . VAL A 1 12  ? -2.377  10.905  3.377   1.00 22.68  ? 12  VAL A CG1 1 
ATOM   42   C  CG2 . VAL A 1 12  ? -1.948  13.280  2.738   1.00 27.26  ? 12  VAL A CG2 1 
ATOM   43   N  N   . GLY A 1 13  ? -2.142  14.438  5.941   1.00 26.14  ? 13  GLY A N   1 
ATOM   44   C  CA  . GLY A 1 13  ? -3.141  15.180  6.733   1.00 26.95  ? 13  GLY A CA  1 
ATOM   45   C  C   . GLY A 1 13  ? -3.441  14.472  8.050   1.00 24.08  ? 13  GLY A C   1 
ATOM   46   O  O   . GLY A 1 13  ? -2.502  14.095  8.753   1.00 25.95  ? 13  GLY A O   1 
ATOM   47   N  N   . ASN A 1 14  ? -4.717  14.265  8.351   1.00 26.75  ? 14  ASN A N   1 
ATOM   48   C  CA  . ASN A 1 14  ? -5.154  13.553  9.581   1.00 29.37  ? 14  ASN A CA  1 
ATOM   49   C  C   . ASN A 1 14  ? -5.493  12.101  9.264   1.00 28.07  ? 14  ASN A C   1 
ATOM   50   O  O   . ASN A 1 14  ? -6.410  11.562  9.902   1.00 28.49  ? 14  ASN A O   1 
ATOM   51   C  CB  . ASN A 1 14  ? -6.327  14.270  10.238  1.00 30.73  ? 14  ASN A CB  1 
ATOM   52   C  CG  . ASN A 1 14  ? -5.808  15.471  10.982  1.00 34.30  ? 14  ASN A CG  1 
ATOM   53   O  OD1 . ASN A 1 14  ? -5.098  15.342  11.988  1.00 36.20  ? 14  ASN A OD1 1 
ATOM   54   N  ND2 . ASN A 1 14  ? -6.064  16.626  10.411  1.00 34.31  ? 14  ASN A ND2 1 
ATOM   55   N  N   . TYR A 1 15  ? -4.753  11.493  8.324   1.00 24.40  ? 15  TYR A N   1 
ATOM   56   C  CA  . TYR A 1 15  ? -5.020  10.124  7.847   1.00 22.34  ? 15  TYR A CA  1 
ATOM   57   C  C   . TYR A 1 15  ? -3.752  9.313   8.021   1.00 20.73  ? 15  TYR A C   1 
ATOM   58   O  O   . TYR A 1 15  ? -2.596  9.807   7.788   1.00 21.38  ? 15  TYR A O   1 
ATOM   59   C  CB  . TYR A 1 15  ? -5.520  10.090  6.404   1.00 21.82  ? 15  TYR A CB  1 
ATOM   60   C  CG  . TYR A 1 15  ? -6.848  10.749  6.177   1.00 25.13  ? 15  TYR A CG  1 
ATOM   61   C  CD1 . TYR A 1 15  ? -7.972  10.349  6.891   1.00 24.54  ? 15  TYR A CD1 1 
ATOM   62   C  CD2 . TYR A 1 15  ? -6.976  11.772  5.252   1.00 24.20  ? 15  TYR A CD2 1 
ATOM   63   C  CE1 . TYR A 1 15  ? -9.203  10.936  6.666   1.00 25.46  ? 15  TYR A CE1 1 
ATOM   64   C  CE2 . TYR A 1 15  ? -8.206  12.370  5.018   1.00 27.44  ? 15  TYR A CE2 1 
ATOM   65   C  CZ  . TYR A 1 15  ? -9.314  11.946  5.734   1.00 25.66  ? 15  TYR A CZ  1 
ATOM   66   O  OH  . TYR A 1 15  ? -10.534 12.512  5.519   1.00 26.98  ? 15  TYR A OH  1 
ATOM   67   N  N   . ARG A 1 16  ? -3.980  8.070   8.397   1.00 17.99  ? 16  ARG A N   1 
ATOM   68   C  CA  . ARG A 1 16  ? -2.979  6.991   8.453   1.00 16.94  ? 16  ARG A CA  1 
ATOM   69   C  C   . ARG A 1 16  ? -3.462  5.896   7.512   1.00 16.15  ? 16  ARG A C   1 
ATOM   70   O  O   . ARG A 1 16  ? -4.546  5.354   7.721   1.00 16.64  ? 16  ARG A O   1 
ATOM   71   C  CB  . ARG A 1 16  ? -2.834  6.460   9.878   1.00 19.09  ? 16  ARG A CB  1 
ATOM   72   C  CG  . ARG A 1 16  ? -2.016  5.181   9.987   1.00 20.69  ? 16  ARG A CG  1 
ATOM   73   C  CD  . ARG A 1 16  ? -1.715  4.756   11.430  1.00 19.34  ? 16  ARG A CD  1 
ATOM   74   N  NE  . ARG A 1 16  ? -1.773  3.340   11.686  1.00 20.63  ? 16  ARG A NE  1 
ATOM   75   C  CZ  . ARG A 1 16  ? -0.770  2.474   11.729  1.00 20.05  ? 16  ARG A CZ  1 
ATOM   76   N  NH1 . ARG A 1 16  ? 0.483   2.864   11.517  1.00 22.25  ? 16  ARG A NH1 1 
ATOM   77   N  NH2 . ARG A 1 16  ? -1.007  1.202   11.993  1.00 20.69  ? 16  ARG A NH2 1 
ATOM   78   N  N   . VAL A 1 17  ? -2.694  5.621   6.474   1.00 15.54  ? 17  VAL A N   1 
ATOM   79   C  CA  . VAL A 1 17  ? -2.966  4.533   5.512   1.00 13.43  ? 17  VAL A CA  1 
ATOM   80   C  C   . VAL A 1 17  ? -2.089  3.338   5.815   1.00 14.26  ? 17  VAL A C   1 
ATOM   81   O  O   . VAL A 1 17  ? -0.819  3.471   5.738   1.00 16.64  ? 17  VAL A O   1 
ATOM   82   C  CB  . VAL A 1 17  ? -2.721  4.975   4.070   1.00 13.63  ? 17  VAL A CB  1 
ATOM   83   C  CG1 . VAL A 1 17  ? -3.344  3.927   3.138   1.00 15.24  ? 17  VAL A CG1 1 
ATOM   84   C  CG2 . VAL A 1 17  ? -3.327  6.334   3.845   1.00 15.52  ? 17  VAL A CG2 1 
ATOM   85   N  N   . VAL A 1 18  ? -2.710  2.181   6.050   1.00 14.65  ? 18  VAL A N   1 
ATOM   86   C  CA  . VAL A 1 18  ? -1.985  0.926   6.375   1.00 14.14  ? 18  VAL A CA  1 
ATOM   87   C  C   . VAL A 1 18  ? -2.522  -0.246  5.553   1.00 14.13  ? 18  VAL A C   1 
ATOM   88   O  O   . VAL A 1 18  ? -3.643  -0.169  5.045   1.00 15.01  ? 18  VAL A O   1 
ATOM   89   C  CB  . VAL A 1 18  ? -2.092  0.594   7.863   1.00 17.00  ? 18  VAL A CB  1 
ATOM   90   C  CG1 . VAL A 1 18  ? -1.397  1.678   8.626   1.00 19.12  ? 18  VAL A CG1 1 
ATOM   91   C  CG2 . VAL A 1 18  ? -3.536  0.451   8.364   1.00 15.69  ? 18  VAL A CG2 1 
ATOM   92   N  N   . ASN A 1 19  ? -1.767  -1.303  5.481   1.00 12.63  ? 19  ASN A N   1 
ATOM   93   C  CA  . ASN A 1 19  ? -2.342  -2.579  4.984   1.00 14.06  ? 19  ASN A CA  1 
ATOM   94   C  C   . ASN A 1 19  ? -3.514  -2.995  5.878   1.00 15.58  ? 19  ASN A C   1 
ATOM   95   O  O   . ASN A 1 19  ? -3.338  -3.048  7.105   1.00 15.08  ? 19  ASN A O   1 
ATOM   96   C  CB  . ASN A 1 19  ? -1.289  -3.689  4.963   1.00 14.69  ? 19  ASN A CB  1 
ATOM   97   C  CG  . ASN A 1 19  ? -0.152  -3.418  4.001   1.00 13.57  ? 19  ASN A CG  1 
ATOM   98   O  OD1 . ASN A 1 19  ? 0.859   -2.832  4.382   1.00 14.27  ? 19  ASN A OD1 1 
ATOM   99   N  ND2 . ASN A 1 19  ? -0.359  -3.764  2.770   1.00 14.95  ? 19  ASN A ND2 1 
ATOM   100  N  N   . ARG A 1 20  ? -4.647  -3.339  5.281   1.00 15.03  ? 20  ARG A N   1 
ATOM   101  C  CA  . ARG A 1 20  ? -5.849  -3.706  6.082   1.00 16.33  ? 20  ARG A CA  1 
ATOM   102  C  C   . ARG A 1 20  ? -5.474  -4.866  7.011   1.00 18.40  ? 20  ARG A C   1 
ATOM   103  O  O   . ARG A 1 20  ? -5.900  -4.840  8.187   1.00 18.75  ? 20  ARG A O   1 
ATOM   104  C  CB  . ARG A 1 20  ? -7.024  -4.038  5.168   1.00 15.14  ? 20  ARG A CB  1 
ATOM   105  C  CG  . ARG A 1 20  ? -8.342  -4.117  5.931   1.00 14.24  ? 20  ARG A CG  1 
ATOM   106  C  CD  . ARG A 1 20  ? -9.383  -4.541  4.908   1.00 16.90  ? 20  ARG A CD  1 
ATOM   107  N  NE  . ARG A 1 20  ? -10.731 -4.664  5.441   1.00 18.49  ? 20  ARG A NE  1 
ATOM   108  C  CZ  . ARG A 1 20  ? -11.182 -5.730  6.084   1.00 19.17  ? 20  ARG A CZ  1 
ATOM   109  N  NH1 . ARG A 1 20  ? -10.375 -6.723  6.403   1.00 22.24  ? 20  ARG A NH1 1 
ATOM   110  N  NH2 . ARG A 1 20  ? -12.454 -5.764  6.458   1.00 19.35  ? 20  ARG A NH2 1 
ATOM   111  N  N   . HIS A 1 21  ? -4.660  -5.811  6.564   1.00 19.58  ? 21  HIS A N   1 
ATOM   112  C  CA  . HIS A 1 21  ? -4.355  -7.020  7.375   1.00 20.28  ? 21  HIS A CA  1 
ATOM   113  C  C   . HIS A 1 21  ? -3.407  -6.704  8.525   1.00 22.23  ? 21  HIS A C   1 
ATOM   114  O  O   . HIS A 1 21  ? -3.274  -7.592  9.400   1.00 25.24  ? 21  HIS A O   1 
ATOM   115  C  CB  . HIS A 1 21  ? -3.843  -8.174  6.542   1.00 21.97  ? 21  HIS A CB  1 
ATOM   116  C  CG  . HIS A 1 21  ? -2.527  -7.929  5.904   1.00 22.56  ? 21  HIS A CG  1 
ATOM   117  N  ND1 . HIS A 1 21  ? -1.335  -8.386  6.429   1.00 25.41  ? 21  HIS A ND1 1 
ATOM   118  C  CD2 . HIS A 1 21  ? -2.221  -7.302  4.747   1.00 21.15  ? 21  HIS A CD2 1 
ATOM   119  C  CE1 . HIS A 1 21  ? -0.351  -8.047  5.617   1.00 23.48  ? 21  HIS A CE1 1 
ATOM   120  N  NE2 . HIS A 1 21  ? -0.876  -7.390  4.579   1.00 23.45  ? 21  HIS A NE2 1 
ATOM   121  N  N   . LEU A 1 22  ? -2.768  -5.534  8.563   1.00 19.53  ? 22  LEU A N   1 
ATOM   122  C  CA  . LEU A 1 22  ? -1.856  -5.117  9.649   1.00 21.66  ? 22  LEU A CA  1 
ATOM   123  C  C   . LEU A 1 22  ? -2.509  -4.034  10.509  1.00 19.48  ? 22  LEU A C   1 
ATOM   124  O  O   . LEU A 1 22  ? -1.815  -3.482  11.420  1.00 21.40  ? 22  LEU A O   1 
ATOM   125  C  CB  . LEU A 1 22  ? -0.533  -4.654  9.037   1.00 20.16  ? 22  LEU A CB  1 
ATOM   126  C  CG  . LEU A 1 22  ? 0.196   -5.711  8.224   1.00 22.06  ? 22  LEU A CG  1 
ATOM   127  C  CD1 . LEU A 1 22  ? 1.521   -5.181  7.640   1.00 20.00  ? 22  LEU A CD1 1 
ATOM   128  C  CD2 . LEU A 1 22  ? 0.452   -6.959  9.075   1.00 22.19  ? 22  LEU A CD2 1 
ATOM   129  N  N   . ALA A 1 23  ? -3.758  -3.635  10.206  1.00 19.79  ? 23  ALA A N   1 
ATOM   130  C  CA  . ALA A 1 23  ? -4.446  -2.578  10.970  1.00 20.98  ? 23  ALA A CA  1 
ATOM   131  C  C   . ALA A 1 23  ? -4.535  -3.005  12.446  1.00 21.26  ? 23  ALA A C   1 
ATOM   132  O  O   . ALA A 1 23  ? -4.764  -4.199  12.675  1.00 22.12  ? 23  ALA A O   1 
ATOM   133  C  CB  . ALA A 1 23  ? -5.798  -2.248  10.398  1.00 21.54  ? 23  ALA A CB  1 
ATOM   134  N  N   . THR A 1 24  ? -4.280  -2.065  13.344  1.00 21.85  ? 24  THR A N   1 
ATOM   135  C  CA  . THR A 1 24  ? -4.286  -2.268  14.829  1.00 22.08  ? 24  THR A CA  1 
ATOM   136  C  C   . THR A 1 24  ? -5.702  -2.029  15.355  1.00 24.18  ? 24  THR A C   1 
ATOM   137  O  O   . THR A 1 24  ? -6.541  -1.524  14.623  1.00 22.43  ? 24  THR A O   1 
ATOM   138  C  CB  . THR A 1 24  ? -3.318  -1.310  15.528  1.00 19.78  ? 24  THR A CB  1 
ATOM   139  O  OG1 . THR A 1 24  ? -3.870  -0.002  15.381  1.00 22.31  ? 24  THR A OG1 1 
ATOM   140  C  CG2 . THR A 1 24  ? -1.921  -1.436  14.983  1.00 20.72  ? 24  THR A CG2 1 
ATOM   141  N  N   A HIS A 1 25  ? -5.952  -2.397  16.620  0.25 25.52  ? 25  HIS A N   1 
ATOM   142  N  N   B HIS A 1 25  ? -5.956  -2.379  16.619  0.25 24.68  ? 25  HIS A N   1 
ATOM   143  C  CA  A HIS A 1 25  ? -7.196  -2.053  17.361  0.25 26.05  ? 25  HIS A CA  1 
ATOM   144  C  CA  B HIS A 1 25  ? -7.234  -2.055  17.302  0.25 24.57  ? 25  HIS A CA  1 
ATOM   145  C  C   A HIS A 1 25  ? -7.462  -0.550  17.208  0.25 24.35  ? 25  HIS A C   1 
ATOM   146  C  C   B HIS A 1 25  ? -7.474  -0.540  17.213  0.25 23.61  ? 25  HIS A C   1 
ATOM   147  O  O   A HIS A 1 25  ? -8.611  -0.175  16.890  0.25 23.87  ? 25  HIS A O   1 
ATOM   148  O  O   B HIS A 1 25  ? -8.624  -0.138  16.929  0.25 23.32  ? 25  HIS A O   1 
ATOM   149  C  CB  A HIS A 1 25  ? -7.098  -2.502  18.834  0.25 28.26  ? 25  HIS A CB  1 
ATOM   150  C  CB  B HIS A 1 25  ? -7.237  -2.625  18.731  0.25 25.62  ? 25  HIS A CB  1 
ATOM   151  C  CG  A HIS A 1 25  ? -8.186  -1.984  19.721  0.25 30.92  ? 25  HIS A CG  1 
ATOM   152  C  CG  B HIS A 1 25  ? -7.154  -4.114  18.780  0.25 26.88  ? 25  HIS A CG  1 
ATOM   153  N  ND1 A HIS A 1 25  ? -9.220  -2.788  20.175  0.25 32.47  ? 25  HIS A ND1 1 
ATOM   154  N  ND1 B HIS A 1 25  ? -8.242  -4.927  18.534  0.25 27.96  ? 25  HIS A ND1 1 
ATOM   155  C  CD2 A HIS A 1 25  ? -8.403  -0.761  20.260  0.25 31.75  ? 25  HIS A CD2 1 
ATOM   156  C  CD2 B HIS A 1 25  ? -6.122  -4.941  19.058  0.25 27.50  ? 25  HIS A CD2 1 
ATOM   157  C  CE1 A HIS A 1 25  ? -10.029 -2.080  20.940  0.25 33.09  ? 25  HIS A CE1 1 
ATOM   158  C  CE1 B HIS A 1 25  ? -7.880  -6.191  18.650  0.25 28.43  ? 25  HIS A CE1 1 
ATOM   159  N  NE2 A HIS A 1 25  ? -9.558  -0.831  21.000  0.25 32.25  ? 25  HIS A NE2 1 
ATOM   160  N  NE2 B HIS A 1 25  ? -6.582  -6.222  18.966  0.25 28.28  ? 25  HIS A NE2 1 
ATOM   161  N  N   . ASN A 1 26  ? -6.426  0.277   17.401  1.00 22.84  ? 26  ASN A N   1 
ATOM   162  C  CA  . ASN A 1 26  ? -6.567  1.756   17.333  1.00 23.15  ? 26  ASN A CA  1 
ATOM   163  C  C   . ASN A 1 26  ? -7.035  2.174   15.928  1.00 18.16  ? 26  ASN A C   1 
ATOM   164  O  O   . ASN A 1 26  ? -7.901  3.059   15.783  1.00 19.56  ? 26  ASN A O   1 
ATOM   165  C  CB  . ASN A 1 26  ? -5.261  2.463   17.724  1.00 24.35  ? 26  ASN A CB  1 
ATOM   166  C  CG  . ASN A 1 26  ? -5.421  3.969   17.820  1.00 35.52  ? 26  ASN A CG  1 
ATOM   167  O  OD1 . ASN A 1 26  ? -5.932  4.477   18.817  1.00 43.89  ? 26  ASN A OD1 1 
ATOM   168  N  ND2 . ASN A 1 26  ? -5.032  4.708   16.784  1.00 37.30  ? 26  ASN A ND2 1 
ATOM   169  N  N   . ASP A 1 27  ? -6.421  1.579   14.903  1.00 20.10  ? 27  ASP A N   1 
ATOM   170  C  CA  . ASP A 1 27  ? -6.835  1.833   13.499  1.00 19.19  ? 27  ASP A CA  1 
ATOM   171  C  C   . ASP A 1 27  ? -8.339  1.544   13.321  1.00 16.82  ? 27  ASP A C   1 
ATOM   172  O  O   . ASP A 1 27  ? -9.032  2.410   12.809  1.00 19.21  ? 27  ASP A O   1 
ATOM   173  C  CB  . ASP A 1 27  ? -6.009  0.988   12.526  1.00 19.82  ? 27  ASP A CB  1 
ATOM   174  C  CG  . ASP A 1 27  ? -4.575  1.476   12.340  1.00 17.56  ? 27  ASP A CG  1 
ATOM   175  O  OD1 . ASP A 1 27  ? -4.375  2.685   12.383  1.00 20.05  ? 27  ASP A OD1 1 
ATOM   176  O  OD2 . ASP A 1 27  ? -3.707  0.617   12.213  1.00 18.47  ? 27  ASP A OD2 1 
ATOM   177  N  N   . TRP A 1 28  ? -8.800  0.360   13.744  1.00 20.71  ? 28  TRP A N   1 
ATOM   178  C  CA  . TRP A 1 28  ? -10.226 -0.055  13.630  1.00 21.41  ? 28  TRP A CA  1 
ATOM   179  C  C   . TRP A 1 28  ? -11.123 0.822   14.522  1.00 20.87  ? 28  TRP A C   1 
ATOM   180  O  O   . TRP A 1 28  ? -12.210 1.224   14.092  1.00 20.44  ? 28  TRP A O   1 
ATOM   181  C  CB  . TRP A 1 28  ? -10.356 -1.536  13.955  1.00 21.61  ? 28  TRP A CB  1 
ATOM   182  C  CG  . TRP A 1 28  ? -10.084 -2.431  12.788  1.00 20.14  ? 28  TRP A CG  1 
ATOM   183  C  CD1 . TRP A 1 28  ? -9.002  -3.220  12.604  1.00 21.95  ? 28  TRP A CD1 1 
ATOM   184  C  CD2 . TRP A 1 28  ? -10.935 -2.628  11.652  1.00 18.44  ? 28  TRP A CD2 1 
ATOM   185  N  NE1 . TRP A 1 28  ? -9.109  -3.895  11.421  1.00 21.72  ? 28  TRP A NE1 1 
ATOM   186  C  CE2 . TRP A 1 28  ? -10.262 -3.524  10.799  1.00 19.19  ? 28  TRP A CE2 1 
ATOM   187  C  CE3 . TRP A 1 28  ? -12.167 -2.106  11.271  1.00 18.67  ? 28  TRP A CE3 1 
ATOM   188  C  CZ2 . TRP A 1 28  ? -10.827 -3.981  9.605   1.00 18.38  ? 28  TRP A CZ2 1 
ATOM   189  C  CZ3 . TRP A 1 28  ? -12.715 -2.538  10.076  1.00 18.21  ? 28  TRP A CZ3 1 
ATOM   190  C  CH2 . TRP A 1 28  ? -12.037 -3.442  9.261   1.00 19.15  ? 28  TRP A CH2 1 
ATOM   191  N  N   . ALA A 1 29  ? -10.629 1.245   15.680  1.00 22.28  ? 29  ALA A N   1 
ATOM   192  C  CA  . ALA A 1 29  ? -11.414 2.131   16.566  1.00 24.85  ? 29  ALA A CA  1 
ATOM   193  C  C   . ALA A 1 29  ? -11.550 3.532   15.962  1.00 25.72  ? 29  ALA A C   1 
ATOM   194  O  O   . ALA A 1 29  ? -12.517 4.242   16.320  1.00 27.58  ? 29  ALA A O   1 
ATOM   195  C  CB  . ALA A 1 29  ? -10.766 2.206   17.929  1.00 24.27  ? 29  ALA A CB  1 
ATOM   196  N  N   . ASN A 1 30  ? -10.593 3.946   15.110  1.00 24.81  ? 30  ASN A N   1 
ATOM   197  C  CA  . ASN A 1 30  ? -10.584 5.284   14.461  1.00 24.13  ? 30  ASN A CA  1 
ATOM   198  C  C   . ASN A 1 30  ? -10.751 5.087   12.955  1.00 22.29  ? 30  ASN A C   1 
ATOM   199  O  O   . ASN A 1 30  ? -10.153 5.878   12.180  1.00 21.80  ? 30  ASN A O   1 
ATOM   200  C  CB  . ASN A 1 30  ? -9.287  6.050   14.751  1.00 23.41  ? 30  ASN A CB  1 
ATOM   201  C  CG  . ASN A 1 30  ? -9.159  6.404   16.222  1.00 25.09  ? 30  ASN A CG  1 
ATOM   202  O  OD1 . ASN A 1 30  ? -9.793  7.352   16.664  1.00 28.23  ? 30  ASN A OD1 1 
ATOM   203  N  ND2 . ASN A 1 30  ? -8.355  5.646   16.946  1.00 26.76  ? 30  ASN A ND2 1 
ATOM   204  N  N   . LEU A 1 31  ? -11.511 4.063   12.555  1.00 20.68  ? 31  LEU A N   1 
ATOM   205  C  CA  . LEU A 1 31  ? -11.704 3.733   11.119  1.00 22.51  ? 31  LEU A CA  1 
ATOM   206  C  C   . LEU A 1 31  ? -12.296 4.924   10.370  1.00 20.13  ? 31  LEU A C   1 
ATOM   207  O  O   . LEU A 1 31  ? -13.329 5.432   10.785  1.00 25.00  ? 31  LEU A O   1 
ATOM   208  C  CB  . LEU A 1 31  ? -12.625 2.521   11.007  1.00 21.96  ? 31  LEU A CB  1 
ATOM   209  C  CG  . LEU A 1 31  ? -12.964 2.100   9.580   1.00 22.09  ? 31  LEU A CG  1 
ATOM   210  C  CD1 . LEU A 1 31  ? -11.698 1.628   8.868   1.00 21.48  ? 31  LEU A CD1 1 
ATOM   211  C  CD2 . LEU A 1 31  ? -14.021 1.013   9.577   1.00 22.75  ? 31  LEU A CD2 1 
ATOM   212  N  N   . VAL A 1 32  ? -11.694 5.323   9.242   1.00 20.03  ? 32  VAL A N   1 
ATOM   213  C  CA  . VAL A 1 32  ? -12.268 6.264   8.244   1.00 19.26  ? 32  VAL A CA  1 
ATOM   214  C  C   . VAL A 1 32  ? -12.842 5.481   7.060   1.00 21.71  ? 32  VAL A C   1 
ATOM   215  O  O   . VAL A 1 32  ? -13.963 5.763   6.596   1.00 22.73  ? 32  VAL A O   1 
ATOM   216  C  CB  . VAL A 1 32  ? -11.199 7.265   7.792   1.00 21.64  ? 32  VAL A CB  1 
ATOM   217  C  CG1 . VAL A 1 32  ? -11.685 8.145   6.661   1.00 21.39  ? 32  VAL A CG1 1 
ATOM   218  C  CG2 . VAL A 1 32  ? -10.719 8.084   8.975   1.00 23.77  ? 32  VAL A CG2 1 
ATOM   219  N  N   . TRP A 1 33  ? -12.042 4.592   6.509   1.00 20.56  ? 33  TRP A N   1 
ATOM   220  C  CA  . TRP A 1 33  ? -12.390 3.839   5.284   1.00 19.22  ? 33  TRP A CA  1 
ATOM   221  C  C   . TRP A 1 33  ? -11.579 2.551   5.251   1.00 17.14  ? 33  TRP A C   1 
ATOM   222  O  O   . TRP A 1 33  ? -10.400 2.561   5.632   1.00 18.04  ? 33  TRP A O   1 
ATOM   223  C  CB  . TRP A 1 33  ? -12.177 4.703   4.051   1.00 20.18  ? 33  TRP A CB  1 
ATOM   224  C  CG  . TRP A 1 33  ? -12.338 4.013   2.740   1.00 20.19  ? 33  TRP A CG  1 
ATOM   225  C  CD1 . TRP A 1 33  ? -13.472 3.822   2.011   1.00 20.99  ? 33  TRP A CD1 1 
ATOM   226  C  CD2 . TRP A 1 33  ? -11.280 3.407   1.973   1.00 19.31  ? 33  TRP A CD2 1 
ATOM   227  N  NE1 . TRP A 1 33  ? -13.180 3.191   0.821   1.00 21.40  ? 33  TRP A NE1 1 
ATOM   228  C  CE2 . TRP A 1 33  ? -11.846 2.908   0.776   1.00 18.91  ? 33  TRP A CE2 1 
ATOM   229  C  CE3 . TRP A 1 33  ? -9.903  3.300   2.148   1.00 20.21  ? 33  TRP A CE3 1 
ATOM   230  C  CZ2 . TRP A 1 33  ? -11.079 2.330   -0.234  1.00 19.72  ? 33  TRP A CZ2 1 
ATOM   231  C  CZ3 . TRP A 1 33  ? -9.149  2.696   1.170   1.00 18.34  ? 33  TRP A CZ3 1 
ATOM   232  C  CH2 . TRP A 1 33  ? -9.742  2.171   0.018   1.00 18.85  ? 33  TRP A CH2 1 
ATOM   233  N  N   . GLU A 1 34  ? -12.176 1.483   4.750   1.00 16.50  ? 34  GLU A N   1 
ATOM   234  C  CA  . GLU A 1 34  ? -11.478 0.209   4.523   1.00 16.88  ? 34  GLU A CA  1 
ATOM   235  C  C   . GLU A 1 34  ? -12.097 -0.538  3.339   1.00 15.69  ? 34  GLU A C   1 
ATOM   236  O  O   . GLU A 1 34  ? -13.312 -0.429  3.109   1.00 15.59  ? 34  GLU A O   1 
ATOM   237  C  CB  . GLU A 1 34  ? -11.399 -0.661  5.777   1.00 17.03  ? 34  GLU A CB  1 
ATOM   238  C  CG  . GLU A 1 34  ? -12.754 -1.087  6.351   1.00 17.35  ? 34  GLU A CG  1 
ATOM   239  C  CD  . GLU A 1 34  ? -13.488 -2.220  5.642   1.00 18.13  ? 34  GLU A CD  1 
ATOM   240  O  OE1 . GLU A 1 34  ? -14.763 -2.257  5.721   1.00 19.62  ? 34  GLU A OE1 1 
ATOM   241  O  OE2 . GLU A 1 34  ? -12.828 -3.134  5.152   1.00 18.29  ? 34  GLU A OE2 1 
ATOM   242  N  N   . ASP A 1 35  ? -11.235 -1.206  2.584   1.00 16.28  ? 35  ASP A N   1 
ATOM   243  C  CA  . ASP A 1 35  ? -11.631 -2.030  1.422   1.00 17.69  ? 35  ASP A CA  1 
ATOM   244  C  C   . ASP A 1 35  ? -10.876 -3.335  1.516   1.00 19.84  ? 35  ASP A C   1 
ATOM   245  O  O   . ASP A 1 35  ? -9.643  -3.347  1.326   1.00 17.06  ? 35  ASP A O   1 
ATOM   246  C  CB  . ASP A 1 35  ? -11.432 -1.244  0.129   1.00 17.31  ? 35  ASP A CB  1 
ATOM   247  C  CG  . ASP A 1 35  ? -11.993 -1.939  -1.084  1.00 19.23  ? 35  ASP A CG  1 
ATOM   248  O  OD1 . ASP A 1 35  ? -11.842 -3.157  -1.167  1.00 25.21  ? 35  ASP A OD1 1 
ATOM   249  O  OD2 . ASP A 1 35  ? -12.536 -1.201  -1.949  1.00 22.17  ? 35  ASP A OD2 1 
ATOM   250  N  N   A SER A 1 36  ? -11.578 -4.426  1.830   0.25 18.88  ? 36  SER A N   1 
ATOM   251  N  N   B SER A 1 36  ? -11.604 -4.422  1.806   0.25 19.29  ? 36  SER A N   1 
ATOM   252  C  CA  A SER A 1 36  ? -10.975 -5.775  1.953   0.25 20.87  ? 36  SER A CA  1 
ATOM   253  C  CA  B SER A 1 36  ? -11.068 -5.801  1.951   0.25 21.65  ? 36  SER A CA  1 
ATOM   254  C  C   A SER A 1 36  ? -10.351 -6.160  0.607   0.25 21.64  ? 36  SER A C   1 
ATOM   255  C  C   B SER A 1 36  ? -10.432 -6.249  0.627   0.25 22.43  ? 36  SER A C   1 
ATOM   256  O  O   A SER A 1 36  ? -9.191  -6.609  0.611   0.25 22.98  ? 36  SER A O   1 
ATOM   257  O  O   B SER A 1 36  ? -9.353  -6.872  0.671   0.25 24.98  ? 36  SER A O   1 
ATOM   258  C  CB  A SER A 1 36  ? -11.967 -6.803  2.421   0.25 21.13  ? 36  SER A CB  1 
ATOM   259  C  CB  B SER A 1 36  ? -12.132 -6.775  2.431   0.25 22.17  ? 36  SER A CB  1 
ATOM   260  O  OG  A SER A 1 36  ? -11.299 -7.995  2.808   0.25 21.30  ? 36  SER A OG  1 
ATOM   261  O  OG  B SER A 1 36  ? -13.382 -6.588  1.770   0.25 22.78  ? 36  SER A OG  1 
ATOM   262  N  N   . SER A 1 37  ? -11.063 -5.897  -0.494  1.00 21.27  ? 37  SER A N   1 
ATOM   263  C  CA  . SER A 1 37  ? -10.615 -6.274  -1.855  1.00 23.12  ? 37  SER A CA  1 
ATOM   264  C  C   . SER A 1 37  ? -9.293  -5.575  -2.202  1.00 22.27  ? 37  SER A C   1 
ATOM   265  O  O   . SER A 1 37  ? -8.525  -6.164  -2.969  1.00 25.33  ? 37  SER A O   1 
ATOM   266  C  CB  . SER A 1 37  ? -11.688 -5.993  -2.876  1.00 24.67  ? 37  SER A CB  1 
ATOM   267  O  OG  . SER A 1 37  ? -11.821 -4.615  -3.138  1.00 27.47  ? 37  SER A OG  1 
ATOM   268  N  N   . ARG A 1 38  ? -8.966  -4.459  -1.538  1.00 20.69  ? 38  ARG A N   1 
ATOM   269  C  CA  . ARG A 1 38  ? -7.714  -3.695  -1.839  1.00 18.69  ? 38  ARG A CA  1 
ATOM   270  C  C   . ARG A 1 38  ? -6.621  -3.906  -0.787  1.00 18.41  ? 38  ARG A C   1 
ATOM   271  O  O   . ARG A 1 38  ? -5.523  -3.352  -1.021  1.00 18.41  ? 38  ARG A O   1 
ATOM   272  C  CB  . ARG A 1 38  ? -8.015  -2.204  -1.922  1.00 18.74  ? 38  ARG A CB  1 
ATOM   273  C  CG  . ARG A 1 38  ? -8.949  -1.881  -3.065  1.00 18.98  ? 38  ARG A CG  1 
ATOM   274  C  CD  . ARG A 1 38  ? -9.245  -0.420  -3.035  1.00 17.91  ? 38  ARG A CD  1 
ATOM   275  N  NE  . ARG A 1 38  ? -8.085  0.409   -3.394  1.00 17.61  ? 38  ARG A NE  1 
ATOM   276  C  CZ  . ARG A 1 38  ? -8.129  1.589   -3.999  1.00 16.79  ? 38  ARG A CZ  1 
ATOM   277  N  NH1 . ARG A 1 38  ? -9.287  2.133   -4.324  1.00 17.37  ? 38  ARG A NH1 1 
ATOM   278  N  NH2 . ARG A 1 38  ? -7.015  2.267   -4.294  1.00 18.46  ? 38  ARG A NH2 1 
ATOM   279  N  N   . ASP A 1 39  ? -6.928  -4.559  0.341   1.00 17.96  ? 39  ASP A N   1 
ATOM   280  C  CA  . ASP A 1 39  ? -5.998  -4.672  1.485   1.00 16.69  ? 39  ASP A CA  1 
ATOM   281  C  C   . ASP A 1 39  ? -5.626  -3.293  1.997   1.00 15.46  ? 39  ASP A C   1 
ATOM   282  O  O   . ASP A 1 39  ? -4.466  -3.137  2.433   1.00 16.19  ? 39  ASP A O   1 
ATOM   283  C  CB  . ASP A 1 39  ? -4.701  -5.397  1.109   1.00 17.51  ? 39  ASP A CB  1 
ATOM   284  C  CG  . ASP A 1 39  ? -3.783  -5.655  2.293   1.00 18.53  ? 39  ASP A CG  1 
ATOM   285  O  OD1 . ASP A 1 39  ? -4.312  -5.923  3.421   1.00 17.48  ? 39  ASP A OD1 1 
ATOM   286  O  OD2 . ASP A 1 39  ? -2.518  -5.559  2.123   1.00 17.29  ? 39  ASP A OD2 1 
ATOM   287  N  N   . LEU A 1 40  ? -6.552  -2.343  1.996   1.00 15.00  ? 40  LEU A N   1 
ATOM   288  C  CA  . LEU A 1 40  ? -6.262  -1.005  2.571   1.00 13.63  ? 40  LEU A CA  1 
ATOM   289  C  C   . LEU A 1 40  ? -7.189  -0.709  3.733   1.00 14.99  ? 40  LEU A C   1 
ATOM   290  O  O   . LEU A 1 40  ? -8.388  -1.007  3.616   1.00 15.40  ? 40  LEU A O   1 
ATOM   291  C  CB  . LEU A 1 40  ? -6.425  0.104   1.533   1.00 14.62  ? 40  LEU A CB  1 
ATOM   292  C  CG  . LEU A 1 40  ? -5.354  0.177   0.469   1.00 14.09  ? 40  LEU A CG  1 
ATOM   293  C  CD1 . LEU A 1 40  ? -5.639  1.357   -0.436  1.00 16.16  ? 40  LEU A CD1 1 
ATOM   294  C  CD2 . LEU A 1 40  ? -3.977  0.283   1.085   1.00 14.44  ? 40  LEU A CD2 1 
ATOM   295  N  N   . LEU A 1 41  ? -6.659  0.033   4.676   1.00 14.21  ? 41  LEU A N   1 
ATOM   296  C  CA  . LEU A 1 41  ? -7.463  0.652   5.755   1.00 15.81  ? 41  LEU A CA  1 
ATOM   297  C  C   . LEU A 1 41  ? -6.867  2.020   6.006   1.00 15.19  ? 41  LEU A C   1 
ATOM   298  O  O   . LEU A 1 41  ? -5.633  2.143   6.019   1.00 15.43  ? 41  LEU A O   1 
ATOM   299  C  CB  . LEU A 1 41  ? -7.444  -0.232  7.003   1.00 16.23  ? 41  LEU A CB  1 
ATOM   300  C  CG  . LEU A 1 41  ? -8.301  0.265   8.170   1.00 17.07  ? 41  LEU A CG  1 
ATOM   301  C  CD1 . LEU A 1 41  ? -8.924  -0.901  8.941   1.00 17.33  ? 41  LEU A CD1 1 
ATOM   302  C  CD2 . LEU A 1 41  ? -7.505  1.170   9.100   1.00 17.89  ? 41  LEU A CD2 1 
ATOM   303  N  N   . VAL A 1 42  ? -7.718  2.994   6.183   1.00 14.73  ? 42  VAL A N   1 
ATOM   304  C  CA  . VAL A 1 42  ? -7.334  4.352   6.580   1.00 14.63  ? 42  VAL A CA  1 
ATOM   305  C  C   . VAL A 1 42  ? -7.991  4.639   7.937   1.00 17.42  ? 42  VAL A C   1 
ATOM   306  O  O   . VAL A 1 42  ? -9.214  4.462   8.079   1.00 16.37  ? 42  VAL A O   1 
ATOM   307  C  CB  . VAL A 1 42  ? -7.731  5.371   5.518   1.00 15.45  ? 42  VAL A CB  1 
ATOM   308  C  CG1 . VAL A 1 42  ? -7.416  6.780   5.949   1.00 17.15  ? 42  VAL A CG1 1 
ATOM   309  C  CG2 . VAL A 1 42  ? -7.137  5.064   4.148   1.00 15.53  ? 42  VAL A CG2 1 
ATOM   310  N  N   . SER A 1 43  ? -7.189  5.120   8.859   1.00 16.44  ? 43  SER A N   1 
ATOM   311  C  CA  . SER A 1 43  ? -7.645  5.566   10.203  1.00 18.20  ? 43  SER A CA  1 
ATOM   312  C  C   . SER A 1 43  ? -7.366  7.046   10.378  1.00 19.62  ? 43  SER A C   1 
ATOM   313  O  O   . SER A 1 43  ? -6.554  7.621   9.650   1.00 20.40  ? 43  SER A O   1 
ATOM   314  C  CB  . SER A 1 43  ? -6.992  4.768   11.298  1.00 17.61  ? 43  SER A CB  1 
ATOM   315  O  OG  . SER A 1 43  ? -5.582  4.860   11.290  1.00 19.73  ? 43  SER A OG  1 
ATOM   316  N  N   . SER A 1 44  ? -8.017  7.676   11.352  1.00 20.90  ? 44  SER A N   1 
ATOM   317  C  CA  . SER A 1 44  ? -7.789  9.100   11.641  1.00 23.73  ? 44  SER A CA  1 
ATOM   318  C  C   . SER A 1 44  ? -6.663  9.255   12.658  1.00 22.63  ? 44  SER A C   1 
ATOM   319  O  O   . SER A 1 44  ? -6.433  8.350   13.502  1.00 23.26  ? 44  SER A O   1 
ATOM   320  C  CB  . SER A 1 44  ? -9.054  9.758   12.105  1.00 26.14  ? 44  SER A CB  1 
ATOM   321  O  OG  . SER A 1 44  ? -9.518  9.095   13.252  1.00 28.13  ? 44  SER A OG  1 
ATOM   322  N  N   . THR A 1 45  ? -5.985  10.382  12.577  1.00 25.53  ? 45  THR A N   1 
ATOM   323  C  CA  . THR A 1 45  ? -4.828  10.702  13.444  1.00 27.10  ? 45  THR A CA  1 
ATOM   324  C  C   . THR A 1 45  ? -5.139  12.061  14.052  1.00 29.16  ? 45  THR A C   1 
ATOM   325  O  O   . THR A 1 45  ? -5.911  12.826  13.412  1.00 34.75  ? 45  THR A O   1 
ATOM   326  C  CB  . THR A 1 45  ? -3.494  10.731  12.675  1.00 27.28  ? 45  THR A CB  1 
ATOM   327  O  OG1 . THR A 1 45  ? -3.549  11.866  11.817  1.00 29.46  ? 45  THR A OG1 1 
ATOM   328  C  CG2 . THR A 1 45  ? -3.220  9.515   11.824  1.00 26.02  ? 45  THR A CG2 1 
ATOM   329  N  N   . THR A 1 46  ? -4.592  12.320  15.235  1.00 34.42  ? 46  THR A N   1 
ATOM   330  C  CA  . THR A 1 46  ? -4.634  13.656  15.889  1.00 37.68  ? 46  THR A CA  1 
ATOM   331  C  C   . THR A 1 46  ? -3.519  14.526  15.299  1.00 35.90  ? 46  THR A C   1 
ATOM   332  O  O   . THR A 1 46  ? -3.806  15.686  15.007  1.00 41.08  ? 46  THR A O   1 
ATOM   333  C  CB  . THR A 1 46  ? -4.588  13.528  17.418  1.00 34.35  ? 46  THR A CB  1 
ATOM   334  O  OG1 . THR A 1 46  ? -3.624  12.538  17.789  1.00 33.21  ? 46  THR A OG1 1 
ATOM   335  C  CG2 . THR A 1 46  ? -5.948  13.177  17.992  1.00 36.91  ? 46  THR A CG2 1 
ATOM   336  N  N   . ALA A 1 47  ? -2.324  13.963  15.083  1.00 36.53  ? 47  ALA A N   1 
ATOM   337  C  CA  . ALA A 1 47  ? -1.148  14.666  14.505  1.00 37.81  ? 47  ALA A CA  1 
ATOM   338  C  C   . ALA A 1 47  ? -1.305  14.824  12.985  1.00 40.92  ? 47  ALA A C   1 
ATOM   339  O  O   . ALA A 1 47  ? -1.896  13.931  12.353  1.00 38.44  ? 47  ALA A O   1 
ATOM   340  C  CB  . ALA A 1 47  ? 0.130   13.933  14.843  1.00 36.18  ? 47  ALA A CB  1 
ATOM   341  N  N   . GLN A 1 48  ? -0.816  15.936  12.430  1.00 42.63  ? 48  GLN A N   1 
ATOM   342  C  CA  . GLN A 1 48  ? -0.835  16.230  10.969  1.00 43.43  ? 48  GLN A CA  1 
ATOM   343  C  C   . GLN A 1 48  ? 0.266   15.416  10.284  1.00 38.29  ? 48  GLN A C   1 
ATOM   344  O  O   . GLN A 1 48  ? 1.415   15.485  10.743  1.00 39.99  ? 48  GLN A O   1 
ATOM   345  C  CB  . GLN A 1 48  ? -0.638  17.726  10.710  1.00 48.36  ? 48  GLN A CB  1 
ATOM   346  C  CG  . GLN A 1 48  ? -1.940  18.473  10.475  1.00 52.44  ? 48  GLN A CG  1 
ATOM   347  C  CD  . GLN A 1 48  ? -2.467  18.211  9.086   1.00 60.43  ? 48  GLN A CD  1 
ATOM   348  O  OE1 . GLN A 1 48  ? -1.719  18.187  8.105   1.00 63.93  ? 48  GLN A OE1 1 
ATOM   349  N  NE2 . GLN A 1 48  ? -3.772  18.010  8.988   1.00 64.05  ? 48  GLN A NE2 1 
ATOM   350  N  N   . GLY A 1 49  ? -0.076  14.670  9.230   1.00 37.45  ? 49  GLY A N   1 
ATOM   351  C  CA  . GLY A 1 49  ? 0.885   13.875  8.445   1.00 35.32  ? 49  GLY A CA  1 
ATOM   352  C  C   . GLY A 1 49  ? 1.584   14.702  7.374   1.00 32.31  ? 49  GLY A C   1 
ATOM   353  O  O   . GLY A 1 49  ? 0.970   15.634  6.836   1.00 33.44  ? 49  GLY A O   1 
ATOM   354  N  N   . CYS A 1 50  ? 2.803   14.296  7.022   1.00 30.13  ? 50  CYS A N   1 
ATOM   355  C  CA  . CYS A 1 50  ? 3.773   15.077  6.218   1.00 34.85  ? 50  CYS A CA  1 
ATOM   356  C  C   . CYS A 1 50  ? 3.893   14.493  4.802   1.00 27.85  ? 50  CYS A C   1 
ATOM   357  O  O   . CYS A 1 50  ? 4.466   15.184  3.958   1.00 28.92  ? 50  CYS A O   1 
ATOM   358  C  CB  . CYS A 1 50  ? 5.137   15.080  6.908   1.00 39.16  ? 50  CYS A CB  1 
ATOM   359  S  SG  . CYS A 1 50  ? 5.175   16.005  8.468   1.00 54.68  ? 50  CYS A SG  1 
ATOM   360  N  N   . ASP A 1 51  ? 3.325   13.295  4.517   1.00 23.87  ? 51  ASP A N   1 
ATOM   361  C  CA  . ASP A 1 51  ? 3.516   12.603  3.209   1.00 22.48  ? 51  ASP A CA  1 
ATOM   362  C  C   . ASP A 1 51  ? 2.648   13.297  2.158   1.00 24.05  ? 51  ASP A C   1 
ATOM   363  O  O   . ASP A 1 51  ? 1.539   13.792  2.470   1.00 25.67  ? 51  ASP A O   1 
ATOM   364  C  CB  . ASP A 1 51  ? 3.255   11.086  3.337   1.00 22.93  ? 51  ASP A CB  1 
ATOM   365  C  CG  . ASP A 1 51  ? 4.206   10.313  4.252   1.00 26.92  ? 51  ASP A CG  1 
ATOM   366  O  OD1 . ASP A 1 51  ? 5.342   10.752  4.370   1.00 30.47  ? 51  ASP A OD1 1 
ATOM   367  O  OD2 . ASP A 1 51  ? 3.838   9.255   4.842   1.00 23.36  ? 51  ASP A OD2 1 
ATOM   368  N  N   . THR A 1 52  ? 3.110   13.310  0.914   1.00 20.45  ? 52  THR A N   1 
ATOM   369  C  CA  . THR A 1 52  ? 2.294   13.722  -0.246  1.00 22.17  ? 52  THR A CA  1 
ATOM   370  C  C   . THR A 1 52  ? 1.939   12.501  -1.093  1.00 20.03  ? 52  THR A C   1 
ATOM   371  O  O   . THR A 1 52  ? 2.833   11.709  -1.414  1.00 20.61  ? 52  THR A O   1 
ATOM   372  C  CB  . THR A 1 52  ? 3.053   14.753  -1.084  1.00 25.32  ? 52  THR A CB  1 
ATOM   373  O  OG1 . THR A 1 52  ? 3.417   15.827  -0.218  1.00 26.33  ? 52  THR A OG1 1 
ATOM   374  C  CG2 . THR A 1 52  ? 2.268   15.239  -2.275  1.00 28.36  ? 52  THR A CG2 1 
ATOM   375  N  N   . ILE A 1 53  ? 0.690   12.383  -1.483  1.00 18.25  ? 53  ILE A N   1 
ATOM   376  C  CA  . ILE A 1 53  ? 0.224   11.294  -2.364  1.00 17.53  ? 53  ILE A CA  1 
ATOM   377  C  C   . ILE A 1 53  ? 0.484   11.729  -3.806  1.00 19.56  ? 53  ILE A C   1 
ATOM   378  O  O   . ILE A 1 53  ? 0.107   12.886  -4.172  1.00 17.74  ? 53  ILE A O   1 
ATOM   379  C  CB  . ILE A 1 53  ? -1.260  10.973  -2.108  1.00 18.87  ? 53  ILE A CB  1 
ATOM   380  C  CG1 . ILE A 1 53  ? -1.542  10.773  -0.608  1.00 18.86  ? 53  ILE A CG1 1 
ATOM   381  C  CG2 . ILE A 1 53  ? -1.692  9.793   -2.937  1.00 16.83  ? 53  ILE A CG2 1 
ATOM   382  C  CD1 . ILE A 1 53  ? -0.833  9.547   -0.063  1.00 19.20  ? 53  ILE A CD1 1 
ATOM   383  N  N   . ALA A 1 54  ? 1.035   10.847  -4.624  1.00 17.03  ? 54  ALA A N   1 
ATOM   384  C  CA  . ALA A 1 54  ? 1.193   11.025  -6.084  1.00 18.92  ? 54  ALA A CA  1 
ATOM   385  C  C   . ALA A 1 54  ? -0.177  11.138  -6.737  1.00 17.57  ? 54  ALA A C   1 
ATOM   386  O  O   . ALA A 1 54  ? -1.030  10.308  -6.480  1.00 16.69  ? 54  ALA A O   1 
ATOM   387  C  CB  . ALA A 1 54  ? 1.959   9.832   -6.651  1.00 16.89  ? 54  ALA A CB  1 
ATOM   388  N  N   . ARG A 1 55  ? -0.335  12.128  -7.633  1.00 20.64  ? 55  ARG A N   1 
ATOM   389  C  CA  . ARG A 1 55  ? -1.521  12.157  -8.517  1.00 20.89  ? 55  ARG A CA  1 
ATOM   390  C  C   . ARG A 1 55  ? -0.996  12.087  -9.950  1.00 19.12  ? 55  ARG A C   1 
ATOM   391  O  O   . ARG A 1 55  ? -0.563  13.138  -10.466 1.00 21.25  ? 55  ARG A O   1 
ATOM   392  C  CB  . ARG A 1 55  ? -2.364  13.391  -8.212  1.00 24.22  ? 55  ARG A CB  1 
ATOM   393  C  CG  . ARG A 1 55  ? -2.811  13.490  -6.757  1.00 23.72  ? 55  ARG A CG  1 
ATOM   394  C  CD  . ARG A 1 55  ? -3.785  12.410  -6.257  1.00 24.85  ? 55  ARG A CD  1 
ATOM   395  N  NE  . ARG A 1 55  ? -4.017  12.610  -4.807  1.00 24.62  ? 55  ARG A NE  1 
ATOM   396  C  CZ  . ARG A 1 55  ? -4.519  11.688  -3.981  1.00 21.99  ? 55  ARG A CZ  1 
ATOM   397  N  NH1 . ARG A 1 55  ? -4.869  10.501  -4.431  1.00 20.70  ? 55  ARG A NH1 1 
ATOM   398  N  NH2 . ARG A 1 55  ? -4.665  11.945  -2.691  1.00 23.45  ? 55  ARG A NH2 1 
ATOM   399  N  N   . CYS A 1 56  ? -1.047  10.904  -10.534 1.00 17.95  ? 56  CYS A N   1 
ATOM   400  C  CA  . CYS A 1 56  ? -0.293  10.590  -11.789 1.00 17.44  ? 56  CYS A CA  1 
ATOM   401  C  C   . CYS A 1 56  ? -0.587  9.196   -12.279 1.00 18.04  ? 56  CYS A C   1 
ATOM   402  O  O   . CYS A 1 56  ? -1.275  8.450   -11.588 1.00 18.89  ? 56  CYS A O   1 
ATOM   403  C  CB  . CYS A 1 56  ? 1.204   10.700  -11.556 1.00 16.58  ? 56  CYS A CB  1 
ATOM   404  S  SG  . CYS A 1 56  ? 1.840   9.339   -10.533 1.00 18.35  ? 56  CYS A SG  1 
ATOM   405  N  N   . ASP A 1 57  ? -0.058  8.834   -13.474 1.00 20.07  ? 57  ASP A N   1 
ATOM   406  C  CA  . ASP A 1 57  ? -0.140  7.446   -13.978 1.00 20.86  ? 57  ASP A CA  1 
ATOM   407  C  C   . ASP A 1 57  ? 1.280   6.955   -14.307 1.00 19.69  ? 57  ASP A C   1 
ATOM   408  O  O   . ASP A 1 57  ? 1.428   6.089   -15.117 1.00 19.30  ? 57  ASP A O   1 
ATOM   409  C  CB  . ASP A 1 57  ? -1.173  7.253   -15.086 1.00 26.95  ? 57  ASP A CB  1 
ATOM   410  C  CG  . ASP A 1 57  ? -0.715  7.810   -16.395 1.00 27.64  ? 57  ASP A CG  1 
ATOM   411  O  OD1 . ASP A 1 57  ? 0.110   8.741   -16.354 1.00 30.60  ? 57  ASP A OD1 1 
ATOM   412  O  OD2 . ASP A 1 57  ? -1.239  7.317   -17.442 1.00 35.86  ? 57  ASP A OD2 1 
ATOM   413  N  N   . CYS A 1 58  ? 2.232   7.357   -13.491 1.00 20.80  ? 58  CYS A N   1 
ATOM   414  C  CA  . CYS A 1 58  ? 3.578   6.723   -13.469 1.00 19.51  ? 58  CYS A CA  1 
ATOM   415  C  C   . CYS A 1 58  ? 3.490   5.211   -13.386 1.00 17.55  ? 58  CYS A C   1 
ATOM   416  O  O   . CYS A 1 58  ? 2.615   4.675   -12.722 1.00 18.07  ? 58  CYS A O   1 
ATOM   417  C  CB  . CYS A 1 58  ? 4.436   7.222   -12.320 1.00 18.36  ? 58  CYS A CB  1 
ATOM   418  S  SG  . CYS A 1 58  ? 4.994   8.909   -12.553 1.00 18.95  ? 58  CYS A SG  1 
ATOM   419  N  N   . GLN A 1 59  ? 4.416   4.549   -14.071 1.00 16.68  ? 59  GLN A N   1 
ATOM   420  C  CA  . GLN A 1 59  ? 4.567   3.092   -14.037 1.00 15.90  ? 59  GLN A CA  1 
ATOM   421  C  C   . GLN A 1 59  ? 6.034   2.810   -13.730 1.00 12.70  ? 59  GLN A C   1 
ATOM   422  O  O   . GLN A 1 59  ? 6.419   1.695   -13.857 1.00 14.75  ? 59  GLN A O   1 
ATOM   423  C  CB  . GLN A 1 59  ? 4.181   2.391   -15.334 1.00 18.47  ? 59  GLN A CB  1 
ATOM   424  C  CG  . GLN A 1 59  ? 2.690   2.240   -15.528 1.00 20.58  ? 59  GLN A CG  1 
ATOM   425  C  CD  . GLN A 1 59  ? 2.378   1.300   -16.678 1.00 20.07  ? 59  GLN A CD  1 
ATOM   426  O  OE1 . GLN A 1 59  ? 2.655   0.092   -16.653 1.00 23.09  ? 59  GLN A OE1 1 
ATOM   427  N  NE2 . GLN A 1 59  ? 1.887   1.878   -17.743 1.00 20.58  ? 59  GLN A NE2 1 
ATOM   428  N  N   . THR A 1 60  ? 6.741   3.806   -13.228 1.00 13.59  ? 60  THR A N   1 
ATOM   429  C  CA  . THR A 1 60  ? 8.084   3.573   -12.637 1.00 12.73  ? 60  THR A CA  1 
ATOM   430  C  C   . THR A 1 60  ? 8.192   4.303   -11.305 1.00 11.70  ? 60  THR A C   1 
ATOM   431  O  O   . THR A 1 60  ? 7.574   5.378   -11.094 1.00 14.60  ? 60  THR A O   1 
ATOM   432  C  CB  . THR A 1 60  ? 9.229   3.944   -13.596 1.00 14.77  ? 60  THR A CB  1 
ATOM   433  O  OG1 . THR A 1 60  ? 9.123   5.350   -13.797 1.00 18.21  ? 60  THR A OG1 1 
ATOM   434  C  CG2 . THR A 1 60  ? 9.201   3.212   -14.925 1.00 15.33  ? 60  THR A CG2 1 
ATOM   435  N  N   . GLY A 1 61  ? 8.966   3.724   -10.408 1.00 13.21  ? 61  GLY A N   1 
ATOM   436  C  CA  . GLY A 1 61  ? 9.190   4.311   -9.091  1.00 11.27  ? 61  GLY A CA  1 
ATOM   437  C  C   . GLY A 1 61  ? 10.202  3.475   -8.319  1.00 11.33  ? 61  GLY A C   1 
ATOM   438  O  O   . GLY A 1 61  ? 10.881  2.671   -8.925  1.00 13.62  ? 61  GLY A O   1 
ATOM   439  N  N   . VAL A 1 62  ? 10.307  3.769   -7.044  1.00 10.93  ? 62  VAL A N   1 
ATOM   440  C  CA  . VAL A 1 62  ? 11.294  3.148   -6.130  1.00 11.54  ? 62  VAL A CA  1 
ATOM   441  C  C   . VAL A 1 62  ? 10.475  2.681   -4.944  1.00 11.63  ? 62  VAL A C   1 
ATOM   442  O  O   . VAL A 1 62  ? 9.711   3.466   -4.384  1.00 12.10  ? 62  VAL A O   1 
ATOM   443  C  CB  . VAL A 1 62  ? 12.404  4.144   -5.734  1.00 12.82  ? 62  VAL A CB  1 
ATOM   444  C  CG1 . VAL A 1 62  ? 13.295  3.570   -4.663  1.00 13.56  ? 62  VAL A CG1 1 
ATOM   445  C  CG2 . VAL A 1 62  ? 13.223  4.585   -6.956  1.00 13.46  ? 62  VAL A CG2 1 
ATOM   446  N  N   . TYR A 1 63  ? 10.711  1.454   -4.491  1.00 11.83  ? 63  TYR A N   1 
ATOM   447  C  CA  . TYR A 1 63  ? 10.038  0.972   -3.259  1.00 11.01  ? 63  TYR A CA  1 
ATOM   448  C  C   . TYR A 1 63  ? 11.057  0.521   -2.232  1.00 11.34  ? 63  TYR A C   1 
ATOM   449  O  O   . TYR A 1 63  ? 12.159  0.152   -2.566  1.00 12.59  ? 63  TYR A O   1 
ATOM   450  C  CB  . TYR A 1 63  ? 9.062   -0.163  -3.538  1.00 10.94  ? 63  TYR A CB  1 
ATOM   451  C  CG  . TYR A 1 63  ? 9.657   -1.550  -3.683  1.00 11.80  ? 63  TYR A CG  1 
ATOM   452  C  CD1 . TYR A 1 63  ? 10.244  -1.955  -4.866  1.00 12.89  ? 63  TYR A CD1 1 
ATOM   453  C  CD2 . TYR A 1 63  ? 9.558   -2.472  -2.662  1.00 12.40  ? 63  TYR A CD2 1 
ATOM   454  C  CE1 . TYR A 1 63  ? 10.706  -3.254  -5.057  1.00 13.24  ? 63  TYR A CE1 1 
ATOM   455  C  CE2 . TYR A 1 63  ? 9.981   -3.785  -2.847  1.00 11.93  ? 63  TYR A CE2 1 
ATOM   456  C  CZ  . TYR A 1 63  ? 10.612  -4.163  -4.026  1.00 13.69  ? 63  TYR A CZ  1 
ATOM   457  O  OH  . TYR A 1 63  ? 11.061  -5.462  -4.189  1.00 14.47  ? 63  TYR A OH  1 
ATOM   458  N  N   . TYR A 1 64  ? 10.653  0.607   -0.983  1.00 11.56  ? 64  TYR A N   1 
ATOM   459  C  CA  . TYR A 1 64  ? 11.487  0.167   0.143   1.00 12.29  ? 64  TYR A CA  1 
ATOM   460  C  C   . TYR A 1 64  ? 11.144  -1.285  0.437   1.00 12.61  ? 64  TYR A C   1 
ATOM   461  O  O   . TYR A 1 64  ? 10.023  -1.621  0.700   1.00 11.21  ? 64  TYR A O   1 
ATOM   462  C  CB  . TYR A 1 64  ? 11.306  1.004   1.411   1.00 13.31  ? 64  TYR A CB  1 
ATOM   463  C  CG  . TYR A 1 64  ? 12.191  0.508   2.516   1.00 15.02  ? 64  TYR A CG  1 
ATOM   464  C  CD1 . TYR A 1 64  ? 13.577  0.570   2.375   1.00 16.68  ? 64  TYR A CD1 1 
ATOM   465  C  CD2 . TYR A 1 64  ? 11.668  -0.034  3.671   1.00 16.49  ? 64  TYR A CD2 1 
ATOM   466  C  CE1 . TYR A 1 64  ? 14.428  0.081   3.355   1.00 19.33  ? 64  TYR A CE1 1 
ATOM   467  C  CE2 . TYR A 1 64  ? 12.507  -0.562  4.637   1.00 18.11  ? 64  TYR A CE2 1 
ATOM   468  C  CZ  . TYR A 1 64  ? 13.879  -0.492  4.486   1.00 19.88  ? 64  TYR A CZ  1 
ATOM   469  O  OH  . TYR A 1 64  ? 14.681  -0.994  5.473   1.00 24.36  ? 64  TYR A OH  1 
ATOM   470  N  N   . CYS A 1 65  ? 12.179  -2.112  0.511   1.00 13.14  ? 65  CYS A N   1 
ATOM   471  C  CA  . CYS A 1 65  ? 12.107  -3.568  0.775   1.00 13.51  ? 65  CYS A CA  1 
ATOM   472  C  C   . CYS A 1 65  ? 12.784  -3.885  2.122   1.00 15.69  ? 65  CYS A C   1 
ATOM   473  O  O   . CYS A 1 65  ? 14.040  -3.981  2.138   1.00 15.78  ? 65  CYS A O   1 
ATOM   474  C  CB  . CYS A 1 65  ? 12.744  -4.365  -0.351  1.00 14.06  ? 65  CYS A CB  1 
ATOM   475  S  SG  . CYS A 1 65  ? 12.748  -6.150  -0.030  1.00 16.17  ? 65  CYS A SG  1 
ATOM   476  N  N   . SER A 1 66  ? 12.008  -3.995  3.194   1.00 15.17  ? 66  SER A N   1 
ATOM   477  C  CA  . SER A 1 66  ? 12.537  -4.160  4.566   1.00 16.55  ? 66  SER A CA  1 
ATOM   478  C  C   . SER A 1 66  ? 13.385  -5.439  4.646   1.00 15.64  ? 66  SER A C   1 
ATOM   479  O  O   . SER A 1 66  ? 14.422  -5.383  5.360   1.00 18.97  ? 66  SER A O   1 
ATOM   480  C  CB  . SER A 1 66  ? 11.443  -4.113  5.585   1.00 17.00  ? 66  SER A CB  1 
ATOM   481  O  OG  . SER A 1 66  ? 10.670  -5.301  5.596   1.00 25.48  ? 66  SER A OG  1 
ATOM   482  N  N   . SER A 1 67  ? 13.014  -6.503  3.940   1.00 15.97  ? 67  SER A N   1 
ATOM   483  C  CA  . SER A 1 67  ? 13.692  -7.826  3.995   1.00 16.56  ? 67  SER A CA  1 
ATOM   484  C  C   . SER A 1 67  ? 15.041  -7.781  3.264   1.00 18.97  ? 67  SER A C   1 
ATOM   485  O  O   . SER A 1 67  ? 15.770  -8.832  3.290   1.00 20.78  ? 67  SER A O   1 
ATOM   486  C  CB  . SER A 1 67  ? 12.850  -8.911  3.472   1.00 17.44  ? 67  SER A CB  1 
ATOM   487  O  OG  . SER A 1 67  ? 12.599  -8.781  2.067   1.00 17.96  ? 67  SER A OG  1 
ATOM   488  N  N   . ARG A 1 68  ? 15.396  -6.658  2.661   1.00 17.12  ? 68  ARG A N   1 
ATOM   489  C  CA  . ARG A 1 68  ? 16.712  -6.454  2.018   1.00 17.04  ? 68  ARG A CA  1 
ATOM   490  C  C   . ARG A 1 68  ? 17.333  -5.173  2.558   1.00 17.34  ? 68  ARG A C   1 
ATOM   491  O  O   . ARG A 1 68  ? 18.485  -4.867  2.198   1.00 21.47  ? 68  ARG A O   1 
ATOM   492  C  CB  . ARG A 1 68  ? 16.559  -6.433  0.489   1.00 16.31  ? 68  ARG A CB  1 
ATOM   493  C  CG  . ARG A 1 68  ? 16.034  -7.731  -0.084  1.00 17.38  ? 68  ARG A CG  1 
ATOM   494  C  CD  . ARG A 1 68  ? 17.240  -8.671  -0.186  1.00 18.50  ? 68  ARG A CD  1 
ATOM   495  N  NE  . ARG A 1 68  ? 16.786  -9.891  -0.814  1.00 20.19  ? 68  ARG A NE  1 
ATOM   496  C  CZ  . ARG A 1 68  ? 16.304  -10.946 -0.153  1.00 21.29  ? 68  ARG A CZ  1 
ATOM   497  N  NH1 . ARG A 1 68  ? 16.124  -10.886 1.161   1.00 22.38  ? 68  ARG A NH1 1 
ATOM   498  N  NH2 . ARG A 1 68  ? 15.898  -12.011 -0.825  1.00 23.13  ? 68  ARG A NH2 1 
ATOM   499  N  N   . ARG A 1 69  ? 16.645  -4.422  3.414   1.00 18.72  ? 69  ARG A N   1 
ATOM   500  C  CA  . ARG A 1 69  ? 17.070  -3.074  3.845   1.00 18.82  ? 69  ARG A CA  1 
ATOM   501  C  C   . ARG A 1 69  ? 17.543  -2.270  2.637   1.00 21.58  ? 69  ARG A C   1 
ATOM   502  O  O   . ARG A 1 69  ? 18.599  -1.580  2.746   1.00 22.66  ? 69  ARG A O   1 
ATOM   503  C  CB  . ARG A 1 69  ? 18.163  -3.222  4.922   1.00 21.52  ? 69  ARG A CB  1 
ATOM   504  C  CG  . ARG A 1 69  ? 17.626  -3.747  6.240   1.00 23.07  ? 69  ARG A CG  1 
ATOM   505  C  CD  . ARG A 1 69  ? 18.718  -3.690  7.296   1.00 24.59  ? 69  ARG A CD  1 
ATOM   506  N  NE  . ARG A 1 69  ? 18.355  -4.325  8.557   1.00 26.26  ? 69  ARG A NE  1 
ATOM   507  C  CZ  . ARG A 1 69  ? 18.973  -5.399  9.086   1.00 27.89  ? 69  ARG A CZ  1 
ATOM   508  N  NH1 . ARG A 1 69  ? 19.955  -6.016  8.429   1.00 28.55  ? 69  ARG A NH1 1 
ATOM   509  N  NH2 . ARG A 1 69  ? 18.577  -5.885  10.260  1.00 26.37  ? 69  ARG A NH2 1 
ATOM   510  N  N   . LYS A 1 70  ? 16.744  -2.280  1.556   1.00 19.72  ? 70  LYS A N   1 
ATOM   511  C  CA  . LYS A 1 70  ? 17.177  -1.686  0.262   1.00 19.81  ? 70  LYS A CA  1 
ATOM   512  C  C   . LYS A 1 70  ? 15.974  -1.017  -0.382  1.00 17.97  ? 70  LYS A C   1 
ATOM   513  O  O   . LYS A 1 70  ? 14.860  -1.491  -0.161  1.00 16.91  ? 70  LYS A O   1 
ATOM   514  C  CB  . LYS A 1 70  ? 17.720  -2.757  -0.681  1.00 26.81  ? 70  LYS A CB  1 
ATOM   515  C  CG  . LYS A 1 70  ? 19.178  -2.574  -1.048  1.00 37.06  ? 70  LYS A CG  1 
ATOM   516  C  CD  . LYS A 1 70  ? 19.736  -3.697  -1.904  1.00 38.12  ? 70  LYS A CD  1 
ATOM   517  C  CE  . LYS A 1 70  ? 20.850  -4.436  -1.195  1.00 41.62  ? 70  LYS A CE  1 
ATOM   518  N  NZ  . LYS A 1 70  ? 21.894  -3.514  -0.688  1.00 43.36  ? 70  LYS A NZ  1 
ATOM   519  N  N   . HIS A 1 71  ? 16.218  0.058   -1.103  1.00 16.96  ? 71  HIS A N   1 
ATOM   520  C  CA  . HIS A 1 71  ? 15.215  0.602   -2.044  1.00 14.86  ? 71  HIS A CA  1 
ATOM   521  C  C   . HIS A 1 71  ? 15.540  0.056   -3.430  1.00 16.05  ? 71  HIS A C   1 
ATOM   522  O  O   . HIS A 1 71  ? 16.733  0.014   -3.820  1.00 17.89  ? 71  HIS A O   1 
ATOM   523  C  CB  . HIS A 1 71  ? 15.282  2.111   -2.053  1.00 14.28  ? 71  HIS A CB  1 
ATOM   524  C  CG  . HIS A 1 71  ? 14.984  2.752   -0.748  1.00 15.36  ? 71  HIS A CG  1 
ATOM   525  N  ND1 . HIS A 1 71  ? 13.702  3.237   -0.341  1.00 18.70  ? 71  HIS A ND1 1 
ATOM   526  C  CD2 . HIS A 1 71  ? 15.825  3.021   0.268   1.00 14.92  ? 71  HIS A CD2 1 
ATOM   527  C  CE1 . HIS A 1 71  ? 13.834  3.766   0.860   1.00 15.07  ? 71  HIS A CE1 1 
ATOM   528  N  NE2 . HIS A 1 71  ? 15.114  3.605   1.260   1.00 19.56  ? 71  HIS A NE2 1 
ATOM   529  N  N   . TYR A 1 72  ? 14.535  -0.363  -4.201  1.00 13.23  ? 72  TYR A N   1 
ATOM   530  C  CA  . TYR A 1 72  ? 14.724  -0.862  -5.544  1.00 13.44  ? 72  TYR A CA  1 
ATOM   531  C  C   . TYR A 1 72  ? 13.894  -0.021  -6.488  1.00 14.02  ? 72  TYR A C   1 
ATOM   532  O  O   . TYR A 1 72  ? 12.718  0.205   -6.256  1.00 13.66  ? 72  TYR A O   1 
ATOM   533  C  CB  . TYR A 1 72  ? 14.227  -2.299  -5.669  1.00 14.92  ? 72  TYR A CB  1 
ATOM   534  C  CG  . TYR A 1 72  ? 14.999  -3.335  -4.880  1.00 16.60  ? 72  TYR A CG  1 
ATOM   535  C  CD1 . TYR A 1 72  ? 16.211  -3.810  -5.369  1.00 18.99  ? 72  TYR A CD1 1 
ATOM   536  C  CD2 . TYR A 1 72  ? 14.534  -3.840  -3.681  1.00 17.86  ? 72  TYR A CD2 1 
ATOM   537  C  CE1 . TYR A 1 72  ? 16.939  -4.779  -4.681  1.00 18.52  ? 72  TYR A CE1 1 
ATOM   538  C  CE2 . TYR A 1 72  ? 15.232  -4.831  -2.985  1.00 18.45  ? 72  TYR A CE2 1 
ATOM   539  C  CZ  . TYR A 1 72  ? 16.446  -5.287  -3.492  1.00 21.34  ? 72  TYR A CZ  1 
ATOM   540  O  OH  . TYR A 1 72  ? 17.157  -6.244  -2.811  1.00 21.47  ? 72  TYR A OH  1 
ATOM   541  N  N   . PRO A 1 73  ? 14.471  0.355   -7.632  1.00 13.69  ? 73  PRO A N   1 
ATOM   542  C  CA  . PRO A 1 73  ? 13.679  0.951   -8.697  1.00 12.89  ? 73  PRO A CA  1 
ATOM   543  C  C   . PRO A 1 73  ? 12.925  -0.148  -9.443  1.00 14.33  ? 73  PRO A C   1 
ATOM   544  O  O   . PRO A 1 73  ? 13.526  -1.155  -9.804  1.00 17.41  ? 73  PRO A O   1 
ATOM   545  C  CB  . PRO A 1 73  ? 14.761  1.511   -9.639  1.00 13.69  ? 73  PRO A CB  1 
ATOM   546  C  CG  . PRO A 1 73  ? 15.951  0.623   -9.417  1.00 14.49  ? 73  PRO A CG  1 
ATOM   547  C  CD  . PRO A 1 73  ? 15.877  0.165   -7.989  1.00 14.03  ? 73  PRO A CD  1 
ATOM   548  N  N   . VAL A 1 74  ? 11.680  0.102   -9.814  1.00 12.56  ? 74  VAL A N   1 
ATOM   549  C  CA  . VAL A 1 74  ? 10.827  -0.885  -10.503 1.00 12.97  ? 74  VAL A CA  1 
ATOM   550  C  C   . VAL A 1 74  ? 9.944   -0.236  -11.545 1.00 11.77  ? 74  VAL A C   1 
ATOM   551  O  O   . VAL A 1 74  ? 9.579   0.930   -11.404 1.00 12.95  ? 74  VAL A O   1 
ATOM   552  C  CB  . VAL A 1 74  ? 9.918   -1.594  -9.491  1.00 15.28  ? 74  VAL A CB  1 
ATOM   553  C  CG1 . VAL A 1 74  ? 10.708  -2.657  -8.742  1.00 16.86  ? 74  VAL A CG1 1 
ATOM   554  C  CG2 . VAL A 1 74  ? 9.174   -0.655  -8.556  1.00 15.91  ? 74  VAL A CG2 1 
ATOM   555  N  N   . SER A 1 75  ? 9.638   -1.024  -12.580 1.00 12.48  ? 75  SER A N   1 
ATOM   556  C  CA  . SER A 1 75  ? 8.494   -0.818  -13.481 1.00 14.03  ? 75  SER A CA  1 
ATOM   557  C  C   . SER A 1 75  ? 7.307   -1.595  -12.935 1.00 13.37  ? 75  SER A C   1 
ATOM   558  O  O   . SER A 1 75  ? 7.490   -2.702  -12.535 1.00 14.16  ? 75  SER A O   1 
ATOM   559  C  CB  . SER A 1 75  ? 8.790   -1.316  -14.859 1.00 18.31  ? 75  SER A CB  1 
ATOM   560  O  OG  . SER A 1 75  ? 9.852   -0.581  -15.373 1.00 23.07  ? 75  SER A OG  1 
ATOM   561  N  N   . PHE A 1 76  ? 6.126   -0.999  -12.884 1.00 13.54  ? 76  PHE A N   1 
ATOM   562  C  CA  . PHE A 1 76  ? 4.956   -1.697  -12.335 1.00 12.70  ? 76  PHE A CA  1 
ATOM   563  C  C   . PHE A 1 76  ? 3.749   -1.508  -13.232 1.00 13.21  ? 76  PHE A C   1 
ATOM   564  O  O   . PHE A 1 76  ? 3.635   -0.496  -13.933 1.00 14.36  ? 76  PHE A O   1 
ATOM   565  C  CB  . PHE A 1 76  ? 4.707   -1.251  -10.895 1.00 12.60  ? 76  PHE A CB  1 
ATOM   566  C  CG  . PHE A 1 76  ? 4.637   0.239   -10.695 1.00 11.87  ? 76  PHE A CG  1 
ATOM   567  C  CD1 . PHE A 1 76  ? 5.742   0.999   -10.378 1.00 11.92  ? 76  PHE A CD1 1 
ATOM   568  C  CD2 . PHE A 1 76  ? 3.408   0.887   -10.780 1.00 12.52  ? 76  PHE A CD2 1 
ATOM   569  C  CE1 . PHE A 1 76  ? 5.657   2.372   -10.164 1.00 12.07  ? 76  PHE A CE1 1 
ATOM   570  C  CE2 . PHE A 1 76  ? 3.323   2.251   -10.553 1.00 12.83  ? 76  PHE A CE2 1 
ATOM   571  C  CZ  . PHE A 1 76  ? 4.428   2.996   -10.225 1.00 12.45  ? 76  PHE A CZ  1 
ATOM   572  N  N   . SER A 1 77  ? 2.900   -2.510  -13.227 1.00 13.65  ? 77  SER A N   1 
ATOM   573  C  CA  . SER A 1 77  ? 1.609   -2.472  -13.990 1.00 15.81  ? 77  SER A CA  1 
ATOM   574  C  C   . SER A 1 77  ? 0.642   -1.422  -13.431 1.00 17.31  ? 77  SER A C   1 
ATOM   575  O  O   . SER A 1 77  ? 0.766   -0.983  -12.293 1.00 16.83  ? 77  SER A O   1 
ATOM   576  C  CB  . SER A 1 77  ? 1.029   -3.830  -14.029 1.00 17.48  ? 77  SER A CB  1 
ATOM   577  O  OG  . SER A 1 77  ? 0.645   -4.288  -12.742 1.00 16.99  ? 77  SER A OG  1 
ATOM   578  N  N   . LYS A 1 78  ? -0.281  -0.904  -14.248 1.00 17.22  ? 78  LYS A N   1 
ATOM   579  C  CA  . LYS A 1 78  ? -1.382  -0.026  -13.765 1.00 18.38  ? 78  LYS A CA  1 
ATOM   580  C  C   . LYS A 1 78  ? -2.296  -0.824  -12.833 1.00 17.25  ? 78  LYS A C   1 
ATOM   581  O  O   . LYS A 1 78  ? -2.433  -2.032  -12.930 1.00 18.21  ? 78  LYS A O   1 
ATOM   582  C  CB  . LYS A 1 78  ? -2.131  0.620   -14.938 1.00 20.65  ? 78  LYS A CB  1 
ATOM   583  C  CG  . LYS A 1 78  ? -1.283  1.555   -15.786 1.00 22.06  ? 78  LYS A CG  1 
ATOM   584  C  CD  . LYS A 1 78  ? -1.993  2.123   -17.004 1.00 26.76  ? 78  LYS A CD  1 
ATOM   585  C  CE  . LYS A 1 78  ? -1.467  3.502   -17.317 1.00 30.45  ? 78  LYS A CE  1 
ATOM   586  N  NZ  . LYS A 1 78  ? -1.763  3.913   -18.703 1.00 32.71  ? 78  LYS A NZ  1 
ATOM   587  N  N   . PRO A 1 79  ? -2.923  -0.118  -11.875 1.00 17.99  ? 79  PRO A N   1 
ATOM   588  C  CA  . PRO A 1 79  ? -3.776  -0.787  -10.888 1.00 18.77  ? 79  PRO A CA  1 
ATOM   589  C  C   . PRO A 1 79  ? -4.844  -1.629  -11.608 1.00 21.44  ? 79  PRO A C   1 
ATOM   590  O  O   . PRO A 1 79  ? -5.471  -1.110  -12.538 1.00 21.05  ? 79  PRO A O   1 
ATOM   591  C  CB  . PRO A 1 79  ? -4.402  0.350   -10.086 1.00 20.26  ? 79  PRO A CB  1 
ATOM   592  C  CG  . PRO A 1 79  ? -3.460  1.499   -10.269 1.00 19.37  ? 79  PRO A CG  1 
ATOM   593  C  CD  . PRO A 1 79  ? -2.829  1.320   -11.655 1.00 17.37  ? 79  PRO A CD  1 
ATOM   594  N  N   . SER A 1 80  ? -4.982  -2.872  -11.189 1.00 19.24  ? 80  SER A N   1 
ATOM   595  C  CA  . SER A 1 80  ? -5.850  -3.903  -11.813 1.00 22.70  ? 80  SER A CA  1 
ATOM   596  C  C   . SER A 1 80  ? -6.384  -4.861  -10.756 1.00 25.93  ? 80  SER A C   1 
ATOM   597  O  O   . SER A 1 80  ? -5.876  -4.888  -9.587  1.00 21.27  ? 80  SER A O   1 
ATOM   598  C  CB  . SER A 1 80  ? -5.085  -4.694  -12.878 1.00 24.92  ? 80  SER A CB  1 
ATOM   599  O  OG  . SER A 1 80  ? -4.412  -3.811  -13.753 1.00 38.66  ? 80  SER A OG  1 
ATOM   600  N  N   . LEU A 1 81  ? -7.359  -5.670  -11.178 1.00 24.33  ? 81  LEU A N   1 
ATOM   601  C  CA  . LEU A 1 81  ? -7.887  -6.810  -10.406 1.00 27.94  ? 81  LEU A CA  1 
ATOM   602  C  C   . LEU A 1 81  ? -7.034  -8.016  -10.753 1.00 28.65  ? 81  LEU A C   1 
ATOM   603  O  O   . LEU A 1 81  ? -6.990  -8.426  -11.960 1.00 29.14  ? 81  LEU A O   1 
ATOM   604  C  CB  . LEU A 1 81  ? -9.352  -7.001  -10.808 1.00 30.53  ? 81  LEU A CB  1 
ATOM   605  C  CG  . LEU A 1 81  ? -10.159 -8.028  -10.024 1.00 34.48  ? 81  LEU A CG  1 
ATOM   606  C  CD1 . LEU A 1 81  ? -10.202 -7.692  -8.538  1.00 33.27  ? 81  LEU A CD1 1 
ATOM   607  C  CD2 . LEU A 1 81  ? -11.569 -8.122  -10.598 1.00 31.10  ? 81  LEU A CD2 1 
ATOM   608  N  N   . ILE A 1 82  ? -6.354  -8.553  -9.754  1.00 27.41  ? 82  ILE A N   1 
ATOM   609  C  CA  . ILE A 1 82  ? -5.323  -9.591  -9.930  1.00 30.26  ? 82  ILE A CA  1 
ATOM   610  C  C   . ILE A 1 82  ? -5.609  -10.701 -8.931  1.00 30.28  ? 82  ILE A C   1 
ATOM   611  O  O   . ILE A 1 82  ? -5.915  -10.385 -7.776  1.00 26.92  ? 82  ILE A O   1 
ATOM   612  C  CB  . ILE A 1 82  ? -3.926  -8.974  -9.716  1.00 30.77  ? 82  ILE A CB  1 
ATOM   613  C  CG1 . ILE A 1 82  ? -3.644  -7.797  -10.660 1.00 35.81  ? 82  ILE A CG1 1 
ATOM   614  C  CG2 . ILE A 1 82  ? -2.863  -10.053 -9.759  1.00 32.46  ? 82  ILE A CG2 1 
ATOM   615  C  CD1 . ILE A 1 82  ? -3.120  -8.171  -12.011 1.00 39.68  ? 82  ILE A CD1 1 
ATOM   616  N  N   . PHE A 1 83  ? -5.468  -11.964 -9.344  1.00 30.32  ? 83  PHE A N   1 
ATOM   617  C  CA  . PHE A 1 83  ? -5.498  -13.128 -8.425  1.00 33.13  ? 83  PHE A CA  1 
ATOM   618  C  C   . PHE A 1 83  ? -4.189  -13.225 -7.614  1.00 37.38  ? 83  PHE A C   1 
ATOM   619  O  O   . PHE A 1 83  ? -3.088  -13.205 -8.193  1.00 38.17  ? 83  PHE A O   1 
ATOM   620  C  CB  . PHE A 1 83  ? -5.821  -14.431 -9.168  1.00 34.84  ? 83  PHE A CB  1 
ATOM   621  C  CG  . PHE A 1 83  ? -6.236  -15.516 -8.210  1.00 31.43  ? 83  PHE A CG  1 
ATOM   622  C  CD1 . PHE A 1 83  ? -7.521  -15.535 -7.692  1.00 35.81  ? 83  PHE A CD1 1 
ATOM   623  C  CD2 . PHE A 1 83  ? -5.314  -16.417 -7.719  1.00 34.83  ? 83  PHE A CD2 1 
ATOM   624  C  CE1 . PHE A 1 83  ? -7.894  -16.492 -6.762  1.00 34.32  ? 83  PHE A CE1 1 
ATOM   625  C  CE2 . PHE A 1 83  ? -5.689  -17.387 -6.802  1.00 37.08  ? 83  PHE A CE2 1 
ATOM   626  C  CZ  . PHE A 1 83  ? -6.975  -17.409 -6.308  1.00 33.61  ? 83  PHE A CZ  1 
ATOM   627  N  N   . VAL A 1 84  ? -4.342  -13.308 -6.288  0.50 35.09  ? 84  VAL A N   1 
ATOM   628  C  CA  . VAL A 1 84  ? -3.244  -13.374 -5.280  0.50 36.82  ? 84  VAL A CA  1 
ATOM   629  C  C   . VAL A 1 84  ? -3.350  -14.713 -4.544  0.50 37.39  ? 84  VAL A C   1 
ATOM   630  O  O   . VAL A 1 84  ? -4.383  -14.947 -3.880  0.50 36.62  ? 84  VAL A O   1 
ATOM   631  C  CB  . VAL A 1 84  ? -3.327  -12.190 -4.297  0.50 36.00  ? 84  VAL A CB  1 
ATOM   632  C  CG1 . VAL A 1 84  ? -2.252  -12.269 -3.227  0.50 35.83  ? 84  VAL A CG1 1 
ATOM   633  C  CG2 . VAL A 1 84  ? -3.274  -10.858 -5.027  0.50 35.64  ? 84  VAL A CG2 1 
ATOM   634  N  N   . GLU A 1 85  ? -2.315  -15.546 -4.665  0.50 39.41  ? 85  GLU A N   1 
ATOM   635  C  CA  . GLU A 1 85  ? -2.248  -16.891 -4.040  0.50 42.00  ? 85  GLU A CA  1 
ATOM   636  C  C   . GLU A 1 85  ? -2.594  -16.758 -2.554  0.50 42.81  ? 85  GLU A C   1 
ATOM   637  O  O   . GLU A 1 85  ? -2.992  -15.649 -2.129  0.50 45.06  ? 85  GLU A O   1 
ATOM   638  C  CB  . GLU A 1 85  ? -0.861  -17.506 -4.241  0.50 42.10  ? 85  GLU A CB  1 
ATOM   639  C  CG  . GLU A 1 85  ? -0.595  -17.946 -5.672  0.50 43.06  ? 85  GLU A CG  1 
ATOM   640  C  CD  . GLU A 1 85  ? -1.671  -18.830 -6.285  0.50 44.06  ? 85  GLU A CD  1 
ATOM   641  O  OE1 . GLU A 1 85  ? -2.324  -19.588 -5.529  0.50 42.01  ? 85  GLU A OE1 1 
ATOM   642  O  OE2 . GLU A 1 85  ? -1.864  -18.753 -7.519  0.50 41.90  ? 85  GLU A OE2 1 
ATOM   643  N  N   . ALA A 1 86  ? -2.447  -17.856 -1.807  0.50 43.11  ? 86  ALA A N   1 
ATOM   644  C  CA  . ALA A 1 86  ? -2.663  -17.933 -0.346  0.50 41.77  ? 86  ALA A CA  1 
ATOM   645  C  C   . ALA A 1 86  ? -1.614  -17.073 0.366   0.50 40.58  ? 86  ALA A C   1 
ATOM   646  O  O   . ALA A 1 86  ? -0.490  -16.958 -0.161  0.50 40.19  ? 86  ALA A O   1 
ATOM   647  C  CB  . ALA A 1 86  ? -2.589  -19.369 0.107   0.50 42.22  ? 86  ALA A CB  1 
ATOM   648  N  N   . SER A 1 87  ? -1.991  -16.490 1.508   0.50 38.22  ? 87  SER A N   1 
ATOM   649  C  CA  . SER A 1 87  ? -1.101  -15.751 2.441   0.50 36.96  ? 87  SER A CA  1 
ATOM   650  C  C   . SER A 1 87  ? -1.477  -16.140 3.874   0.50 35.90  ? 87  SER A C   1 
ATOM   651  O  O   . SER A 1 87  ? -2.580  -16.676 4.057   0.50 34.27  ? 87  SER A O   1 
ATOM   652  C  CB  . SER A 1 87  ? -1.196  -14.260 2.226   0.50 37.38  ? 87  SER A CB  1 
ATOM   653  O  OG  . SER A 1 87  ? -2.357  -13.735 2.856   0.50 37.37  ? 87  SER A OG  1 
ATOM   654  N  N   . GLU A 1 88  ? -0.600  -15.880 4.847   0.50 36.39  ? 88  GLU A N   1 
ATOM   655  C  CA  . GLU A 1 88  ? -0.872  -16.140 6.284   0.50 36.10  ? 88  GLU A CA  1 
ATOM   656  C  C   . GLU A 1 88  ? -1.829  -15.068 6.825   0.50 35.09  ? 88  GLU A C   1 
ATOM   657  O  O   . GLU A 1 88  ? -2.198  -15.163 8.015   0.50 33.06  ? 88  GLU A O   1 
ATOM   658  C  CB  . GLU A 1 88  ? 0.431   -16.168 7.086   0.50 38.24  ? 88  GLU A CB  1 
ATOM   659  C  CG  . GLU A 1 88  ? 1.340   -14.988 6.802   0.50 39.61  ? 88  GLU A CG  1 
ATOM   660  C  CD  . GLU A 1 88  ? 2.407   -14.743 7.855   0.50 40.19  ? 88  GLU A CD  1 
ATOM   661  O  OE1 . GLU A 1 88  ? 3.343   -13.969 7.575   0.50 38.15  ? 88  GLU A OE1 1 
ATOM   662  O  OE2 . GLU A 1 88  ? 2.294   -15.323 8.958   0.50 41.07  ? 88  GLU A OE2 1 
ATOM   663  N  N   . TYR A 1 89  ? -2.232  -14.098 5.994   0.50 32.46  ? 89  TYR A N   1 
ATOM   664  C  CA  . TYR A 1 89  ? -3.106  -12.968 6.414   0.50 31.29  ? 89  TYR A CA  1 
ATOM   665  C  C   . TYR A 1 89  ? -4.352  -12.872 5.520   0.50 31.51  ? 89  TYR A C   1 
ATOM   666  O  O   . TYR A 1 89  ? -5.275  -12.090 5.858   0.50 31.64  ? 89  TYR A O   1 
ATOM   667  C  CB  . TYR A 1 89  ? -2.313  -11.659 6.473   0.50 29.79  ? 89  TYR A CB  1 
ATOM   668  C  CG  . TYR A 1 89  ? -1.502  -11.293 5.251   0.50 29.38  ? 89  TYR A CG  1 
ATOM   669  C  CD1 . TYR A 1 89  ? -2.096  -10.681 4.160   0.50 27.99  ? 89  TYR A CD1 1 
ATOM   670  C  CD2 . TYR A 1 89  ? -0.131  -11.508 5.198   0.50 29.11  ? 89  TYR A CD2 1 
ATOM   671  C  CE1 . TYR A 1 89  ? -1.360  -10.318 3.045   0.50 27.72  ? 89  TYR A CE1 1 
ATOM   672  C  CE2 . TYR A 1 89  ? 0.621   -11.151 4.089   0.50 28.39  ? 89  TYR A CE2 1 
ATOM   673  C  CZ  . TYR A 1 89  ? 0.002   -10.551 3.005   0.50 27.71  ? 89  TYR A CZ  1 
ATOM   674  O  OH  . TYR A 1 89  ? 0.724   -10.183 1.904   0.50 26.10  ? 89  TYR A OH  1 
ATOM   675  N  N   . TYR A 1 90  ? -4.395  -13.638 4.424   0.50 30.11  ? 90  TYR A N   1 
ATOM   676  C  CA  . TYR A 1 90  ? -5.549  -13.692 3.486   0.50 29.28  ? 90  TYR A CA  1 
ATOM   677  C  C   . TYR A 1 90  ? -5.687  -15.088 2.892   0.50 31.00  ? 90  TYR A C   1 
ATOM   678  O  O   . TYR A 1 90  ? -4.711  -15.831 2.772   0.50 30.74  ? 90  TYR A O   1 
ATOM   679  C  CB  . TYR A 1 90  ? -5.397  -12.691 2.334   0.50 28.75  ? 90  TYR A CB  1 
ATOM   680  C  CG  . TYR A 1 90  ? -5.701  -11.260 2.697   0.50 26.61  ? 90  TYR A CG  1 
ATOM   681  C  CD1 . TYR A 1 90  ? -6.915  -10.898 3.260   0.50 25.33  ? 90  TYR A CD1 1 
ATOM   682  C  CD2 . TYR A 1 90  ? -4.770  -10.263 2.469   0.50 25.34  ? 90  TYR A CD2 1 
ATOM   683  C  CE1 . TYR A 1 90  ? -7.196  -9.581  3.592   0.50 24.14  ? 90  TYR A CE1 1 
ATOM   684  C  CE2 . TYR A 1 90  ? -5.031  -8.946  2.802   0.50 23.83  ? 90  TYR A CE2 1 
ATOM   685  C  CZ  . TYR A 1 90  ? -6.246  -8.600  3.365   0.50 23.16  ? 90  TYR A CZ  1 
ATOM   686  O  OH  . TYR A 1 90  ? -6.494  -7.299  3.700   0.50 19.26  ? 90  TYR A OH  1 
ATOM   687  N  N   . PRO A 1 91  ? -6.918  -15.464 2.484   0.50 30.68  ? 91  PRO A N   1 
ATOM   688  C  CA  . PRO A 1 91  ? -7.128  -16.609 1.606   0.50 31.89  ? 91  PRO A CA  1 
ATOM   689  C  C   . PRO A 1 91  ? -6.656  -16.277 0.184   0.50 33.71  ? 91  PRO A C   1 
ATOM   690  O  O   . PRO A 1 91  ? -6.432  -15.114 -0.106  0.50 34.33  ? 91  PRO A O   1 
ATOM   691  C  CB  . PRO A 1 91  ? -8.650  -16.808 1.630   0.50 32.00  ? 91  PRO A CB  1 
ATOM   692  C  CG  . PRO A 1 91  ? -9.197  -15.422 1.919   0.50 31.30  ? 91  PRO A CG  1 
ATOM   693  C  CD  . PRO A 1 91  ? -8.173  -14.786 2.838   0.50 30.74  ? 91  PRO A CD  1 
ATOM   694  N  N   . ALA A 1 92  ? -6.508  -17.292 -0.666  0.50 35.11  ? 92  ALA A N   1 
ATOM   695  C  CA  . ALA A 1 92  ? -6.363  -17.105 -2.126  0.50 34.73  ? 92  ALA A CA  1 
ATOM   696  C  C   . ALA A 1 92  ? -7.605  -16.342 -2.594  0.50 33.98  ? 92  ALA A C   1 
ATOM   697  O  O   . ALA A 1 92  ? -8.719  -16.785 -2.271  0.50 34.48  ? 92  ALA A O   1 
ATOM   698  C  CB  . ALA A 1 92  ? -6.206  -18.438 -2.815  0.50 35.18  ? 92  ALA A CB  1 
ATOM   699  N  N   . ARG A 1 93  ? -7.431  -15.197 -3.253  0.50 33.08  ? 93  ARG A N   1 
ATOM   700  C  CA  . ARG A 1 93  ? -8.577  -14.345 -3.667  0.50 31.57  ? 93  ARG A CA  1 
ATOM   701  C  C   . ARG A 1 93  ? -8.111  -13.280 -4.653  0.50 30.48  ? 93  ARG A C   1 
ATOM   702  O  O   . ARG A 1 93  ? -6.885  -13.148 -4.863  0.50 30.14  ? 93  ARG A O   1 
ATOM   703  C  CB  . ARG A 1 93  ? -9.201  -13.653 -2.453  0.50 32.95  ? 93  ARG A CB  1 
ATOM   704  C  CG  . ARG A 1 93  ? -8.205  -12.809 -1.673  0.50 33.84  ? 93  ARG A CG  1 
ATOM   705  C  CD  . ARG A 1 93  ? -8.827  -11.555 -1.103  0.50 34.08  ? 93  ARG A CD  1 
ATOM   706  N  NE  . ARG A 1 93  ? -7.849  -10.478 -1.050  0.50 34.56  ? 93  ARG A NE  1 
ATOM   707  C  CZ  . ARG A 1 93  ? -7.937  -9.423  -0.257  0.50 34.02  ? 93  ARG A CZ  1 
ATOM   708  N  NH1 . ARG A 1 93  ? -8.963  -9.303  0.569   0.50 33.61  ? 93  ARG A NH1 1 
ATOM   709  N  NH2 . ARG A 1 93  ? -6.988  -8.503  -0.284  0.50 33.67  ? 93  ARG A NH2 1 
ATOM   710  N  N   . TYR A 1 94  ? -9.077  -12.547 -5.210  0.50 30.17  ? 94  TYR A N   1 
ATOM   711  C  CA  . TYR A 1 94  ? -8.854  -11.428 -6.152  0.50 30.27  ? 94  TYR A CA  1 
ATOM   712  C  C   . TYR A 1 94  ? -8.664  -10.136 -5.363  0.50 29.58  ? 94  TYR A C   1 
ATOM   713  O  O   . TYR A 1 94  ? -9.594  -9.735  -4.617  0.50 28.43  ? 94  TYR A O   1 
ATOM   714  C  CB  . TYR A 1 94  ? -10.018 -11.302 -7.131  0.50 32.15  ? 94  TYR A CB  1 
ATOM   715  C  CG  . TYR A 1 94  ? -9.865  -12.206 -8.323  0.50 33.99  ? 94  TYR A CG  1 
ATOM   716  C  CD1 . TYR A 1 94  ? -8.987  -11.885 -9.343  0.50 34.17  ? 94  TYR A CD1 1 
ATOM   717  C  CD2 . TYR A 1 94  ? -10.552 -13.405 -8.406  0.50 35.68  ? 94  TYR A CD2 1 
ATOM   718  C  CE1 . TYR A 1 94  ? -8.820  -12.714 -10.437 0.50 35.07  ? 94  TYR A CE1 1 
ATOM   719  C  CE2 . TYR A 1 94  ? -10.401 -14.243 -9.496  0.50 36.36  ? 94  TYR A CE2 1 
ATOM   720  C  CZ  . TYR A 1 94  ? -9.529  -13.897 -10.514 0.50 35.96  ? 94  TYR A CZ  1 
ATOM   721  O  OH  . TYR A 1 94  ? -9.368  -14.714 -11.595 0.50 35.82  ? 94  TYR A OH  1 
ATOM   722  N  N   . GLN A 1 95  ? -7.514  -9.491  -5.562  1.00 28.90  ? 95  GLN A N   1 
ATOM   723  C  CA  . GLN A 1 95  ? -7.245  -8.184  -4.931  1.00 25.60  ? 95  GLN A CA  1 
ATOM   724  C  C   . GLN A 1 95  ? -7.390  -7.142  -6.035  1.00 21.96  ? 95  GLN A C   1 
ATOM   725  O  O   . GLN A 1 95  ? -6.792  -7.339  -7.160  1.00 23.80  ? 95  GLN A O   1 
ATOM   726  C  CB  . GLN A 1 95  ? -5.871  -8.175  -4.276  1.00 23.45  ? 95  GLN A CB  1 
ATOM   727  C  CG  . GLN A 1 95  ? -5.582  -6.869  -3.540  1.00 24.77  ? 95  GLN A CG  1 
ATOM   728  C  CD  . GLN A 1 95  ? -4.452  -7.027  -2.548  1.00 23.64  ? 95  GLN A CD  1 
ATOM   729  O  OE1 . GLN A 1 95  ? -4.300  -8.041  -1.884  1.00 25.37  ? 95  GLN A OE1 1 
ATOM   730  N  NE2 . GLN A 1 95  ? -3.677  -5.976  -2.403  1.00 22.36  ? 95  GLN A NE2 1 
ATOM   731  N  N   . SER A 1 96  ? -8.084  -6.058  -5.771  1.00 19.36  ? 96  SER A N   1 
ATOM   732  C  CA  . SER A 1 96  ? -8.295  -4.942  -6.710  1.00 19.59  ? 96  SER A CA  1 
ATOM   733  C  C   . SER A 1 96  ? -7.272  -3.800  -6.486  1.00 18.39  ? 96  SER A C   1 
ATOM   734  O  O   . SER A 1 96  ? -6.653  -3.718  -5.371  1.00 17.81  ? 96  SER A O   1 
ATOM   735  C  CB  . SER A 1 96  ? -9.725  -4.428  -6.626  1.00 19.93  ? 96  SER A CB  1 
ATOM   736  O  OG  . SER A 1 96  ? -9.950  -3.864  -5.352  1.00 22.16  ? 96  SER A OG  1 
ATOM   737  N  N   . HIS A 1 97  ? -7.120  -2.924  -7.478  1.00 18.18  ? 97  HIS A N   1 
ATOM   738  C  CA  . HIS A 1 97  ? -6.258  -1.718  -7.433  1.00 19.00  ? 97  HIS A CA  1 
ATOM   739  C  C   . HIS A 1 97  ? -4.816  -2.122  -7.112  1.00 17.45  ? 97  HIS A C   1 
ATOM   740  O  O   . HIS A 1 97  ? -4.153  -1.382  -6.346  1.00 16.63  ? 97  HIS A O   1 
ATOM   741  C  CB  . HIS A 1 97  ? -6.790  -0.732  -6.394  1.00 18.51  ? 97  HIS A CB  1 
ATOM   742  C  CG  . HIS A 1 97  ? -8.154  -0.234  -6.744  1.00 21.43  ? 97  HIS A CG  1 
ATOM   743  N  ND1 . HIS A 1 97  ? -8.337  0.943   -7.415  1.00 20.13  ? 97  HIS A ND1 1 
ATOM   744  C  CD2 . HIS A 1 97  ? -9.385  -0.797  -6.568  1.00 22.97  ? 97  HIS A CD2 1 
ATOM   745  C  CE1 . HIS A 1 97  ? -9.651  1.143   -7.584  1.00 21.21  ? 97  HIS A CE1 1 
ATOM   746  N  NE2 . HIS A 1 97  ? -10.292 0.081   -7.106  1.00 23.40  ? 97  HIS A NE2 1 
ATOM   747  N  N   . LEU A 1 98  ? -4.414  -3.278  -7.602  1.00 17.41  ? 98  LEU A N   1 
ATOM   748  C  CA  . LEU A 1 98  ? -3.092  -3.846  -7.321  1.00 17.62  ? 98  LEU A CA  1 
ATOM   749  C  C   . LEU A 1 98  ? -2.168  -3.623  -8.529  1.00 17.43  ? 98  LEU A C   1 
ATOM   750  O  O   . LEU A 1 98  ? -2.575  -3.831  -9.698  1.00 18.22  ? 98  LEU A O   1 
ATOM   751  C  CB  . LEU A 1 98  ? -3.241  -5.321  -6.974  1.00 18.83  ? 98  LEU A CB  1 
ATOM   752  C  CG  . LEU A 1 98  ? -1.961  -6.041  -6.573  1.00 18.69  ? 98  LEU A CG  1 
ATOM   753  C  CD1 . LEU A 1 98  ? -1.414  -5.474  -5.291  1.00 19.45  ? 98  LEU A CD1 1 
ATOM   754  C  CD2 . LEU A 1 98  ? -2.205  -7.532  -6.413  1.00 21.51  ? 98  LEU A CD2 1 
ATOM   755  N  N   . MET A 1 99  ? -0.912  -3.307  -8.222  1.00 14.78  ? 99  MET A N   1 
ATOM   756  C  CA  . MET A 1 99  ? 0.124   -3.001  -9.240  1.00 13.52  ? 99  MET A CA  1 
ATOM   757  C  C   . MET A 1 99  ? 1.256   -4.005  -9.050  1.00 15.82  ? 99  MET A C   1 
ATOM   758  O  O   . MET A 1 99  ? 1.714   -4.179  -7.899  1.00 15.82  ? 99  MET A O   1 
ATOM   759  C  CB  . MET A 1 99  ? 0.657   -1.573  -9.106  1.00 13.59  ? 99  MET A CB  1 
ATOM   760  C  CG  . MET A 1 99  ? -0.399  -0.446  -9.353  1.00 14.07  ? 99  MET A CG  1 
ATOM   761  S  SD  . MET A 1 99  ? 0.156   1.130   -8.907  1.00 17.50  ? 99  MET A SD  1 
ATOM   762  C  CE  . MET A 1 99  ? 0.455   0.952   -7.142  1.00 16.82  ? 99  MET A CE  1 
ATOM   763  N  N   . LEU A 1 100 ? 1.643   -4.740  -10.093 1.00 14.03  ? 100 LEU A N   1 
ATOM   764  C  CA  . LEU A 1 100 ? 2.715   -5.756  -9.927  1.00 14.62  ? 100 LEU A CA  1 
ATOM   765  C  C   . LEU A 1 100 ? 4.028   -5.237  -10.554 1.00 13.79  ? 100 LEU A C   1 
ATOM   766  O  O   . LEU A 1 100 ? 4.019   -4.486  -11.560 1.00 14.27  ? 100 LEU A O   1 
ATOM   767  C  CB  . LEU A 1 100 ? 2.381   -7.092  -10.615 1.00 18.39  ? 100 LEU A CB  1 
ATOM   768  C  CG  . LEU A 1 100 ? 1.222   -7.859  -9.989  1.00 20.80  ? 100 LEU A CG  1 
ATOM   769  C  CD1 . LEU A 1 100 ? 0.850   -9.060  -10.827 1.00 23.70  ? 100 LEU A CD1 1 
ATOM   770  C  CD2 . LEU A 1 100 ? 1.518   -8.264  -8.560  1.00 21.81  ? 100 LEU A CD2 1 
ATOM   771  N  N   . ALA A 1 101 ? 5.131   -5.639  -9.937  1.00 13.87  ? 101 ALA A N   1 
ATOM   772  C  CA  . ALA A 1 101 ? 6.501   -5.460  -10.450 1.00 13.02  ? 101 ALA A CA  1 
ATOM   773  C  C   . ALA A 1 101 ? 7.267   -6.752  -10.190 1.00 13.83  ? 101 ALA A C   1 
ATOM   774  O  O   . ALA A 1 101 ? 6.878   -7.577  -9.338  1.00 14.81  ? 101 ALA A O   1 
ATOM   775  C  CB  . ALA A 1 101 ? 7.184   -4.295  -9.744  1.00 12.84  ? 101 ALA A CB  1 
ATOM   776  N  N   . VAL A 1 102 ? 8.375   -6.879  -10.900 1.00 13.70  ? 102 VAL A N   1 
ATOM   777  C  CA  . VAL A 1 102 ? 9.351   -7.937  -10.639 1.00 12.24  ? 102 VAL A CA  1 
ATOM   778  C  C   . VAL A 1 102 ? 10.245  -7.432  -9.513  1.00 14.49  ? 102 VAL A C   1 
ATOM   779  O  O   . VAL A 1 102 ? 10.976  -6.447  -9.662  1.00 15.01  ? 102 VAL A O   1 
ATOM   780  C  CB  . VAL A 1 102 ? 10.115  -8.287  -11.934 1.00 13.66  ? 102 VAL A CB  1 
ATOM   781  C  CG1 . VAL A 1 102 ? 11.185  -9.284  -11.630 1.00 15.52  ? 102 VAL A CG1 1 
ATOM   782  C  CG2 . VAL A 1 102 ? 9.144   -8.823  -12.968 1.00 15.08  ? 102 VAL A CG2 1 
ATOM   783  N  N   . GLY A 1 103 ? 10.206  -8.147  -8.394  1.00 16.04  ? 103 GLY A N   1 
ATOM   784  C  CA  . GLY A 1 103 ? 11.082  -7.737  -7.293  1.00 16.29  ? 103 GLY A CA  1 
ATOM   785  C  C   . GLY A 1 103 ? 10.845  -8.651  -6.125  1.00 17.87  ? 103 GLY A C   1 
ATOM   786  O  O   . GLY A 1 103 ? 9.913   -9.474  -6.170  1.00 19.02  ? 103 GLY A O   1 
ATOM   787  N  N   . HIS A 1 104 ? 11.561  -8.380  -5.052  1.00 18.70  ? 104 HIS A N   1 
ATOM   788  C  CA  . HIS A 1 104 ? 11.487  -9.182  -3.820  1.00 18.60  ? 104 HIS A CA  1 
ATOM   789  C  C   . HIS A 1 104 ? 10.450  -8.599  -2.866  1.00 17.06  ? 104 HIS A C   1 
ATOM   790  O  O   . HIS A 1 104 ? 10.545  -7.413  -2.574  1.00 15.81  ? 104 HIS A O   1 
ATOM   791  C  CB  . HIS A 1 104 ? 12.873  -9.259  -3.201  1.00 18.32  ? 104 HIS A CB  1 
ATOM   792  C  CG  . HIS A 1 104 ? 12.840  -10.206 -2.059  1.00 19.68  ? 104 HIS A CG  1 
ATOM   793  N  ND1 . HIS A 1 104 ? 12.605  -11.546 -2.264  1.00 20.79  ? 104 HIS A ND1 1 
ATOM   794  C  CD2 . HIS A 1 104 ? 12.933  -10.024 -0.724  1.00 21.06  ? 104 HIS A CD2 1 
ATOM   795  C  CE1 . HIS A 1 104 ? 12.586  -12.159 -1.083  1.00 20.63  ? 104 HIS A CE1 1 
ATOM   796  N  NE2 . HIS A 1 104 ? 12.783  -11.245 -0.135  1.00 20.04  ? 104 HIS A NE2 1 
ATOM   797  N  N   . SER A 1 105 ? 9.605   -9.453  -2.294  1.00 18.14  ? 105 SER A N   1 
ATOM   798  C  CA  . SER A 1 105 ? 8.548   -9.110  -1.322  1.00 18.53  ? 105 SER A CA  1 
ATOM   799  C  C   . SER A 1 105 ? 8.251   -10.351 -0.482  1.00 24.47  ? 105 SER A C   1 
ATOM   800  O  O   . SER A 1 105 ? 7.714   -11.335 -1.040  1.00 24.02  ? 105 SER A O   1 
ATOM   801  C  CB  . SER A 1 105 ? 7.331   -8.603  -2.016  1.00 17.71  ? 105 SER A CB  1 
ATOM   802  O  OG  . SER A 1 105 ? 6.278   -8.305  -1.088  1.00 19.31  ? 105 SER A OG  1 
ATOM   803  N  N   . GLU A 1 106 ? 8.537   -10.243 0.795   1.00 20.13  ? 106 GLU A N   1 
ATOM   804  C  CA  . GLU A 1 106 ? 8.094   -11.202 1.836   1.00 23.00  ? 106 GLU A CA  1 
ATOM   805  C  C   . GLU A 1 106 ? 6.975   -10.585 2.656   1.00 23.94  ? 106 GLU A C   1 
ATOM   806  O  O   . GLU A 1 106 ? 6.722   -9.385  2.591   1.00 24.35  ? 106 GLU A O   1 
ATOM   807  C  CB  . GLU A 1 106 ? 9.279   -11.537 2.735   1.00 23.94  ? 106 GLU A CB  1 
ATOM   808  C  CG  . GLU A 1 106 ? 10.391  -12.214 1.977   1.00 28.07  ? 106 GLU A CG  1 
ATOM   809  C  CD  . GLU A 1 106 ? 11.651  -12.419 2.804   1.00 27.79  ? 106 GLU A CD  1 
ATOM   810  O  OE1 . GLU A 1 106 ? 11.558  -12.562 4.021   1.00 27.10  ? 106 GLU A OE1 1 
ATOM   811  O  OE2 . GLU A 1 106 ? 12.718  -12.326 2.224   1.00 28.47  ? 106 GLU A OE2 1 
ATOM   812  N  N   . PRO A 1 107 ? 6.240   -11.379 3.471   1.00 25.30  ? 107 PRO A N   1 
ATOM   813  C  CA  . PRO A 1 107 ? 5.079   -10.843 4.181   1.00 25.48  ? 107 PRO A CA  1 
ATOM   814  C  C   . PRO A 1 107 ? 5.328   -9.574  5.025   1.00 24.38  ? 107 PRO A C   1 
ATOM   815  O  O   . PRO A 1 107 ? 4.515   -8.633  4.982   1.00 24.89  ? 107 PRO A O   1 
ATOM   816  C  CB  . PRO A 1 107 ? 4.680   -12.052 5.041   1.00 27.44  ? 107 PRO A CB  1 
ATOM   817  C  CG  . PRO A 1 107 ? 5.000   -13.211 4.129   1.00 29.31  ? 107 PRO A CG  1 
ATOM   818  C  CD  . PRO A 1 107 ? 6.371   -12.842 3.604   1.00 27.63  ? 107 PRO A CD  1 
ATOM   819  N  N   . GLY A 1 108 ? 6.448   -9.527  5.730   1.00 21.65  ? 108 GLY A N   1 
ATOM   820  C  CA  . GLY A 1 108 ? 6.838   -8.388  6.575   1.00 22.03  ? 108 GLY A CA  1 
ATOM   821  C  C   . GLY A 1 108 ? 7.246   -7.180  5.750   1.00 19.12  ? 108 GLY A C   1 
ATOM   822  O  O   . GLY A 1 108 ? 7.493   -6.118  6.335   1.00 18.36  ? 108 GLY A O   1 
ATOM   823  N  N   . ASP A 1 109 ? 7.402   -7.354  4.429   1.00 17.22  ? 109 ASP A N   1 
ATOM   824  C  CA  . ASP A 1 109 ? 7.683   -6.180  3.571   1.00 17.46  ? 109 ASP A CA  1 
ATOM   825  C  C   . ASP A 1 109 ? 6.424   -5.364  3.362   1.00 15.63  ? 109 ASP A C   1 
ATOM   826  O  O   . ASP A 1 109 ? 6.550   -4.223  2.891   1.00 14.20  ? 109 ASP A O   1 
ATOM   827  C  CB  . ASP A 1 109 ? 8.254   -6.594  2.236   1.00 15.72  ? 109 ASP A CB  1 
ATOM   828  C  CG  . ASP A 1 109 ? 9.671   -7.123  2.390   1.00 15.43  ? 109 ASP A CG  1 
ATOM   829  O  OD1 . ASP A 1 109 ? 10.382  -6.561  3.225   1.00 15.80  ? 109 ASP A OD1 1 
ATOM   830  O  OD2 . ASP A 1 109 ? 10.031  -8.030  1.633   1.00 17.53  ? 109 ASP A OD2 1 
ATOM   831  N  N   . CYS A 1 110 ? 5.265   -5.880  3.719   1.00 16.30  ? 110 CYS A N   1 
ATOM   832  C  CA  . CYS A 1 110 ? 4.019   -5.105  3.571   1.00 14.85  ? 110 CYS A CA  1 
ATOM   833  C  C   . CYS A 1 110 ? 4.193   -3.787  4.289   1.00 14.82  ? 110 CYS A C   1 
ATOM   834  O  O   . CYS A 1 110 ? 4.706   -3.790  5.399   1.00 15.01  ? 110 CYS A O   1 
ATOM   835  C  CB  . CYS A 1 110 ? 2.773   -5.824  4.064   1.00 15.54  ? 110 CYS A CB  1 
ATOM   836  S  SG  . CYS A 1 110 ? 2.278   -7.125  2.911   1.00 18.91  ? 110 CYS A SG  1 
ATOM   837  N  N   . GLY A 1 111 ? 3.715   -2.707  3.659   1.00 13.15  ? 111 GLY A N   1 
ATOM   838  C  CA  . GLY A 1 111 ? 3.730   -1.345  4.195   1.00 13.90  ? 111 GLY A CA  1 
ATOM   839  C  C   . GLY A 1 111 ? 4.915   -0.554  3.678   1.00 13.14  ? 111 GLY A C   1 
ATOM   840  O  O   . GLY A 1 111 ? 4.942   0.692   3.904   1.00 14.48  ? 111 GLY A O   1 
ATOM   841  N  N   . GLY A 1 112 ? 5.869   -1.219  3.027   1.00 12.82  ? 112 GLY A N   1 
ATOM   842  C  CA  . GLY A 1 112 ? 6.943   -0.510  2.328   1.00 11.56  ? 112 GLY A CA  1 
ATOM   843  C  C   . GLY A 1 112 ? 6.332   0.429   1.300   1.00 11.27  ? 112 GLY A C   1 
ATOM   844  O  O   . GLY A 1 112 ? 5.478   0.009   0.567   1.00 11.34  ? 112 GLY A O   1 
ATOM   845  N  N   . ILE A 1 113 ? 6.802   1.645   1.264   1.00 10.56  ? 113 ILE A N   1 
ATOM   846  C  CA  . ILE A 1 113 ? 6.230   2.649   0.315   1.00 10.77  ? 113 ILE A CA  1 
ATOM   847  C  C   . ILE A 1 113 ? 6.882   2.589   -1.061  1.00 10.36  ? 113 ILE A C   1 
ATOM   848  O  O   . ILE A 1 113 ? 8.157   2.430   -1.140  1.00 12.09  ? 113 ILE A O   1 
ATOM   849  C  CB  . ILE A 1 113 ? 6.325   4.020   0.936   1.00 13.01  ? 113 ILE A CB  1 
ATOM   850  C  CG1 . ILE A 1 113 ? 5.379   4.111   2.123   1.00 15.15  ? 113 ILE A CG1 1 
ATOM   851  C  CG2 . ILE A 1 113 ? 6.039   5.100   -0.091  1.00 15.28  ? 113 ILE A CG2 1 
ATOM   852  C  CD1 . ILE A 1 113 ? 5.547   5.430   2.919   1.00 17.20  ? 113 ILE A CD1 1 
ATOM   853  N  N   . LEU A 1 114 ? 6.037   2.666   -2.104  1.00 10.44  ? 114 LEU A N   1 
ATOM   854  C  CA  . LEU A 1 114 ? 6.453   2.870   -3.515  1.00 10.34  ? 114 LEU A CA  1 
ATOM   855  C  C   . LEU A 1 114 ? 6.257   4.342   -3.773  1.00 12.21  ? 114 LEU A C   1 
ATOM   856  O  O   . LEU A 1 114 ? 5.132   4.857   -3.524  1.00 11.53  ? 114 LEU A O   1 
ATOM   857  C  CB  . LEU A 1 114 ? 5.534   2.020   -4.402  1.00 10.68  ? 114 LEU A CB  1 
ATOM   858  C  CG  . LEU A 1 114 ? 5.721   2.194   -5.901  1.00 10.99  ? 114 LEU A CG  1 
ATOM   859  C  CD1 . LEU A 1 114 ? 7.104   1.754   -6.345  1.00 11.34  ? 114 LEU A CD1 1 
ATOM   860  C  CD2 . LEU A 1 114 ? 4.618   1.459   -6.655  1.00 11.32  ? 114 LEU A CD2 1 
ATOM   861  N  N   . ARG A 1 115 ? 7.287   4.974   -4.331  0.80 11.91  ? 115 ARG A N   1 
ATOM   862  C  CA  . ARG A 1 115 ? 7.307   6.434   -4.592  0.80 12.97  ? 115 ARG A CA  1 
ATOM   863  C  C   . ARG A 1 115 ? 7.735   6.700   -6.029  0.80 13.24  ? 115 ARG A C   1 
ATOM   864  O  O   . ARG A 1 115 ? 8.596   5.993   -6.558  0.80 12.80  ? 115 ARG A O   1 
ATOM   865  C  CB  . ARG A 1 115 ? 8.298   7.141   -3.671  0.80 15.16  ? 115 ARG A CB  1 
ATOM   866  C  CG  . ARG A 1 115 ? 7.960   7.061   -2.194  0.80 18.07  ? 115 ARG A CG  1 
ATOM   867  C  CD  . ARG A 1 115 ? 8.936   7.882   -1.385  0.80 18.99  ? 115 ARG A CD  1 
ATOM   868  N  NE  . ARG A 1 115 ? 8.992   7.389   -0.019  0.80 22.56  ? 115 ARG A NE  1 
ATOM   869  C  CZ  . ARG A 1 115 ? 8.285   7.874   0.994   0.80 22.97  ? 115 ARG A CZ  1 
ATOM   870  N  NH1 . ARG A 1 115 ? 7.466   8.895   0.806   0.80 22.76  ? 115 ARG A NH1 1 
ATOM   871  N  NH2 . ARG A 1 115 ? 8.422   7.336   2.196   0.80 23.44  ? 115 ARG A NH2 1 
ATOM   872  N  N   . CYS A 1 116 ? 7.145   7.733   -6.614  1.00 13.94  ? 116 CYS A N   1 
ATOM   873  C  CA  . CYS A 1 116 ? 7.598   8.339   -7.889  1.00 14.93  ? 116 CYS A CA  1 
ATOM   874  C  C   . CYS A 1 116 ? 7.956   9.807   -7.630  1.00 17.77  ? 116 CYS A C   1 
ATOM   875  O  O   . CYS A 1 116 ? 7.933   10.245  -6.493  1.00 17.86  ? 116 CYS A O   1 
ATOM   876  C  CB  . CYS A 1 116 ? 6.541   8.144   -8.949  1.00 13.50  ? 116 CYS A CB  1 
ATOM   877  S  SG  . CYS A 1 116 ? 5.037   9.120   -8.607  1.00 15.83  ? 116 CYS A SG  1 
ATOM   878  N  N   . GLN A 1 117 ? 8.271   10.573  -8.681  1.00 21.83  ? 117 GLN A N   1 
ATOM   879  C  CA  . GLN A 1 117 ? 8.566   12.030  -8.533  1.00 24.99  ? 117 GLN A CA  1 
ATOM   880  C  C   . GLN A 1 117 ? 7.360   12.782  -7.945  1.00 23.25  ? 117 GLN A C   1 
ATOM   881  O  O   . GLN A 1 117 ? 7.612   13.812  -7.267  1.00 26.06  ? 117 GLN A O   1 
ATOM   882  C  CB  . GLN A 1 117 ? 8.967   12.681  -9.864  1.00 27.94  ? 117 GLN A CB  1 
ATOM   883  C  CG  . GLN A 1 117 ? 7.927   12.552  -10.964 1.00 31.43  ? 117 GLN A CG  1 
ATOM   884  C  CD  . GLN A 1 117 ? 8.221   11.399  -11.898 1.00 37.42  ? 117 GLN A CD  1 
ATOM   885  O  OE1 . GLN A 1 117 ? 8.562   10.295  -11.457 1.00 45.20  ? 117 GLN A OE1 1 
ATOM   886  N  NE2 . GLN A 1 117 ? 8.058   11.631  -13.201 1.00 37.85  ? 117 GLN A NE2 1 
ATOM   887  N  N   . HIS A 1 118 ? 6.135   12.297  -8.148  1.00 21.50  ? 118 HIS A N   1 
ATOM   888  C  CA  . HIS A 1 118 ? 4.892   12.993  -7.725  1.00 20.22  ? 118 HIS A CA  1 
ATOM   889  C  C   . HIS A 1 118 ? 4.598   12.692  -6.246  1.00 20.96  ? 118 HIS A C   1 
ATOM   890  O  O   . HIS A 1 118 ? 3.703   13.370  -5.687  1.00 23.11  ? 118 HIS A O   1 
ATOM   891  C  CB  . HIS A 1 118 ? 3.759   12.587  -8.656  1.00 20.74  ? 118 HIS A CB  1 
ATOM   892  C  CG  . HIS A 1 118 ? 4.029   12.810  -10.111 1.00 23.45  ? 118 HIS A CG  1 
ATOM   893  N  ND1 . HIS A 1 118 ? 4.226   11.762  -11.020 1.00 21.60  ? 118 HIS A ND1 1 
ATOM   894  C  CD2 . HIS A 1 118 ? 4.036   13.944  -10.860 1.00 25.17  ? 118 HIS A CD2 1 
ATOM   895  C  CE1 . HIS A 1 118 ? 4.401   12.245  -12.238 1.00 27.10  ? 118 HIS A CE1 1 
ATOM   896  N  NE2 . HIS A 1 118 ? 4.301   13.574  -12.165 1.00 24.07  ? 118 HIS A NE2 1 
ATOM   897  N  N   . GLY A 1 119 ? 5.298   11.722  -5.601  1.00 20.43  ? 119 GLY A N   1 
ATOM   898  C  CA  . GLY A 1 119 ? 5.004   11.392  -4.198  1.00 17.67  ? 119 GLY A CA  1 
ATOM   899  C  C   . GLY A 1 119 ? 4.682   9.909   -4.010  1.00 16.51  ? 119 GLY A C   1 
ATOM   900  O  O   . GLY A 1 119 ? 5.150   9.094   -4.777  1.00 17.14  ? 119 GLY A O   1 
ATOM   901  N  N   . VAL A 1 120 ? 3.873   9.598   -2.999  1.00 14.51  ? 120 VAL A N   1 
ATOM   902  C  CA  . VAL A 1 120 ? 3.582   8.191   -2.622  1.00 15.34  ? 120 VAL A CA  1 
ATOM   903  C  C   . VAL A 1 120 ? 2.625   7.604   -3.626  1.00 14.44  ? 120 VAL A C   1 
ATOM   904  O  O   . VAL A 1 120 ? 1.515   8.191   -3.827  1.00 14.31  ? 120 VAL A O   1 
ATOM   905  C  CB  . VAL A 1 120 ? 3.040   8.138   -1.193  1.00 15.51  ? 120 VAL A CB  1 
ATOM   906  C  CG1 . VAL A 1 120 ? 2.554   6.735   -0.881  1.00 15.05  ? 120 VAL A CG1 1 
ATOM   907  C  CG2 . VAL A 1 120 ? 4.094   8.612   -0.225  1.00 15.41  ? 120 VAL A CG2 1 
ATOM   908  N  N   . VAL A 1 121 ? 2.978   6.469   -4.218  1.00 14.85  ? 121 VAL A N   1 
ATOM   909  C  CA  . VAL A 1 121 ? 2.112   5.760   -5.177  1.00 12.82  ? 121 VAL A CA  1 
ATOM   910  C  C   . VAL A 1 121 ? 1.266   4.708   -4.444  1.00 13.56  ? 121 VAL A C   1 
ATOM   911  O  O   . VAL A 1 121 ? 0.110   4.499   -4.782  1.00 12.66  ? 121 VAL A O   1 
ATOM   912  C  CB  . VAL A 1 121 ? 2.976   5.117   -6.268  1.00 12.90  ? 121 VAL A CB  1 
ATOM   913  C  CG1 . VAL A 1 121 ? 2.203   4.240   -7.203  1.00 13.25  ? 121 VAL A CG1 1 
ATOM   914  C  CG2 . VAL A 1 121 ? 3.782   6.199   -6.991  1.00 13.97  ? 121 VAL A CG2 1 
ATOM   915  N  N   . GLY A 1 122 ? 1.873   3.958   -3.523  1.00 12.50  ? 122 GLY A N   1 
ATOM   916  C  CA  . GLY A 1 122 ? 1.131   2.881   -2.853  1.00 12.89  ? 122 GLY A CA  1 
ATOM   917  C  C   . GLY A 1 122 ? 2.058   2.200   -1.858  1.00 11.43  ? 122 GLY A C   1 
ATOM   918  O  O   . GLY A 1 122 ? 3.162   2.691   -1.552  1.00 12.52  ? 122 GLY A O   1 
ATOM   919  N  N   . ILE A 1 123 ? 1.615   1.063   -1.366  1.00 11.39  ? 123 ILE A N   1 
ATOM   920  C  CA  . ILE A 1 123 ? 2.344   0.331   -0.313  1.00 12.32  ? 123 ILE A CA  1 
ATOM   921  C  C   . ILE A 1 123 ? 2.383   -1.126  -0.707  1.00 11.64  ? 123 ILE A C   1 
ATOM   922  O  O   . ILE A 1 123 ? 1.418   -1.665  -1.311  1.00 12.28  ? 123 ILE A O   1 
ATOM   923  C  CB  . ILE A 1 123 ? 1.719   0.526   1.070   1.00 12.94  ? 123 ILE A CB  1 
ATOM   924  C  CG1 . ILE A 1 123 ? 0.223   0.225   1.121   1.00 15.15  ? 123 ILE A CG1 1 
ATOM   925  C  CG2 . ILE A 1 123 ? 2.073   1.894   1.604   1.00 14.66  ? 123 ILE A CG2 1 
ATOM   926  C  CD1 . ILE A 1 123 ? -0.330  0.013   2.523   1.00 17.47  ? 123 ILE A CD1 1 
ATOM   927  N  N   . VAL A 1 124 ? 3.490   -1.766  -0.372  1.00 11.35  ? 124 VAL A N   1 
ATOM   928  C  CA  . VAL A 1 124 ? 3.647   -3.221  -0.591  1.00 12.45  ? 124 VAL A CA  1 
ATOM   929  C  C   . VAL A 1 124 ? 2.488   -3.976  0.048   1.00 13.23  ? 124 VAL A C   1 
ATOM   930  O  O   . VAL A 1 124 ? 2.199   -3.735  1.208   1.00 12.23  ? 124 VAL A O   1 
ATOM   931  C  CB  . VAL A 1 124 ? 4.979   -3.748  -0.069  1.00 12.08  ? 124 VAL A CB  1 
ATOM   932  C  CG1 . VAL A 1 124 ? 5.047   -5.276  -0.174  1.00 13.46  ? 124 VAL A CG1 1 
ATOM   933  C  CG2 . VAL A 1 124 ? 6.157   -3.120  -0.771  1.00 11.90  ? 124 VAL A CG2 1 
ATOM   934  N  N   . SER A 1 125 ? 1.869   -4.902  -0.702  1.00 13.85  ? 125 SER A N   1 
ATOM   935  C  CA  . SER A 1 125 ? 0.677   -5.635  -0.209  1.00 15.06  ? 125 SER A CA  1 
ATOM   936  C  C   . SER A 1 125 ? 0.786   -7.135  -0.473  1.00 19.57  ? 125 SER A C   1 
ATOM   937  O  O   . SER A 1 125 ? 0.261   -7.941  0.354   1.00 20.37  ? 125 SER A O   1 
ATOM   938  C  CB  . SER A 1 125 ? -0.558  -5.033  -0.810  1.00 16.05  ? 125 SER A CB  1 
ATOM   939  O  OG  . SER A 1 125 ? -1.757  -5.758  -0.476  1.00 16.40  ? 125 SER A OG  1 
ATOM   940  N  N   . THR A 1 126 ? 1.475   -7.519  -1.530  1.00 17.97  ? 126 THR A N   1 
ATOM   941  C  CA  . THR A 1 126 ? 1.607   -8.939  -1.949  1.00 18.23  ? 126 THR A CA  1 
ATOM   942  C  C   . THR A 1 126 ? 3.045   -9.256  -2.320  1.00 18.99  ? 126 THR A C   1 
ATOM   943  O  O   . THR A 1 126 ? 3.851   -8.346  -2.632  1.00 17.38  ? 126 THR A O   1 
ATOM   944  C  CB  . THR A 1 126 ? 0.639   -9.327  -3.083  1.00 18.72  ? 126 THR A CB  1 
ATOM   945  O  OG1 . THR A 1 126 ? 1.121   -8.795  -4.314  1.00 19.63  ? 126 THR A OG1 1 
ATOM   946  C  CG2 . THR A 1 126 ? -0.780  -8.890  -2.829  1.00 18.94  ? 126 THR A CG2 1 
ATOM   947  N  N   . GLY A 1 127 ? 3.374   -10.547 -2.359  1.00 19.86  ? 127 GLY A N   1 
ATOM   948  C  CA  . GLY A 1 127 ? 4.731   -10.976 -2.746  1.00 22.35  ? 127 GLY A CA  1 
ATOM   949  C  C   . GLY A 1 127 ? 4.716   -12.418 -3.237  1.00 26.10  ? 127 GLY A C   1 
ATOM   950  O  O   . GLY A 1 127 ? 3.639   -12.893 -3.507  1.00 29.49  ? 127 GLY A O   1 
ATOM   951  N  N   . GLY A 1 128 ? 5.879   -13.033 -3.342  1.00 28.36  ? 128 GLY A N   1 
ATOM   952  C  CA  . GLY A 1 128 ? 6.043   -14.423 -3.826  1.00 31.91  ? 128 GLY A CA  1 
ATOM   953  C  C   . GLY A 1 128 ? 6.314   -14.539 -5.323  1.00 31.80  ? 128 GLY A C   1 
ATOM   954  O  O   . GLY A 1 128 ? 5.929   -13.642 -6.105  1.00 30.64  ? 128 GLY A O   1 
ATOM   955  N  N   . ASN A 1 129 ? 6.939   -15.646 -5.736  1.00 32.26  ? 129 ASN A N   1 
ATOM   956  C  CA  . ASN A 1 129 ? 7.189   -16.000 -7.164  1.00 33.10  ? 129 ASN A CA  1 
ATOM   957  C  C   . ASN A 1 129 ? 8.037   -14.906 -7.829  1.00 27.55  ? 129 ASN A C   1 
ATOM   958  O  O   . ASN A 1 129 ? 7.973   -14.750 -9.072  1.00 31.74  ? 129 ASN A O   1 
ATOM   959  C  CB  . ASN A 1 129 ? 5.883   -16.247 -7.929  1.00 36.96  ? 129 ASN A CB  1 
ATOM   960  C  CG  . ASN A 1 129 ? 5.342   -17.650 -7.753  1.00 40.25  ? 129 ASN A CG  1 
ATOM   961  O  OD1 . ASN A 1 129 ? 6.032   -18.518 -7.216  1.00 41.25  ? 129 ASN A OD1 1 
ATOM   962  N  ND2 . ASN A 1 129 ? 4.119   -17.885 -8.213  1.00 38.10  ? 129 ASN A ND2 1 
ATOM   963  N  N   . GLY A 1 130 ? 8.794   -14.144 -7.047  1.00 27.80  ? 130 GLY A N   1 
ATOM   964  C  CA  . GLY A 1 130 ? 9.638   -13.083 -7.609  1.00 21.67  ? 130 GLY A CA  1 
ATOM   965  C  C   . GLY A 1 130 ? 8.849   -11.840 -8.039  1.00 21.69  ? 130 GLY A C   1 
ATOM   966  O  O   . GLY A 1 130 ? 9.414   -11.046 -8.802  1.00 19.19  ? 130 GLY A O   1 
ATOM   967  N  N   . LEU A 1 131 ? 7.620   -11.651 -7.546  1.00 19.71  ? 131 LEU A N   1 
ATOM   968  C  CA  . LEU A 1 131 ? 6.819   -10.465 -7.853  1.00 19.22  ? 131 LEU A CA  1 
ATOM   969  C  C   . LEU A 1 131 ? 6.643   -9.706  -6.536  1.00 16.78  ? 131 LEU A C   1 
ATOM   970  O  O   . LEU A 1 131 ? 6.649   -10.289 -5.449  1.00 18.55  ? 131 LEU A O   1 
ATOM   971  C  CB  . LEU A 1 131 ? 5.481   -10.830 -8.481  1.00 21.91  ? 131 LEU A CB  1 
ATOM   972  C  CG  . LEU A 1 131 ? 5.606   -11.681 -9.750  1.00 24.54  ? 131 LEU A CG  1 
ATOM   973  C  CD1 . LEU A 1 131 ? 4.283   -12.343 -10.102 1.00 27.68  ? 131 LEU A CD1 1 
ATOM   974  C  CD2 . LEU A 1 131 ? 6.154   -10.874 -10.903 1.00 26.00  ? 131 LEU A CD2 1 
ATOM   975  N  N   . VAL A 1 132 ? 6.384   -8.425  -6.697  1.00 15.38  ? 132 VAL A N   1 
ATOM   976  C  CA  . VAL A 1 132 ? 5.925   -7.586  -5.574  1.00 14.19  ? 132 VAL A CA  1 
ATOM   977  C  C   . VAL A 1 132 ? 4.665   -6.885  -6.050  1.00 12.72  ? 132 VAL A C   1 
ATOM   978  O  O   . VAL A 1 132 ? 4.665   -6.370  -7.141  1.00 15.27  ? 132 VAL A O   1 
ATOM   979  C  CB  . VAL A 1 132 ? 7.012   -6.607  -5.111  1.00 15.70  ? 132 VAL A CB  1 
ATOM   980  C  CG1 . VAL A 1 132 ? 7.653   -5.797  -6.226  1.00 16.50  ? 132 VAL A CG1 1 
ATOM   981  C  CG2 . VAL A 1 132 ? 6.496   -5.695  -4.000  1.00 15.96  ? 132 VAL A CG2 1 
ATOM   982  N  N   . GLY A 1 133 ? 3.626   -6.899  -5.218  1.00 14.14  ? 133 GLY A N   1 
ATOM   983  C  CA  . GLY A 1 133 ? 2.370   -6.243  -5.509  1.00 13.91  ? 133 GLY A CA  1 
ATOM   984  C  C   . GLY A 1 133 ? 2.190   -5.067  -4.578  1.00 12.87  ? 133 GLY A C   1 
ATOM   985  O  O   . GLY A 1 133 ? 2.413   -5.204  -3.379  1.00 14.74  ? 133 GLY A O   1 
ATOM   986  N  N   . PHE A 1 134 ? 1.769   -3.954  -5.136  1.00 11.99  ? 134 PHE A N   1 
ATOM   987  C  CA  . PHE A 1 134 ? 1.585   -2.688  -4.405  1.00 11.76  ? 134 PHE A CA  1 
ATOM   988  C  C   . PHE A 1 134 ? 0.107   -2.289  -4.484  1.00 12.14  ? 134 PHE A C   1 
ATOM   989  O  O   . PHE A 1 134 ? -0.467  -2.264  -5.593  1.00 12.64  ? 134 PHE A O   1 
ATOM   990  C  CB  . PHE A 1 134 ? 2.388   -1.541  -4.998  1.00 11.01  ? 134 PHE A CB  1 
ATOM   991  C  CG  . PHE A 1 134 ? 3.839   -1.842  -5.165  1.00 10.90  ? 134 PHE A CG  1 
ATOM   992  C  CD1 . PHE A 1 134 ? 4.700   -1.659  -4.122  1.00 11.14  ? 134 PHE A CD1 1 
ATOM   993  C  CD2 . PHE A 1 134 ? 4.362   -2.279  -6.383  1.00 11.42  ? 134 PHE A CD2 1 
ATOM   994  C  CE1 . PHE A 1 134 ? 6.039   -1.974  -4.270  1.00 10.85  ? 134 PHE A CE1 1 
ATOM   995  C  CE2 . PHE A 1 134 ? 5.710   -2.568  -6.538  1.00 12.16  ? 134 PHE A CE2 1 
ATOM   996  C  CZ  . PHE A 1 134 ? 6.559   -2.356  -5.490  1.00 11.93  ? 134 PHE A CZ  1 
ATOM   997  N  N   . ALA A 1 135 ? -0.499  -2.031  -3.339  1.00 12.87  ? 135 ALA A N   1 
ATOM   998  C  CA  . ALA A 1 135 ? -1.849  -1.440  -3.262  1.00 11.89  ? 135 ALA A CA  1 
ATOM   999  C  C   . ALA A 1 135 ? -1.760  0.028   -3.634  1.00 11.64  ? 135 ALA A C   1 
ATOM   1000 O  O   . ALA A 1 135 ? -1.099  0.822   -2.940  1.00 11.62  ? 135 ALA A O   1 
ATOM   1001 C  CB  . ALA A 1 135 ? -2.432  -1.635  -1.882  1.00 12.10  ? 135 ALA A CB  1 
ATOM   1002 N  N   . ASP A 1 136 ? -2.392  0.400   -4.739  1.00 13.59  ? 136 ASP A N   1 
ATOM   1003 C  CA  . ASP A 1 136 ? -2.381  1.793   -5.202  1.00 13.18  ? 136 ASP A CA  1 
ATOM   1004 C  C   . ASP A 1 136 ? -3.173  2.690   -4.235  1.00 12.63  ? 136 ASP A C   1 
ATOM   1005 O  O   . ASP A 1 136 ? -4.201  2.189   -3.705  1.00 14.80  ? 136 ASP A O   1 
ATOM   1006 C  CB  . ASP A 1 136 ? -3.002  1.910   -6.605  1.00 14.24  ? 136 ASP A CB  1 
ATOM   1007 C  CG  . ASP A 1 136 ? -2.983  3.315   -7.119  1.00 16.82  ? 136 ASP A CG  1 
ATOM   1008 O  OD1 . ASP A 1 136 ? -1.927  3.906   -7.177  1.00 16.60  ? 136 ASP A OD1 1 
ATOM   1009 O  OD2 . ASP A 1 136 ? -4.090  3.829   -7.443  1.00 20.40  ? 136 ASP A OD2 1 
ATOM   1010 N  N   . VAL A 1 137 ? -2.752  3.937   -4.003  1.00 12.81  ? 137 VAL A N   1 
ATOM   1011 C  CA  . VAL A 1 137 ? -3.539  4.923   -3.209  1.00 13.45  ? 137 VAL A CA  1 
ATOM   1012 C  C   . VAL A 1 137 ? -3.836  6.168   -4.061  1.00 14.11  ? 137 VAL A C   1 
ATOM   1013 O  O   . VAL A 1 137 ? -4.408  7.115   -3.578  1.00 15.86  ? 137 VAL A O   1 
ATOM   1014 C  CB  . VAL A 1 137 ? -2.818  5.309   -1.911  1.00 13.92  ? 137 VAL A CB  1 
ATOM   1015 C  CG1 . VAL A 1 137 ? -2.674  4.113   -1.002  1.00 13.98  ? 137 VAL A CG1 1 
ATOM   1016 C  CG2 . VAL A 1 137 ? -1.471  5.979   -2.151  1.00 13.20  ? 137 VAL A CG2 1 
ATOM   1017 N  N   . ARG A 1 138 ? -3.282  6.245   -5.274  1.00 15.18  ? 138 ARG A N   1 
ATOM   1018 C  CA  . ARG A 1 138 ? -3.345  7.510   -6.041  1.00 14.13  ? 138 ARG A CA  1 
ATOM   1019 C  C   . ARG A 1 138 ? -4.779  7.903   -6.422  1.00 16.28  ? 138 ARG A C   1 
ATOM   1020 O  O   . ARG A 1 138 ? -4.938  9.117   -6.707  1.00 19.61  ? 138 ARG A O   1 
ATOM   1021 C  CB  . ARG A 1 138 ? -2.457  7.428   -7.284  1.00 14.06  ? 138 ARG A CB  1 
ATOM   1022 C  CG  . ARG A 1 138 ? -0.983  7.232   -6.984  1.00 13.55  ? 138 ARG A CG  1 
ATOM   1023 C  CD  . ARG A 1 138 ? -0.273  7.097   -8.312  1.00 13.26  ? 138 ARG A CD  1 
ATOM   1024 N  NE  . ARG A 1 138 ? -0.579  5.826   -8.884  1.00 14.09  ? 138 ARG A NE  1 
ATOM   1025 C  CZ  . ARG A 1 138 ? 0.013   5.337   -9.976  1.00 14.39  ? 138 ARG A CZ  1 
ATOM   1026 N  NH1 . ARG A 1 138 ? 0.816   6.130   -10.687 1.00 15.30  ? 138 ARG A NH1 1 
ATOM   1027 N  NH2 . ARG A 1 138 ? -0.214  4.090   -10.338 1.00 14.73  ? 138 ARG A NH2 1 
ATOM   1028 N  N   . ASP A 1 139 ? -5.704  6.964   -6.491  1.00 16.08  ? 139 ASP A N   1 
ATOM   1029 C  CA  . ASP A 1 139 ? -7.141  7.238   -6.827  1.00 17.60  ? 139 ASP A CA  1 
ATOM   1030 C  C   . ASP A 1 139 ? -7.881  7.813   -5.608  1.00 21.89  ? 139 ASP A C   1 
ATOM   1031 O  O   . ASP A 1 139 ? -8.932  8.500   -5.792  1.00 24.59  ? 139 ASP A O   1 
ATOM   1032 C  CB  . ASP A 1 139 ? -7.831  5.978   -7.342  1.00 19.52  ? 139 ASP A CB  1 
ATOM   1033 C  CG  . ASP A 1 139 ? -7.981  4.850   -6.333  1.00 22.84  ? 139 ASP A CG  1 
ATOM   1034 O  OD1 . ASP A 1 139 ? -7.040  4.697   -5.538  1.00 21.36  ? 139 ASP A OD1 1 
ATOM   1035 O  OD2 . ASP A 1 139 ? -9.002  4.088   -6.377  1.00 23.69  ? 139 ASP A OD2 1 
ATOM   1036 N  N   . LEU A 1 140 ? -7.364  7.647   -4.396  1.00 19.96  ? 140 LEU A N   1 
ATOM   1037 C  CA  . LEU A 1 140 ? -8.064  8.126   -3.163  1.00 18.52  ? 140 LEU A CA  1 
ATOM   1038 C  C   . LEU A 1 140 ? -7.828  9.616   -3.017  1.00 18.21  ? 140 LEU A C   1 
ATOM   1039 O  O   . LEU A 1 140 ? -7.031  10.079  -2.190  1.00 18.69  ? 140 LEU A O   1 
ATOM   1040 C  CB  . LEU A 1 140 ? -7.503  7.324   -1.986  1.00 17.65  ? 140 LEU A CB  1 
ATOM   1041 C  CG  . LEU A 1 140 ? -7.606  5.817   -2.149  1.00 17.81  ? 140 LEU A CG  1 
ATOM   1042 C  CD1 . LEU A 1 140 ? -6.896  5.136   -0.972  1.00 20.09  ? 140 LEU A CD1 1 
ATOM   1043 C  CD2 . LEU A 1 140 ? -9.048  5.339   -2.270  1.00 19.86  ? 140 LEU A CD2 1 
ATOM   1044 N  N   . LEU A 1 141 ? -8.551  10.398  -3.832  1.00 18.91  ? 141 LEU A N   1 
ATOM   1045 C  CA  . LEU A 1 141 ? -8.306  11.846  -3.913  1.00 19.89  ? 141 LEU A CA  1 
ATOM   1046 C  C   . LEU A 1 141 ? -8.669  12.520  -2.585  1.00 20.23  ? 141 LEU A C   1 
ATOM   1047 O  O   . LEU A 1 141 ? -8.080  13.518  -2.251  1.00 22.55  ? 141 LEU A O   1 
ATOM   1048 C  CB  . LEU A 1 141 ? -9.138  12.458  -5.041  1.00 22.09  ? 141 LEU A CB  1 
ATOM   1049 C  CG  . LEU A 1 141 ? -8.984  11.888  -6.435  1.00 24.81  ? 141 LEU A CG  1 
ATOM   1050 C  CD1 . LEU A 1 141 ? -9.477  12.941  -7.424  1.00 26.36  ? 141 LEU A CD1 1 
ATOM   1051 C  CD2 . LEU A 1 141 ? -7.568  11.476  -6.778  1.00 23.88  ? 141 LEU A CD2 1 
ATOM   1052 N  N   . TRP A 1 142 ? -9.564  11.890  -1.821  1.00 20.63  ? 142 TRP A N   1 
ATOM   1053 C  CA  . TRP A 1 142 ? -10.063 12.466  -0.552  1.00 21.61  ? 142 TRP A CA  1 
ATOM   1054 C  C   . TRP A 1 142 ? -8.951  12.463  0.504   1.00 20.79  ? 142 TRP A C   1 
ATOM   1055 O  O   . TRP A 1 142 ? -9.063  13.190  1.502   1.00 26.34  ? 142 TRP A O   1 
ATOM   1056 C  CB  . TRP A 1 142 ? -11.310 11.722  -0.099  1.00 21.17  ? 142 TRP A CB  1 
ATOM   1057 C  CG  . TRP A 1 142 ? -11.149 10.245  0.045   1.00 21.49  ? 142 TRP A CG  1 
ATOM   1058 C  CD1 . TRP A 1 142 ? -11.472 9.303   -0.873  1.00 19.37  ? 142 TRP A CD1 1 
ATOM   1059 C  CD2 . TRP A 1 142 ? -10.582 9.533   1.166   1.00 20.43  ? 142 TRP A CD2 1 
ATOM   1060 N  NE1 . TRP A 1 142 ? -11.176 8.056   -0.406  1.00 22.00  ? 142 TRP A NE1 1 
ATOM   1061 C  CE2 . TRP A 1 142 ? -10.691 8.170   0.868   1.00 21.47  ? 142 TRP A CE2 1 
ATOM   1062 C  CE3 . TRP A 1 142 ? -10.094 9.932   2.414   1.00 21.17  ? 142 TRP A CE3 1 
ATOM   1063 C  CZ2 . TRP A 1 142 ? -10.255 7.189   1.746   1.00 21.73  ? 142 TRP A CZ2 1 
ATOM   1064 C  CZ3 . TRP A 1 142 ? -9.710  8.958   3.309   1.00 21.46  ? 142 TRP A CZ3 1 
ATOM   1065 C  CH2 . TRP A 1 142 ? -9.767  7.617   2.962   1.00 20.71  ? 142 TRP A CH2 1 
ATOM   1066 N  N   . LEU A 1 143 ? -7.883  11.687  0.350   1.00 20.83  ? 143 LEU A N   1 
ATOM   1067 C  CA  . LEU A 1 143 ? -6.756  11.739  1.331   1.00 23.10  ? 143 LEU A CA  1 
ATOM   1068 C  C   . LEU A 1 143 ? -6.150  13.151  1.417   1.00 27.24  ? 143 LEU A C   1 
ATOM   1069 O  O   . LEU A 1 143 ? -5.579  13.439  2.487   1.00 28.86  ? 143 LEU A O   1 
ATOM   1070 C  CB  . LEU A 1 143 ? -5.662  10.734  0.950   1.00 22.05  ? 143 LEU A CB  1 
ATOM   1071 C  CG  . LEU A 1 143 ? -6.000  9.260   1.129   1.00 20.50  ? 143 LEU A CG  1 
ATOM   1072 C  CD1 . LEU A 1 143 ? -4.880  8.394   0.608   1.00 22.36  ? 143 LEU A CD1 1 
ATOM   1073 C  CD2 . LEU A 1 143 ? -6.269  8.925   2.592   1.00 21.01  ? 143 LEU A CD2 1 
ATOM   1074 N  N   . ASP A 1 144 ? -6.268  13.954  0.335   1.00 30.88  ? 144 ASP A N   1 
ATOM   1075 C  CA  . ASP A 1 144 ? -5.633  15.285  0.102   1.00 38.58  ? 144 ASP A CA  1 
ATOM   1076 C  C   . ASP A 1 144 ? -6.375  16.466  0.734   1.00 47.59  ? 144 ASP A C   1 
ATOM   1077 O  O   . ASP A 1 144 ? -5.832  17.574  0.607   1.00 52.43  ? 144 ASP A O   1 
ATOM   1078 C  CB  . ASP A 1 144 ? -5.648  15.678  -1.378  1.00 39.24  ? 144 ASP A CB  1 
ATOM   1079 C  CG  . ASP A 1 144 ? -4.629  14.965  -2.242  1.00 41.44  ? 144 ASP A CG  1 
ATOM   1080 O  OD1 . ASP A 1 144 ? -3.605  14.537  -1.680  1.00 39.67  ? 144 ASP A OD1 1 
ATOM   1081 O  OD2 . ASP A 1 144 ? -4.883  14.848  -3.497  1.00 43.11  ? 144 ASP A OD2 1 
ATOM   1082 N  N   . GLU A 1 145 ? -7.579  16.296  1.298   1.00 55.66  ? 145 GLU A N   1 
ATOM   1083 C  CA  . GLU A 1 145 ? -8.258  17.394  2.054   1.00 66.40  ? 145 GLU A CA  1 
ATOM   1084 C  C   . GLU A 1 145 ? -8.998  16.849  3.279   1.00 70.82  ? 145 GLU A C   1 
ATOM   1085 O  O   . GLU A 1 145 ? -9.344  15.650  3.282   1.00 72.28  ? 145 GLU A O   1 
ATOM   1086 C  CB  . GLU A 1 145 ? -9.240  18.184  1.186   1.00 67.97  ? 145 GLU A CB  1 
ATOM   1087 C  CG  . GLU A 1 145 ? -10.307 17.326  0.530   1.00 71.02  ? 145 GLU A CG  1 
ATOM   1088 C  CD  . GLU A 1 145 ? -10.161 17.185  -0.974  1.00 75.53  ? 145 GLU A CD  1 
ATOM   1089 O  OE1 . GLU A 1 145 ? -10.868 16.330  -1.556  1.00 70.41  ? 145 GLU A OE1 1 
ATOM   1090 O  OE2 . GLU A 1 145 ? -9.361  17.949  -1.562  1.00 78.08  ? 145 GLU A OE2 1 
ATOM   1091 N  N   . GLU A 1 146 ? -9.233  17.736  4.256   1.00 81.23  ? 146 GLU A N   1 
ATOM   1092 C  CA  . GLU A 1 146 ? -9.915  17.490  5.558   1.00 86.55  ? 146 GLU A CA  1 
ATOM   1093 C  C   . GLU A 1 146 ? -9.898  15.988  5.895   1.00 92.16  ? 146 GLU A C   1 
ATOM   1094 O  O   . GLU A 1 146 ? -9.185  15.488  6.780   1.00 88.96  ? 146 GLU A O   1 
ATOM   1095 C  CB  . GLU A 1 146 ? -11.328 18.079  5.500   1.00 85.16  ? 146 GLU A CB  1 
ATOM   1096 C  CG  . GLU A 1 146 ? -12.281 17.315  4.590   1.00 81.53  ? 146 GLU A CG  1 
ATOM   1097 C  CD  . GLU A 1 146 ? -13.118 16.258  5.294   1.00 81.56  ? 146 GLU A CD  1 
ATOM   1098 O  OE1 . GLU A 1 146 ? -12.619 15.649  6.261   1.00 77.77  ? 146 GLU A OE1 1 
ATOM   1099 O  OE2 . GLU A 1 146 ? -14.273 16.048  4.880   1.00 78.42  ? 146 GLU A OE2 1 
HETATM 1100 N  N1  . K4R B 2 .   ? 12.327  5.599   2.570   0.80 39.03  ? 201 K4R A N1  1 
HETATM 1101 N  N3  . K4R B 2 .   ? 12.339  9.255   -0.340  0.80 50.30  ? 201 K4R A N3  1 
HETATM 1102 C  C4  . K4R B 2 .   ? 10.874  11.119  0.488   0.80 51.47  ? 201 K4R A C4  1 
HETATM 1103 C  C5  . K4R B 2 .   ? 10.073  11.491  1.559   0.80 52.10  ? 201 K4R A C5  1 
HETATM 1104 C  C6  . K4R B 2 .   ? 9.940   10.662  2.668   0.80 52.34  ? 201 K4R A C6  1 
HETATM 1105 C  C7  . K4R B 2 .   ? 10.597  9.438   2.724   0.80 51.28  ? 201 K4R A C7  1 
HETATM 1106 C  C8  . K4R B 2 .   ? 11.391  9.032   1.653   0.80 50.88  ? 201 K4R A C8  1 
HETATM 1107 C  C1  . K4R B 2 .   ? 12.275  6.602   2.014   0.80 47.78  ? 201 K4R A C1  1 
HETATM 1108 C  C2  . K4R B 2 .   ? 12.157  7.867   1.310   0.80 48.34  ? 201 K4R A C2  1 
HETATM 1109 C  C3  . K4R B 2 .   ? 11.527  9.892   0.548   0.80 50.50  ? 201 K4R A C3  1 
HETATM 1110 N  N2  . K4R B 2 .   ? 12.733  8.019   0.114   0.80 49.15  ? 201 K4R A N2  1 
HETATM 1111 ZN ZN  . ZN  C 3 .   ? 4.140   9.805   -10.608 1.00 18.02  ? 202 ZN  A ZN  1 
HETATM 1112 S  S   . DMS D 4 .   ? -14.773 -4.230  -0.919  1.00 60.07  ? 203 DMS A S   1 
HETATM 1113 O  O   . DMS D 4 .   ? -13.949 -5.349  -0.342  1.00 47.14  ? 203 DMS A O   1 
HETATM 1114 C  C1  . DMS D 4 .   ? -15.288 -4.761  -2.537  1.00 56.30  ? 203 DMS A C1  1 
HETATM 1115 C  C2  . DMS D 4 .   ? -16.357 -4.339  -0.110  1.00 58.91  ? 203 DMS A C2  1 
HETATM 1116 S  S   . DMS E 4 .   ? 15.054  -8.232  -10.118 1.00 65.34  ? 204 DMS A S   1 
HETATM 1117 O  O   . DMS E 4 .   ? 13.991  -8.833  -9.254  1.00 44.13  ? 204 DMS A O   1 
HETATM 1118 C  C1  . DMS E 4 .   ? 16.200  -7.432  -9.023  1.00 61.19  ? 204 DMS A C1  1 
HETATM 1119 C  C2  . DMS E 4 .   ? 16.100  -9.600  -10.567 1.00 62.07  ? 204 DMS A C2  1 
HETATM 1120 S  S   . DMS F 4 .   ? 7.528   14.810  -2.547  0.80 47.90  ? 205 DMS A S   1 
HETATM 1121 O  O   . DMS F 4 .   ? 7.610   15.816  -1.429  0.80 47.23  ? 205 DMS A O   1 
HETATM 1122 C  C1  . DMS F 4 .   ? 6.041   15.172  -3.449  0.80 45.60  ? 205 DMS A C1  1 
HETATM 1123 C  C2  . DMS F 4 .   ? 7.005   13.290  -1.809  0.80 45.09  ? 205 DMS A C2  1 
HETATM 1124 S  S   . SO4 G 5 .   ? -10.312 -17.716 -10.140 1.00 130.45 ? 206 SO4 A S   1 
HETATM 1125 O  O1  . SO4 G 5 .   ? -10.787 -17.395 -11.463 1.00 124.83 ? 206 SO4 A O1  1 
HETATM 1126 O  O2  . SO4 G 5 .   ? -11.327 -17.390 -9.174  1.00 124.59 ? 206 SO4 A O2  1 
HETATM 1127 O  O3  . SO4 G 5 .   ? -9.119  -16.959 -9.861  1.00 129.22 ? 206 SO4 A O3  1 
HETATM 1128 O  O4  . SO4 G 5 .   ? -10.014 -19.119 -10.056 1.00 115.82 ? 206 SO4 A O4  1 
HETATM 1129 O  O   . HOH H 6 .   ? 4.197   3.908   10.967  0.74 31.52  ? 301 HOH A O   1 
HETATM 1130 O  O   . HOH H 6 .   ? -6.044  -5.877  11.386  1.00 33.48  ? 302 HOH A O   1 
HETATM 1131 O  O   . HOH H 6 .   ? -3.116  -2.881  -15.668 1.00 37.05  ? 303 HOH A O   1 
HETATM 1132 O  O   . HOH H 6 .   ? 8.452   7.903   -12.169 1.00 27.65  ? 304 HOH A O   1 
HETATM 1133 O  O   . HOH H 6 .   ? 2.229   -9.042  5.941   1.00 29.35  ? 305 HOH A O   1 
HETATM 1134 O  O   . HOH H 6 .   ? 6.876   10.958  2.159   0.80 31.21  ? 306 HOH A O   1 
HETATM 1135 O  O   . HOH H 6 .   ? -1.338  11.585  9.120   1.00 24.02  ? 307 HOH A O   1 
HETATM 1136 O  O   . HOH H 6 .   ? 0.864   -1.539  6.740   1.00 16.25  ? 308 HOH A O   1 
HETATM 1137 O  O   . HOH H 6 .   ? -15.294 7.963   6.945   1.00 35.62  ? 309 HOH A O   1 
HETATM 1138 O  O   . HOH H 6 .   ? -4.731  6.391   13.416  1.00 34.37  ? 310 HOH A O   1 
HETATM 1139 O  O   . HOH H 6 .   ? -16.370 -0.750  7.095   1.00 27.09  ? 311 HOH A O   1 
HETATM 1140 O  O   . HOH H 6 .   ? -14.662 2.030   14.421  1.00 31.39  ? 312 HOH A O   1 
HETATM 1141 O  O   . HOH H 6 .   ? -1.847  -4.782  -12.162 1.00 27.68  ? 313 HOH A O   1 
HETATM 1142 O  O   . HOH H 6 .   ? 5.668   15.546  1.670   0.80 31.31  ? 314 HOH A O   1 
HETATM 1143 O  O   . HOH H 6 .   ? 5.265   7.371   5.985   1.00 27.33  ? 315 HOH A O   1 
HETATM 1144 O  O   . HOH H 6 .   ? 1.004   10.926  -15.184 1.00 26.62  ? 316 HOH A O   1 
HETATM 1145 O  O   . HOH H 6 .   ? 0.390   3.256   -12.929 1.00 25.81  ? 317 HOH A O   1 
HETATM 1146 O  O   . HOH H 6 .   ? -1.170  14.600  -0.633  1.00 32.54  ? 318 HOH A O   1 
HETATM 1147 O  O   . HOH H 6 .   ? 19.729  -6.465  -3.477  1.00 35.87  ? 319 HOH A O   1 
HETATM 1148 O  O   . HOH H 6 .   ? -6.302  2.551   -8.251  1.00 21.44  ? 320 HOH A O   1 
HETATM 1149 O  O   . HOH H 6 .   ? 8.897   -4.929  -13.046 1.00 13.19  ? 321 HOH A O   1 
HETATM 1150 O  O   . HOH H 6 .   ? 13.324  -1.784  7.660   1.00 30.38  ? 322 HOH A O   1 
HETATM 1151 O  O   . HOH H 6 .   ? 7.771   -11.744 6.495   1.00 26.21  ? 323 HOH A O   1 
HETATM 1152 O  O   . HOH H 6 .   ? 12.065  -11.457 -9.057  1.00 25.29  ? 324 HOH A O   1 
HETATM 1153 O  O   . HOH H 6 .   ? 8.782   -11.499 -4.326  1.00 24.53  ? 325 HOH A O   1 
HETATM 1154 O  O   . HOH H 6 .   ? -0.245  11.171  -17.478 1.00 37.51  ? 326 HOH A O   1 
HETATM 1155 O  O   . HOH H 6 .   ? -4.638  -3.241  -3.572  1.00 17.23  ? 327 HOH A O   1 
HETATM 1156 O  O   . HOH H 6 .   ? 0.768   14.593  -8.607  1.00 28.47  ? 328 HOH A O   1 
HETATM 1157 O  O   . HOH H 6 .   ? -7.695  -7.294  6.135   1.00 22.71  ? 329 HOH A O   1 
HETATM 1158 O  O   . HOH H 6 .   ? -5.720  16.177  -5.716  1.00 32.71  ? 330 HOH A O   1 
HETATM 1159 O  O   . HOH H 6 .   ? 12.620  -5.470  -11.602 1.00 22.58  ? 331 HOH A O   1 
HETATM 1160 O  O   . HOH H 6 .   ? -1.807  11.345  15.624  1.00 50.21  ? 332 HOH A O   1 
HETATM 1161 O  O   . HOH H 6 .   ? 12.416  -12.537 -4.797  1.00 37.28  ? 333 HOH A O   1 
HETATM 1162 O  O   . HOH H 6 .   ? 15.931  -11.195 4.670   1.00 21.55  ? 334 HOH A O   1 
HETATM 1163 O  O   . HOH H 6 .   ? -5.201  -12.797 -11.943 1.00 40.40  ? 335 HOH A O   1 
HETATM 1164 O  O   . HOH H 6 .   ? -2.784  6.168   -11.841 1.00 19.84  ? 336 HOH A O   1 
HETATM 1165 O  O   . HOH H 6 .   ? -0.237  -1.319  -16.967 1.00 29.69  ? 337 HOH A O   1 
HETATM 1166 O  O   . HOH H 6 .   ? 14.799  -3.498  -9.120  1.00 23.61  ? 338 HOH A O   1 
HETATM 1167 O  O   . HOH H 6 .   ? 14.275  -13.446 4.208   1.00 27.12  ? 339 HOH A O   1 
HETATM 1168 O  O   . HOH H 6 .   ? -4.385  5.223   -9.818  1.00 18.09  ? 340 HOH A O   1 
HETATM 1169 O  O   . HOH H 6 .   ? -5.354  -0.315  -3.409  1.00 15.24  ? 341 HOH A O   1 
HETATM 1170 O  O   . HOH H 6 .   ? -14.259 -3.926  2.910   1.00 20.84  ? 342 HOH A O   1 
HETATM 1171 O  O   . HOH H 6 .   ? -8.354  3.826   20.006  0.50 52.09  ? 343 HOH A O   1 
HETATM 1172 O  O   . HOH H 6 .   ? 9.119   -3.169  2.832   1.00 12.85  ? 344 HOH A O   1 
HETATM 1173 O  O   . HOH H 6 .   ? 0.033   -1.412  11.274  1.00 51.20  ? 345 HOH A O   1 
HETATM 1174 O  O   . HOH H 6 .   ? 5.027   -6.391  9.179   1.00 31.00  ? 346 HOH A O   1 
HETATM 1175 O  O   . HOH H 6 .   ? 8.766   -1.547  5.327   1.00 17.93  ? 347 HOH A O   1 
HETATM 1176 O  O   . HOH H 6 .   ? 4.517   -9.411  0.785   1.00 33.52  ? 348 HOH A O   1 
HETATM 1177 O  O   . HOH H 6 .   ? 2.188   -10.953 -5.777  1.00 40.45  ? 349 HOH A O   1 
HETATM 1178 O  O   . HOH H 6 .   ? 16.699  -10.025 -3.663  1.00 40.35  ? 350 HOH A O   1 
HETATM 1179 O  O   . HOH H 6 .   ? -1.843  1.957   15.840  1.00 35.18  ? 351 HOH A O   1 
HETATM 1180 O  O   . HOH H 6 .   ? 12.938  -5.295  -7.935  1.00 20.79  ? 352 HOH A O   1 
HETATM 1181 O  O   . HOH H 6 .   ? 0.266   14.141  -13.023 1.00 33.48  ? 353 HOH A O   1 
HETATM 1182 O  O   . HOH H 6 .   ? 2.162   0.674   10.701  0.74 25.23  ? 354 HOH A O   1 
HETATM 1183 O  O   . HOH H 6 .   ? -9.217  12.205  9.955   1.00 35.21  ? 355 HOH A O   1 
HETATM 1184 O  O   . HOH H 6 .   ? -8.666  -2.927  -9.923  1.00 25.93  ? 356 HOH A O   1 
HETATM 1185 O  O   . HOH H 6 .   ? -8.715  -5.190  -13.688 1.00 34.26  ? 357 HOH A O   1 
HETATM 1186 O  O   . HOH H 6 .   ? 8.619   2.687   3.266   1.00 21.07  ? 358 HOH A O   1 
HETATM 1187 O  O   . HOH H 6 .   ? -2.596  -8.781  0.342   1.00 26.95  ? 359 HOH A O   1 
HETATM 1188 O  O   . HOH H 6 .   ? -11.111 -1.490  17.562  1.00 32.31  ? 360 HOH A O   1 
HETATM 1189 O  O   . HOH H 6 .   ? 14.890  -13.930 1.130   1.00 24.83  ? 361 HOH A O   1 
HETATM 1190 O  O   . HOH H 6 .   ? -3.971  -0.513  18.783  1.00 30.66  ? 362 HOH A O   1 
HETATM 1191 O  O   . HOH H 6 .   ? -12.499 -9.387  -4.488  1.00 40.88  ? 363 HOH A O   1 
HETATM 1192 O  O   . HOH H 6 .   ? 12.664  6.183   -2.189  1.00 23.18  ? 364 HOH A O   1 
HETATM 1193 O  O   . HOH H 6 .   ? 6.120   6.141   -15.888 1.00 28.76  ? 365 HOH A O   1 
HETATM 1194 O  O   . HOH H 6 .   ? 11.221  -3.533  -12.648 1.00 22.16  ? 366 HOH A O   1 
HETATM 1195 O  O   . HOH H 6 .   ? 13.720  -6.427  -5.642  1.00 21.58  ? 367 HOH A O   1 
HETATM 1196 O  O   . HOH H 6 .   ? -12.712 5.899   -1.775  1.00 30.10  ? 368 HOH A O   1 
HETATM 1197 O  O   . HOH H 6 .   ? -15.065 -0.616  0.693   1.00 33.00  ? 369 HOH A O   1 
HETATM 1198 O  O   . HOH H 6 .   ? -9.997  6.669   19.572  1.00 43.93  ? 370 HOH A O   1 
HETATM 1199 O  O   . HOH H 6 .   ? 1.451   5.561   14.203  1.00 38.39  ? 371 HOH A O   1 
HETATM 1200 O  O   . HOH H 6 .   ? -14.796 4.647   13.292  1.00 34.60  ? 372 HOH A O   1 
HETATM 1201 O  O   . HOH H 6 .   ? 5.795   3.683   8.470   0.74 24.51  ? 373 HOH A O   1 
HETATM 1202 O  O   . HOH H 6 .   ? -12.136 1.242   -3.838  1.00 30.84  ? 374 HOH A O   1 
HETATM 1203 O  O   . HOH H 6 .   ? -15.208 1.808   4.620   1.00 25.65  ? 375 HOH A O   1 
HETATM 1204 O  O   . HOH H 6 .   ? 2.040   -1.746  9.316   1.00 22.41  ? 376 HOH A O   1 
HETATM 1205 O  O   . HOH H 6 .   ? 10.584  4.278   -1.558  0.80 22.45  ? 377 HOH A O   1 
HETATM 1206 O  O   . HOH H 6 .   ? 1.037   -11.995 -0.964  1.00 33.64  ? 378 HOH A O   1 
HETATM 1207 O  O   . HOH H 6 .   ? 9.165   -14.034 -1.404  1.00 42.90  ? 379 HOH A O   1 
HETATM 1208 O  O   . HOH H 6 .   ? -5.560  1.728   -13.769 1.00 41.01  ? 380 HOH A O   1 
HETATM 1209 O  O   . HOH H 6 .   ? -1.519  -12.975 10.098  0.50 27.25  ? 381 HOH A O   1 
HETATM 1210 O  O   . HOH H 6 .   ? 7.213   1.052   -16.790 1.00 37.60  ? 382 HOH A O   1 
HETATM 1211 O  O   . HOH H 6 .   ? -12.507 8.382   12.705  1.00 42.67  ? 383 HOH A O   1 
HETATM 1212 O  O   . HOH H 6 .   ? 0.057   11.622  11.474  1.00 26.62  ? 384 HOH A O   1 
HETATM 1213 O  O   . HOH H 6 .   ? -11.723 9.621   -4.811  1.00 27.29  ? 385 HOH A O   1 
HETATM 1214 O  O   . HOH H 6 .   ? 6.288   12.978  1.010   0.80 33.59  ? 386 HOH A O   1 
HETATM 1215 O  O   . HOH H 6 .   ? 9.978   4.403   0.668   0.80 27.07  ? 387 HOH A O   1 
HETATM 1216 O  O   . HOH H 6 .   ? 11.218  7.839   -7.082  0.80 25.01  ? 388 HOH A O   1 
HETATM 1217 O  O   . HOH H 6 .   ? 6.882   16.232  -9.541  1.00 44.47  ? 389 HOH A O   1 
HETATM 1218 O  O   . HOH H 6 .   ? -8.258  -0.969  -10.577 1.00 36.92  ? 390 HOH A O   1 
HETATM 1219 O  O   . HOH H 6 .   ? 13.589  -11.064 -6.611  1.00 30.15  ? 391 HOH A O   1 
HETATM 1220 O  O   . HOH H 6 .   ? -11.974 7.461   -3.788  1.00 35.34  ? 392 HOH A O   1 
HETATM 1221 O  O   . HOH H 6 .   ? 3.568   10.237  -15.168 1.00 29.00  ? 393 HOH A O   1 
HETATM 1222 O  O   . HOH H 6 .   ? -10.118 -7.997  9.754   0.80 24.89  ? 394 HOH A O   1 
HETATM 1223 O  O   . HOH H 6 .   ? 9.027   -15.210 4.241   1.00 34.85  ? 395 HOH A O   1 
HETATM 1224 O  O   . HOH H 6 .   ? 15.657  -8.114  -5.810  1.00 36.42  ? 396 HOH A O   1 
HETATM 1225 O  O   . HOH H 6 .   ? 3.550   -9.352  8.641   1.00 36.09  ? 397 HOH A O   1 
HETATM 1226 O  O   . HOH H 6 .   ? -2.077  4.435   -13.717 1.00 28.55  ? 398 HOH A O   1 
HETATM 1227 O  O   . HOH H 6 .   ? 0.015   -11.078 8.899   1.00 33.20  ? 399 HOH A O   1 
HETATM 1228 O  O   . HOH H 6 .   ? -1.962  1.346   18.534  1.00 38.56  ? 400 HOH A O   1 
HETATM 1229 O  O   . HOH H 6 .   ? 7.414   16.216  -11.490 1.00 48.22  ? 401 HOH A O   1 
HETATM 1230 O  O   . HOH H 6 .   ? 20.956  -7.554  -0.838  1.00 41.14  ? 402 HOH A O   1 
HETATM 1231 O  O   . HOH H 6 .   ? -13.663 8.581   2.996   1.00 35.86  ? 403 HOH A O   1 
HETATM 1232 O  O   . HOH H 6 .   ? -16.490 1.195   13.110  1.00 35.73  ? 404 HOH A O   1 
HETATM 1233 O  O   . HOH H 6 .   ? 5.026   8.766   11.419  1.00 39.83  ? 405 HOH A O   1 
HETATM 1234 O  O   . HOH H 6 .   ? -4.285  3.779   -13.838 1.00 37.67  ? 406 HOH A O   1 
HETATM 1235 O  O   . HOH H 6 .   ? 8.301   2.196   8.781   0.74 32.66  ? 407 HOH A O   1 
# 
